data_3ZYD
# 
_entry.id   3ZYD 
# 
_audit_conform.dict_name       mmcif_pdbx.dic 
_audit_conform.dict_version    5.383 
_audit_conform.dict_location   http://mmcif.pdb.org/dictionaries/ascii/mmcif_pdbx.dic 
# 
loop_
_database_2.database_id 
_database_2.database_code 
_database_2.pdbx_database_accession 
_database_2.pdbx_DOI 
PDB   3ZYD         pdb_00003zyd 10.2210/pdb3zyd/pdb 
PDBE  EBI-49395    ?            ?                   
WWPDB D_1290049395 ?            ?                   
# 
_pdbx_database_related.db_name        PDB 
_pdbx_database_related.db_id          3ZYE 
_pdbx_database_related.content_type   unspecified 
_pdbx_database_related.details        'CRYSTAL STRUCTURE OF 3C PROTEASE MUTANT (T68A) OF COXSACKIEVIRUS B3' 
# 
_pdbx_database_status.status_code                     REL 
_pdbx_database_status.entry_id                        3ZYD 
_pdbx_database_status.deposit_site                    PDBE 
_pdbx_database_status.process_site                    PDBE 
_pdbx_database_status.SG_entry                        . 
_pdbx_database_status.recvd_initial_deposition_date   2011-08-22 
_pdbx_database_status.pdb_format_compatible           Y 
_pdbx_database_status.status_code_sf                  REL 
_pdbx_database_status.status_code_mr                  ? 
_pdbx_database_status.status_code_cs                  ? 
_pdbx_database_status.methods_development_category    ? 
_pdbx_database_status.status_code_nmr_data            ? 
# 
loop_
_audit_author.name 
_audit_author.pdbx_ordinal 
'Tan, J.'        1 
'Anand, K.'      2 
'Mesters, J.R.'  3 
'Hilgenfeld, R.' 4 
# 
_citation.id                        primary 
_citation.title                     
;Peptidic Ab-Nonsaturated Ethyl Esters as Inhibitors of the 3C Protease of Coxsackie Virus B3: Crystal Structures, Antiviral Activities, and Resistance Mutations
;
_citation.journal_abbrev            'To be Published' 
_citation.journal_volume            ? 
_citation.page_first                ? 
_citation.page_last                 ? 
_citation.year                      ? 
_citation.journal_id_ASTM           ? 
_citation.country                   ? 
_citation.journal_id_ISSN           ? 
_citation.journal_id_CSD            0353 
_citation.book_publisher            ? 
_citation.pdbx_database_id_PubMed   ? 
_citation.pdbx_database_id_DOI      ? 
# 
loop_
_citation_author.citation_id 
_citation_author.name 
_citation_author.ordinal 
_citation_author.identifier_ORCID 
primary 'Tan, J.'        1 ? 
primary 'Anand, K.'      2 ? 
primary 'Mesters, J.R.'  3 ? 
primary 'Hilgenfeld, R.' 4 ? 
# 
_cell.entry_id           3ZYD 
_cell.length_a           76.850 
_cell.length_b           64.380 
_cell.length_c           39.360 
_cell.angle_alpha        90.00 
_cell.angle_beta         116.41 
_cell.angle_gamma        90.00 
_cell.Z_PDB              4 
_cell.pdbx_unique_axis   ? 
# 
_symmetry.entry_id                         3ZYD 
_symmetry.space_group_name_H-M             'C 1 2 1' 
_symmetry.pdbx_full_space_group_name_H-M   ? 
_symmetry.cell_setting                     ? 
_symmetry.Int_Tables_number                5 
# 
loop_
_entity.id 
_entity.type 
_entity.src_method 
_entity.pdbx_description 
_entity.formula_weight 
_entity.pdbx_number_of_molecules 
_entity.pdbx_ec 
_entity.pdbx_mutation 
_entity.pdbx_fragment 
_entity.details 
1 polymer     man '3C PROTEINASE' 20429.488 1  3.4.22.28 ? ? ? 
2 non-polymer syn GLYCEROL        92.094    1  ?         ? ? ? 
3 water       nat water           18.015    76 ?         ? ? ? 
# 
_entity_poly.entity_id                      1 
_entity_poly.type                           'polypeptide(L)' 
_entity_poly.nstd_linkage                   no 
_entity_poly.nstd_monomer                   no 
_entity_poly.pdbx_seq_one_letter_code       
;MGPAFEFAVAMMKRNSSTVKTEYGEFTMLGIYDRWAVLPRHAKPGPTILMNDQEVGVLDAKELVDKDGTNLELTLLKLNR
NEKFRDIRGFLAKEEVEVNEAVLAINTSKFPNMYIPVGQVTEYGFLNLGGTPTKRMLMYNFPTRAGQCGGVLMSTGKVLG
IHVGGNGHQGFSAALLKHYFNDEQ
;
_entity_poly.pdbx_seq_one_letter_code_can   
;MGPAFEFAVAMMKRNSSTVKTEYGEFTMLGIYDRWAVLPRHAKPGPTILMNDQEVGVLDAKELVDKDGTNLELTLLKLNR
NEKFRDIRGFLAKEEVEVNEAVLAINTSKFPNMYIPVGQVTEYGFLNLGGTPTKRMLMYNFPTRAGQCGGVLMSTGKVLG
IHVGGNGHQGFSAALLKHYFNDEQ
;
_entity_poly.pdbx_strand_id                 A 
_entity_poly.pdbx_target_identifier         ? 
# 
loop_
_entity_poly_seq.entity_id 
_entity_poly_seq.num 
_entity_poly_seq.mon_id 
_entity_poly_seq.hetero 
1 1   MET n 
1 2   GLY n 
1 3   PRO n 
1 4   ALA n 
1 5   PHE n 
1 6   GLU n 
1 7   PHE n 
1 8   ALA n 
1 9   VAL n 
1 10  ALA n 
1 11  MET n 
1 12  MET n 
1 13  LYS n 
1 14  ARG n 
1 15  ASN n 
1 16  SER n 
1 17  SER n 
1 18  THR n 
1 19  VAL n 
1 20  LYS n 
1 21  THR n 
1 22  GLU n 
1 23  TYR n 
1 24  GLY n 
1 25  GLU n 
1 26  PHE n 
1 27  THR n 
1 28  MET n 
1 29  LEU n 
1 30  GLY n 
1 31  ILE n 
1 32  TYR n 
1 33  ASP n 
1 34  ARG n 
1 35  TRP n 
1 36  ALA n 
1 37  VAL n 
1 38  LEU n 
1 39  PRO n 
1 40  ARG n 
1 41  HIS n 
1 42  ALA n 
1 43  LYS n 
1 44  PRO n 
1 45  GLY n 
1 46  PRO n 
1 47  THR n 
1 48  ILE n 
1 49  LEU n 
1 50  MET n 
1 51  ASN n 
1 52  ASP n 
1 53  GLN n 
1 54  GLU n 
1 55  VAL n 
1 56  GLY n 
1 57  VAL n 
1 58  LEU n 
1 59  ASP n 
1 60  ALA n 
1 61  LYS n 
1 62  GLU n 
1 63  LEU n 
1 64  VAL n 
1 65  ASP n 
1 66  LYS n 
1 67  ASP n 
1 68  GLY n 
1 69  THR n 
1 70  ASN n 
1 71  LEU n 
1 72  GLU n 
1 73  LEU n 
1 74  THR n 
1 75  LEU n 
1 76  LEU n 
1 77  LYS n 
1 78  LEU n 
1 79  ASN n 
1 80  ARG n 
1 81  ASN n 
1 82  GLU n 
1 83  LYS n 
1 84  PHE n 
1 85  ARG n 
1 86  ASP n 
1 87  ILE n 
1 88  ARG n 
1 89  GLY n 
1 90  PHE n 
1 91  LEU n 
1 92  ALA n 
1 93  LYS n 
1 94  GLU n 
1 95  GLU n 
1 96  VAL n 
1 97  GLU n 
1 98  VAL n 
1 99  ASN n 
1 100 GLU n 
1 101 ALA n 
1 102 VAL n 
1 103 LEU n 
1 104 ALA n 
1 105 ILE n 
1 106 ASN n 
1 107 THR n 
1 108 SER n 
1 109 LYS n 
1 110 PHE n 
1 111 PRO n 
1 112 ASN n 
1 113 MET n 
1 114 TYR n 
1 115 ILE n 
1 116 PRO n 
1 117 VAL n 
1 118 GLY n 
1 119 GLN n 
1 120 VAL n 
1 121 THR n 
1 122 GLU n 
1 123 TYR n 
1 124 GLY n 
1 125 PHE n 
1 126 LEU n 
1 127 ASN n 
1 128 LEU n 
1 129 GLY n 
1 130 GLY n 
1 131 THR n 
1 132 PRO n 
1 133 THR n 
1 134 LYS n 
1 135 ARG n 
1 136 MET n 
1 137 LEU n 
1 138 MET n 
1 139 TYR n 
1 140 ASN n 
1 141 PHE n 
1 142 PRO n 
1 143 THR n 
1 144 ARG n 
1 145 ALA n 
1 146 GLY n 
1 147 GLN n 
1 148 CYS n 
1 149 GLY n 
1 150 GLY n 
1 151 VAL n 
1 152 LEU n 
1 153 MET n 
1 154 SER n 
1 155 THR n 
1 156 GLY n 
1 157 LYS n 
1 158 VAL n 
1 159 LEU n 
1 160 GLY n 
1 161 ILE n 
1 162 HIS n 
1 163 VAL n 
1 164 GLY n 
1 165 GLY n 
1 166 ASN n 
1 167 GLY n 
1 168 HIS n 
1 169 GLN n 
1 170 GLY n 
1 171 PHE n 
1 172 SER n 
1 173 ALA n 
1 174 ALA n 
1 175 LEU n 
1 176 LEU n 
1 177 LYS n 
1 178 HIS n 
1 179 TYR n 
1 180 PHE n 
1 181 ASN n 
1 182 ASP n 
1 183 GLU n 
1 184 GLN n 
# 
_entity_src_gen.entity_id                          1 
_entity_src_gen.pdbx_src_id                        1 
_entity_src_gen.pdbx_alt_source_flag               sample 
_entity_src_gen.pdbx_seq_type                      ? 
_entity_src_gen.pdbx_beg_seq_num                   ? 
_entity_src_gen.pdbx_end_seq_num                   ? 
_entity_src_gen.gene_src_common_name               ? 
_entity_src_gen.gene_src_genus                     ? 
_entity_src_gen.pdbx_gene_src_gene                 ? 
_entity_src_gen.gene_src_species                   ? 
_entity_src_gen.gene_src_strain                    ? 
_entity_src_gen.gene_src_tissue                    ? 
_entity_src_gen.gene_src_tissue_fraction           ? 
_entity_src_gen.gene_src_details                   ? 
_entity_src_gen.pdbx_gene_src_fragment             ? 
_entity_src_gen.pdbx_gene_src_scientific_name      'HUMAN COXSACKIEVIRUS B3' 
_entity_src_gen.pdbx_gene_src_ncbi_taxonomy_id     12072 
_entity_src_gen.pdbx_gene_src_variant              ? 
_entity_src_gen.pdbx_gene_src_cell_line            ? 
_entity_src_gen.pdbx_gene_src_atcc                 ? 
_entity_src_gen.pdbx_gene_src_organ                ? 
_entity_src_gen.pdbx_gene_src_organelle            ? 
_entity_src_gen.pdbx_gene_src_cell                 ? 
_entity_src_gen.pdbx_gene_src_cellular_location    ? 
_entity_src_gen.host_org_common_name               ? 
_entity_src_gen.pdbx_host_org_scientific_name      'ESCHERICHIA COLI' 
_entity_src_gen.pdbx_host_org_ncbi_taxonomy_id     469008 
_entity_src_gen.host_org_genus                     ? 
_entity_src_gen.pdbx_host_org_gene                 ? 
_entity_src_gen.pdbx_host_org_organ                ? 
_entity_src_gen.host_org_species                   ? 
_entity_src_gen.pdbx_host_org_tissue               ? 
_entity_src_gen.pdbx_host_org_tissue_fraction      ? 
_entity_src_gen.pdbx_host_org_strain               'BL21(DE3)' 
_entity_src_gen.pdbx_host_org_variant              GOLD 
_entity_src_gen.pdbx_host_org_cell_line            ? 
_entity_src_gen.pdbx_host_org_atcc                 ? 
_entity_src_gen.pdbx_host_org_culture_collection   ? 
_entity_src_gen.pdbx_host_org_cell                 ? 
_entity_src_gen.pdbx_host_org_organelle            ? 
_entity_src_gen.pdbx_host_org_cellular_location    ? 
_entity_src_gen.pdbx_host_org_vector_type          PLASMID 
_entity_src_gen.pdbx_host_org_vector               PET23A 
_entity_src_gen.host_org_details                   ? 
_entity_src_gen.expression_system_id               ? 
_entity_src_gen.plasmid_name                       PET23A-COX 
_entity_src_gen.plasmid_details                    ? 
_entity_src_gen.pdbx_description                   ? 
# 
_struct_ref.id                         1 
_struct_ref.db_name                    UNP 
_struct_ref.db_code                    Q90092_9ENTO 
_struct_ref.entity_id                  1 
_struct_ref.pdbx_seq_one_letter_code   ? 
_struct_ref.pdbx_align_begin           ? 
_struct_ref.pdbx_db_accession          Q90092 
_struct_ref.pdbx_db_isoform            ? 
# 
_struct_ref_seq.align_id                      1 
_struct_ref_seq.ref_id                        1 
_struct_ref_seq.pdbx_PDB_id_code              3ZYD 
_struct_ref_seq.pdbx_strand_id                A 
_struct_ref_seq.seq_align_beg                 2 
_struct_ref_seq.pdbx_seq_align_beg_ins_code   ? 
_struct_ref_seq.seq_align_end                 184 
_struct_ref_seq.pdbx_seq_align_end_ins_code   ? 
_struct_ref_seq.pdbx_db_accession             Q90092 
_struct_ref_seq.db_align_beg                  14 
_struct_ref_seq.pdbx_db_align_beg_ins_code    ? 
_struct_ref_seq.db_align_end                  196 
_struct_ref_seq.pdbx_db_align_end_ins_code    ? 
_struct_ref_seq.pdbx_auth_seq_align_beg       1 
_struct_ref_seq.pdbx_auth_seq_align_end       183 
# 
_struct_ref_seq_dif.align_id                     1 
_struct_ref_seq_dif.pdbx_pdb_id_code             3ZYD 
_struct_ref_seq_dif.mon_id                       MET 
_struct_ref_seq_dif.pdbx_pdb_strand_id           A 
_struct_ref_seq_dif.seq_num                      1 
_struct_ref_seq_dif.pdbx_pdb_ins_code            ? 
_struct_ref_seq_dif.pdbx_seq_db_name             UNP 
_struct_ref_seq_dif.pdbx_seq_db_accession_code   Q90092 
_struct_ref_seq_dif.db_mon_id                    ? 
_struct_ref_seq_dif.pdbx_seq_db_seq_num          ? 
_struct_ref_seq_dif.details                      'expression tag' 
_struct_ref_seq_dif.pdbx_auth_seq_num            0 
_struct_ref_seq_dif.pdbx_ordinal                 1 
# 
loop_
_chem_comp.id 
_chem_comp.type 
_chem_comp.mon_nstd_flag 
_chem_comp.name 
_chem_comp.pdbx_synonyms 
_chem_comp.formula 
_chem_comp.formula_weight 
ALA 'L-peptide linking' y ALANINE         ?                               'C3 H7 N O2'     89.093  
ARG 'L-peptide linking' y ARGININE        ?                               'C6 H15 N4 O2 1' 175.209 
ASN 'L-peptide linking' y ASPARAGINE      ?                               'C4 H8 N2 O3'    132.118 
ASP 'L-peptide linking' y 'ASPARTIC ACID' ?                               'C4 H7 N O4'     133.103 
CYS 'L-peptide linking' y CYSTEINE        ?                               'C3 H7 N O2 S'   121.158 
GLN 'L-peptide linking' y GLUTAMINE       ?                               'C5 H10 N2 O3'   146.144 
GLU 'L-peptide linking' y 'GLUTAMIC ACID' ?                               'C5 H9 N O4'     147.129 
GLY 'peptide linking'   y GLYCINE         ?                               'C2 H5 N O2'     75.067  
GOL non-polymer         . GLYCEROL        'GLYCERIN; PROPANE-1,2,3-TRIOL' 'C3 H8 O3'       92.094  
HIS 'L-peptide linking' y HISTIDINE       ?                               'C6 H10 N3 O2 1' 156.162 
HOH non-polymer         . WATER           ?                               'H2 O'           18.015  
ILE 'L-peptide linking' y ISOLEUCINE      ?                               'C6 H13 N O2'    131.173 
LEU 'L-peptide linking' y LEUCINE         ?                               'C6 H13 N O2'    131.173 
LYS 'L-peptide linking' y LYSINE          ?                               'C6 H15 N2 O2 1' 147.195 
MET 'L-peptide linking' y METHIONINE      ?                               'C5 H11 N O2 S'  149.211 
PHE 'L-peptide linking' y PHENYLALANINE   ?                               'C9 H11 N O2'    165.189 
PRO 'L-peptide linking' y PROLINE         ?                               'C5 H9 N O2'     115.130 
SER 'L-peptide linking' y SERINE          ?                               'C3 H7 N O3'     105.093 
THR 'L-peptide linking' y THREONINE       ?                               'C4 H9 N O3'     119.119 
TRP 'L-peptide linking' y TRYPTOPHAN      ?                               'C11 H12 N2 O2'  204.225 
TYR 'L-peptide linking' y TYROSINE        ?                               'C9 H11 N O3'    181.189 
VAL 'L-peptide linking' y VALINE          ?                               'C5 H11 N O2'    117.146 
# 
_exptl.entry_id          3ZYD 
_exptl.method            'X-RAY DIFFRACTION' 
_exptl.crystals_number   1 
# 
_exptl_crystal.id                    1 
_exptl_crystal.density_meas          ? 
_exptl_crystal.density_Matthews      2.08 
_exptl_crystal.density_percent_sol   40.8 
_exptl_crystal.description           NONE 
# 
_exptl_crystal_grow.crystal_id      1 
_exptl_crystal_grow.method          'VAPOR DIFFUSION, SITTING DROP' 
_exptl_crystal_grow.temp            ? 
_exptl_crystal_grow.temp_details    ? 
_exptl_crystal_grow.pH              8.5 
_exptl_crystal_grow.pdbx_pH_range   ? 
_exptl_crystal_grow.pdbx_details    '100 MM TRIS-HCL PH 8.5, 0.2 M MAGNESIUM CHLORIDE, AND 22% PEG 4000; SITTING DROP' 
# 
_diffrn.id                     1 
_diffrn.ambient_temp           100 
_diffrn.ambient_temp_details   ? 
_diffrn.crystal_id             1 
# 
_diffrn_detector.diffrn_id              1 
_diffrn_detector.detector               CCD 
_diffrn_detector.type                   'MARMOSAIC 225 mm CCD' 
_diffrn_detector.pdbx_collection_date   ? 
_diffrn_detector.details                MIRRORS 
# 
_diffrn_radiation.diffrn_id                        1 
_diffrn_radiation.wavelength_id                    1 
_diffrn_radiation.pdbx_monochromatic_or_laue_m_l   M 
_diffrn_radiation.monochromator                    ? 
_diffrn_radiation.pdbx_diffrn_protocol             'SINGLE WAVELENGTH' 
_diffrn_radiation.pdbx_scattering_type             x-ray 
# 
_diffrn_radiation_wavelength.id           1 
_diffrn_radiation_wavelength.wavelength   0.9184 
_diffrn_radiation_wavelength.wt           1.0 
# 
_diffrn_source.diffrn_id                   1 
_diffrn_source.source                      SYNCHROTRON 
_diffrn_source.type                        'BESSY BEAMLINE 14.1' 
_diffrn_source.pdbx_synchrotron_site       BESSY 
_diffrn_source.pdbx_synchrotron_beamline   14.1 
_diffrn_source.pdbx_wavelength             0.9184 
_diffrn_source.pdbx_wavelength_list        ? 
# 
_reflns.pdbx_diffrn_id               1 
_reflns.pdbx_ordinal                 1 
_reflns.entry_id                     3ZYD 
_reflns.observed_criterion_sigma_I   2.0 
_reflns.observed_criterion_sigma_F   ? 
_reflns.d_resolution_low             24.82 
_reflns.d_resolution_high            1.70 
_reflns.number_obs                   18920 
_reflns.number_all                   ? 
_reflns.percent_possible_obs         99.8 
_reflns.pdbx_Rmerge_I_obs            0.05 
_reflns.pdbx_Rsym_value              ? 
_reflns.pdbx_netI_over_sigmaI        12.30 
_reflns.B_iso_Wilson_estimate        ? 
_reflns.pdbx_redundancy              3.8 
# 
_reflns_shell.pdbx_diffrn_id         1 
_reflns_shell.pdbx_ordinal           1 
_reflns_shell.d_res_high             1.70 
_reflns_shell.d_res_low              1.79 
_reflns_shell.percent_possible_all   99.6 
_reflns_shell.Rmerge_I_obs           0.41 
_reflns_shell.pdbx_Rsym_value        ? 
_reflns_shell.meanI_over_sigI_obs    2.80 
_reflns_shell.pdbx_redundancy        3.8 
# 
_refine.pdbx_refine_id                           'X-RAY DIFFRACTION' 
_refine.entry_id                                 3ZYD 
_refine.pdbx_diffrn_id                           1 
_refine.pdbx_TLS_residual_ADP_flag               ? 
_refine.ls_number_reflns_obs                     17942 
_refine.ls_number_reflns_all                     ? 
_refine.pdbx_ls_sigma_I                          ? 
_refine.pdbx_ls_sigma_F                          . 
_refine.pdbx_data_cutoff_high_absF               ? 
_refine.pdbx_data_cutoff_low_absF                ? 
_refine.pdbx_data_cutoff_high_rms_absF           ? 
_refine.ls_d_res_low                             47.02 
_refine.ls_d_res_high                            1.70 
_refine.ls_percent_reflns_obs                    99.69 
_refine.ls_R_factor_obs                          0.19358 
_refine.ls_R_factor_all                          ? 
_refine.ls_R_factor_R_work                       0.19182 
_refine.ls_R_factor_R_free                       0.22452 
_refine.ls_R_factor_R_free_error                 ? 
_refine.ls_R_factor_R_free_error_details         ? 
_refine.ls_percent_reflns_R_free                 5.2 
_refine.ls_number_reflns_R_free                  977 
_refine.ls_number_parameters                     ? 
_refine.ls_number_restraints                     ? 
_refine.occupancy_min                            ? 
_refine.occupancy_max                            ? 
_refine.correlation_coeff_Fo_to_Fc               0.963 
_refine.correlation_coeff_Fo_to_Fc_free          0.944 
_refine.B_iso_mean                               27.888 
_refine.aniso_B[1][1]                            0.60 
_refine.aniso_B[2][2]                            -1.43 
_refine.aniso_B[3][3]                            1.85 
_refine.aniso_B[1][2]                            0.00 
_refine.aniso_B[1][3]                            1.15 
_refine.aniso_B[2][3]                            0.00 
_refine.solvent_model_details                    MASK 
_refine.solvent_model_param_ksol                 ? 
_refine.solvent_model_param_bsol                 ? 
_refine.pdbx_solvent_vdw_probe_radii             1.40 
_refine.pdbx_solvent_ion_probe_radii             0.80 
_refine.pdbx_solvent_shrinkage_radii             0.80 
_refine.pdbx_ls_cross_valid_method               THROUGHOUT 
_refine.details                                  'HYDROGENS HAVE BEEN ADDED IN THE RIDING POSITIONS.' 
_refine.pdbx_starting_model                      'PDB ENTRY 2VB0' 
_refine.pdbx_method_to_determine_struct          'MOLECULAR REPLACEMENT' 
_refine.pdbx_isotropic_thermal_model             ? 
_refine.pdbx_stereochemistry_target_values       'MAXIMUM LIKELIHOOD' 
_refine.pdbx_stereochem_target_val_spec_case     ? 
_refine.pdbx_R_Free_selection_details            RANDOM 
_refine.pdbx_overall_ESU_R                       0.117 
_refine.pdbx_overall_ESU_R_Free                  0.112 
_refine.overall_SU_ML                            0.085 
_refine.pdbx_overall_phase_error                 ? 
_refine.overall_SU_B                             2.558 
_refine.overall_SU_R_Cruickshank_DPI             ? 
_refine.pdbx_overall_SU_R_free_Cruickshank_DPI   ? 
_refine.pdbx_overall_SU_R_Blow_DPI               ? 
_refine.pdbx_overall_SU_R_free_Blow_DPI          ? 
# 
_refine_hist.pdbx_refine_id                   'X-RAY DIFFRACTION' 
_refine_hist.cycle_id                         LAST 
_refine_hist.pdbx_number_atoms_protein        1406 
_refine_hist.pdbx_number_atoms_nucleic_acid   0 
_refine_hist.pdbx_number_atoms_ligand         6 
_refine_hist.number_atoms_solvent             76 
_refine_hist.number_atoms_total               1488 
_refine_hist.d_res_high                       1.70 
_refine_hist.d_res_low                        47.02 
# 
loop_
_refine_ls_restr.type 
_refine_ls_restr.dev_ideal 
_refine_ls_restr.dev_ideal_target 
_refine_ls_restr.weight 
_refine_ls_restr.number 
_refine_ls_restr.pdbx_refine_id 
_refine_ls_restr.pdbx_restraint_function 
r_bond_refined_d             0.016  0.022  ? 1440 'X-RAY DIFFRACTION' ? 
r_bond_other_d               ?      ?      ? ?    'X-RAY DIFFRACTION' ? 
r_angle_refined_deg          1.675  1.970  ? 1940 'X-RAY DIFFRACTION' ? 
r_angle_other_deg            ?      ?      ? ?    'X-RAY DIFFRACTION' ? 
r_dihedral_angle_1_deg       6.260  5.000  ? 180  'X-RAY DIFFRACTION' ? 
r_dihedral_angle_2_deg       30.216 24.127 ? 63   'X-RAY DIFFRACTION' ? 
r_dihedral_angle_3_deg       16.362 15.000 ? 252  'X-RAY DIFFRACTION' ? 
r_dihedral_angle_4_deg       23.481 15.000 ? 8    'X-RAY DIFFRACTION' ? 
r_chiral_restr               0.119  0.200  ? 212  'X-RAY DIFFRACTION' ? 
r_gen_planes_refined         0.009  0.021  ? 1080 'X-RAY DIFFRACTION' ? 
r_gen_planes_other           ?      ?      ? ?    'X-RAY DIFFRACTION' ? 
r_nbd_refined                ?      ?      ? ?    'X-RAY DIFFRACTION' ? 
r_nbd_other                  ?      ?      ? ?    'X-RAY DIFFRACTION' ? 
r_nbtor_refined              ?      ?      ? ?    'X-RAY DIFFRACTION' ? 
r_nbtor_other                ?      ?      ? ?    'X-RAY DIFFRACTION' ? 
r_xyhbond_nbd_refined        ?      ?      ? ?    'X-RAY DIFFRACTION' ? 
r_xyhbond_nbd_other          ?      ?      ? ?    'X-RAY DIFFRACTION' ? 
r_metal_ion_refined          ?      ?      ? ?    'X-RAY DIFFRACTION' ? 
r_metal_ion_other            ?      ?      ? ?    'X-RAY DIFFRACTION' ? 
r_symmetry_vdw_refined       ?      ?      ? ?    'X-RAY DIFFRACTION' ? 
r_symmetry_vdw_other         ?      ?      ? ?    'X-RAY DIFFRACTION' ? 
r_symmetry_hbond_refined     ?      ?      ? ?    'X-RAY DIFFRACTION' ? 
r_symmetry_hbond_other       ?      ?      ? ?    'X-RAY DIFFRACTION' ? 
r_symmetry_metal_ion_refined ?      ?      ? ?    'X-RAY DIFFRACTION' ? 
r_symmetry_metal_ion_other   ?      ?      ? ?    'X-RAY DIFFRACTION' ? 
r_mcbond_it                  1.066  1.500  ? 892  'X-RAY DIFFRACTION' ? 
r_mcbond_other               ?      ?      ? ?    'X-RAY DIFFRACTION' ? 
r_mcangle_it                 1.897  2.000  ? 1429 'X-RAY DIFFRACTION' ? 
r_mcangle_other              ?      ?      ? ?    'X-RAY DIFFRACTION' ? 
r_scbond_it                  2.921  3.000  ? 548  'X-RAY DIFFRACTION' ? 
r_scbond_other               ?      ?      ? ?    'X-RAY DIFFRACTION' ? 
r_scangle_it                 4.669  4.500  ? 511  'X-RAY DIFFRACTION' ? 
r_scangle_other              ?      ?      ? ?    'X-RAY DIFFRACTION' ? 
r_long_range_B_refined       ?      ?      ? ?    'X-RAY DIFFRACTION' ? 
r_long_range_B_other         ?      ?      ? ?    'X-RAY DIFFRACTION' ? 
r_rigid_bond_restr           ?      ?      ? ?    'X-RAY DIFFRACTION' ? 
r_sphericity_free            ?      ?      ? ?    'X-RAY DIFFRACTION' ? 
r_sphericity_bonded          ?      ?      ? ?    'X-RAY DIFFRACTION' ? 
# 
_refine_ls_shell.pdbx_refine_id                   'X-RAY DIFFRACTION' 
_refine_ls_shell.pdbx_total_number_of_bins_used   20 
_refine_ls_shell.d_res_high                       1.700 
_refine_ls_shell.d_res_low                        1.744 
_refine_ls_shell.number_reflns_R_work             1323 
_refine_ls_shell.R_factor_R_work                  0.258 
_refine_ls_shell.percent_reflns_obs               99.43 
_refine_ls_shell.R_factor_R_free                  0.279 
_refine_ls_shell.R_factor_R_free_error            ? 
_refine_ls_shell.percent_reflns_R_free            ? 
_refine_ls_shell.number_reflns_R_free             75 
_refine_ls_shell.number_reflns_all                ? 
_refine_ls_shell.R_factor_all                     ? 
# 
_struct.entry_id                  3ZYD 
_struct.title                     'Crystal structure of 3C protease of coxsackievirus B3' 
_struct.pdbx_model_details        ? 
_struct.pdbx_CASP_flag            ? 
_struct.pdbx_model_type_details   ? 
# 
_struct_keywords.entry_id        3ZYD 
_struct_keywords.pdbx_keywords   HYDROLASE 
_struct_keywords.text            'HYDROLASE, PICORNAVIRIDAE' 
# 
loop_
_struct_asym.id 
_struct_asym.pdbx_blank_PDB_chainid_flag 
_struct_asym.pdbx_modified 
_struct_asym.entity_id 
_struct_asym.details 
A N N 1 ? 
B N N 2 ? 
C N N 3 ? 
# 
_struct_biol.id   1 
# 
loop_
_struct_conf.conf_type_id 
_struct_conf.id 
_struct_conf.pdbx_PDB_helix_id 
_struct_conf.beg_label_comp_id 
_struct_conf.beg_label_asym_id 
_struct_conf.beg_label_seq_id 
_struct_conf.pdbx_beg_PDB_ins_code 
_struct_conf.end_label_comp_id 
_struct_conf.end_label_asym_id 
_struct_conf.end_label_seq_id 
_struct_conf.pdbx_end_PDB_ins_code 
_struct_conf.beg_auth_comp_id 
_struct_conf.beg_auth_asym_id 
_struct_conf.beg_auth_seq_id 
_struct_conf.end_auth_comp_id 
_struct_conf.end_auth_asym_id 
_struct_conf.end_auth_seq_id 
_struct_conf.pdbx_PDB_helix_class 
_struct_conf.details 
_struct_conf.pdbx_PDB_helix_length 
HELX_P HELX_P1 1 MET A 1   ? ASN A 15  ? MET A 0   ASN A 14  1 ? 15 
HELX_P HELX_P2 2 HIS A 41  ? LYS A 43  ? HIS A 40  LYS A 42  5 ? 3  
HELX_P HELX_P3 3 ILE A 87  ? PHE A 90  ? ILE A 86  PHE A 89  5 ? 4  
HELX_P HELX_P4 4 LEU A 176 ? PHE A 180 ? LEU A 175 PHE A 179 5 ? 5  
# 
_struct_conf_type.id          HELX_P 
_struct_conf_type.criteria    ? 
_struct_conf_type.reference   ? 
# 
loop_
_struct_sheet.id 
_struct_sheet.type 
_struct_sheet.number_strands 
_struct_sheet.details 
AA ? 7 ? 
AB ? 7 ? 
# 
loop_
_struct_sheet_order.sheet_id 
_struct_sheet_order.range_id_1 
_struct_sheet_order.range_id_2 
_struct_sheet_order.offset 
_struct_sheet_order.sense 
AA 1 2 ? anti-parallel 
AA 2 3 ? anti-parallel 
AA 3 4 ? anti-parallel 
AA 4 5 ? anti-parallel 
AA 5 6 ? anti-parallel 
AA 6 7 ? anti-parallel 
AB 1 2 ? anti-parallel 
AB 2 3 ? anti-parallel 
AB 3 4 ? anti-parallel 
AB 4 5 ? anti-parallel 
AB 5 6 ? anti-parallel 
AB 6 7 ? anti-parallel 
# 
loop_
_struct_sheet_range.sheet_id 
_struct_sheet_range.id 
_struct_sheet_range.beg_label_comp_id 
_struct_sheet_range.beg_label_asym_id 
_struct_sheet_range.beg_label_seq_id 
_struct_sheet_range.pdbx_beg_PDB_ins_code 
_struct_sheet_range.end_label_comp_id 
_struct_sheet_range.end_label_asym_id 
_struct_sheet_range.end_label_seq_id 
_struct_sheet_range.pdbx_end_PDB_ins_code 
_struct_sheet_range.beg_auth_comp_id 
_struct_sheet_range.beg_auth_asym_id 
_struct_sheet_range.beg_auth_seq_id 
_struct_sheet_range.end_auth_comp_id 
_struct_sheet_range.end_auth_asym_id 
_struct_sheet_range.end_auth_seq_id 
AA 1 SER A 16  ? THR A 21  ? SER A 15  THR A 20  
AA 2 GLY A 24  ? TYR A 32  ? GLY A 23  TYR A 31  
AA 3 TRP A 35  ? PRO A 39  ? TRP A 34  PRO A 38  
AA 4 ASN A 70  ? ASN A 79  ? ASN A 69  ASN A 78  
AA 5 GLN A 53  ? VAL A 64  ? GLN A 52  VAL A 63  
AA 6 THR A 47  ? MET A 50  ? THR A 46  MET A 49  
AA 7 SER A 16  ? THR A 21  ? SER A 15  THR A 20  
AB 1 VAL A 98  ? ILE A 105 ? VAL A 97  ILE A 104 
AB 2 MET A 113 ? LEU A 128 ? MET A 112 LEU A 127 
AB 3 THR A 131 ? ASN A 140 ? THR A 130 ASN A 139 
AB 4 GLN A 169 ? ALA A 174 ? GLN A 168 ALA A 173 
AB 5 LYS A 157 ? ASN A 166 ? LYS A 156 ASN A 165 
AB 6 VAL A 151 ? SER A 154 ? VAL A 150 SER A 153 
AB 7 VAL A 98  ? ILE A 105 ? VAL A 97  ILE A 104 
# 
loop_
_pdbx_struct_sheet_hbond.sheet_id 
_pdbx_struct_sheet_hbond.range_id_1 
_pdbx_struct_sheet_hbond.range_id_2 
_pdbx_struct_sheet_hbond.range_1_label_atom_id 
_pdbx_struct_sheet_hbond.range_1_label_comp_id 
_pdbx_struct_sheet_hbond.range_1_label_asym_id 
_pdbx_struct_sheet_hbond.range_1_label_seq_id 
_pdbx_struct_sheet_hbond.range_1_PDB_ins_code 
_pdbx_struct_sheet_hbond.range_1_auth_atom_id 
_pdbx_struct_sheet_hbond.range_1_auth_comp_id 
_pdbx_struct_sheet_hbond.range_1_auth_asym_id 
_pdbx_struct_sheet_hbond.range_1_auth_seq_id 
_pdbx_struct_sheet_hbond.range_2_label_atom_id 
_pdbx_struct_sheet_hbond.range_2_label_comp_id 
_pdbx_struct_sheet_hbond.range_2_label_asym_id 
_pdbx_struct_sheet_hbond.range_2_label_seq_id 
_pdbx_struct_sheet_hbond.range_2_PDB_ins_code 
_pdbx_struct_sheet_hbond.range_2_auth_atom_id 
_pdbx_struct_sheet_hbond.range_2_auth_comp_id 
_pdbx_struct_sheet_hbond.range_2_auth_asym_id 
_pdbx_struct_sheet_hbond.range_2_auth_seq_id 
AA 1 2 N THR A 21  ? N THR A 20  O GLY A 24  ? O GLY A 23  
AA 2 3 N ILE A 31  ? N ILE A 30  O TRP A 35  ? O TRP A 34  
AA 3 4 N LEU A 38  ? N LEU A 37  O THR A 74  ? O THR A 73  
AA 4 5 N ASN A 79  ? N ASN A 78  O GLY A 56  ? O GLY A 55  
AA 5 6 N VAL A 55  ? N VAL A 54  O ILE A 48  ? O ILE A 47  
AA 6 7 N LEU A 49  ? N LEU A 48  O LYS A 20  ? O LYS A 19  
AB 1 2 N ILE A 105 ? N ILE A 104 O MET A 113 ? O MET A 112 
AB 2 3 N LEU A 128 ? N LEU A 127 O THR A 131 ? O THR A 130 
AB 3 4 N TYR A 139 ? N TYR A 138 O GLY A 170 ? O GLY A 169 
AB 4 5 N ALA A 173 ? N ALA A 172 O ILE A 161 ? O ILE A 160 
AB 5 6 N LEU A 159 ? N LEU A 158 O LEU A 152 ? O LEU A 151 
AB 6 7 N MET A 153 ? N MET A 152 O VAL A 102 ? O VAL A 101 
# 
_struct_site.id                   AC1 
_struct_site.pdbx_evidence_code   Software 
_struct_site.pdbx_auth_asym_id    A 
_struct_site.pdbx_auth_comp_id    GOL 
_struct_site.pdbx_auth_seq_id     1181 
_struct_site.pdbx_auth_ins_code   ? 
_struct_site.pdbx_num_residues    9 
_struct_site.details              'BINDING SITE FOR RESIDUE GOL A 1181' 
# 
loop_
_struct_site_gen.id 
_struct_site_gen.site_id 
_struct_site_gen.pdbx_num_res 
_struct_site_gen.label_comp_id 
_struct_site_gen.label_asym_id 
_struct_site_gen.label_seq_id 
_struct_site_gen.pdbx_auth_ins_code 
_struct_site_gen.auth_comp_id 
_struct_site_gen.auth_asym_id 
_struct_site_gen.auth_seq_id 
_struct_site_gen.label_atom_id 
_struct_site_gen.label_alt_id 
_struct_site_gen.symmetry 
_struct_site_gen.details 
1 AC1 9 MET A 50  ? MET A 49   . ? 1_556 ? 
2 AC1 9 ASN A 51  ? ASN A 50   . ? 1_556 ? 
3 AC1 9 GLN A 53  ? GLN A 52   . ? 1_556 ? 
4 AC1 9 VAL A 55  ? VAL A 54   . ? 1_556 ? 
5 AC1 9 ASP A 67  ? ASP A 66   . ? 1_555 ? 
6 AC1 9 ARG A 80  ? ARG A 79   . ? 1_556 ? 
7 AC1 9 LYS A 134 ? LYS A 133  . ? 1_555 ? 
8 AC1 9 HOH C .   ? HOH A 2036 . ? 1_555 ? 
9 AC1 9 HOH C .   ? HOH A 2076 . ? 1_555 ? 
# 
_atom_sites.entry_id                    3ZYD 
_atom_sites.fract_transf_matrix[1][1]   -0.01071552 
_atom_sites.fract_transf_matrix[1][2]   0.00973826 
_atom_sites.fract_transf_matrix[1][3]   0.00118893 
_atom_sites.fract_transf_matrix[2][1]   -0.00813127 
_atom_sites.fract_transf_matrix[2][2]   -0.01000499 
_atom_sites.fract_transf_matrix[2][3]   0.00866353 
_atom_sites.fract_transf_matrix[3][1]   0.00153155 
_atom_sites.fract_transf_matrix[3][2]   0.01782062 
_atom_sites.fract_transf_matrix[3][3]   0.02201742 
_atom_sites.fract_transf_vector[1]      -0.209997 
_atom_sites.fract_transf_vector[2]      0.002878 
_atom_sites.fract_transf_vector[3]      -0.012731 
# 
loop_
_atom_type.symbol 
C 
N 
O 
S 
# 
loop_
_atom_site.group_PDB 
_atom_site.id 
_atom_site.type_symbol 
_atom_site.label_atom_id 
_atom_site.label_alt_id 
_atom_site.label_comp_id 
_atom_site.label_asym_id 
_atom_site.label_entity_id 
_atom_site.label_seq_id 
_atom_site.pdbx_PDB_ins_code 
_atom_site.Cartn_x 
_atom_site.Cartn_y 
_atom_site.Cartn_z 
_atom_site.occupancy 
_atom_site.B_iso_or_equiv 
_atom_site.pdbx_formal_charge 
_atom_site.auth_seq_id 
_atom_site.auth_comp_id 
_atom_site.auth_asym_id 
_atom_site.auth_atom_id 
_atom_site.pdbx_PDB_model_num 
ATOM   1    N N   . MET A 1 1   ? -3.077  18.713  -7.440  1.00 30.89 ? 0    MET A N   1 
ATOM   2    C CA  . MET A 1 1   ? -4.071  17.617  -7.229  1.00 30.23 ? 0    MET A CA  1 
ATOM   3    C C   . MET A 1 1   ? -4.413  16.858  -8.531  1.00 28.17 ? 0    MET A C   1 
ATOM   4    O O   . MET A 1 1   ? -4.502  15.626  -8.536  1.00 27.91 ? 0    MET A O   1 
ATOM   5    C CB  . MET A 1 1   ? -5.325  18.238  -6.662  1.00 31.03 ? 0    MET A CB  1 
ATOM   6    C CG  . MET A 1 1   ? -6.050  17.400  -5.664  1.00 36.35 ? 0    MET A CG  1 
ATOM   7    S SD  . MET A 1 1   ? -7.491  18.371  -5.154  1.00 41.89 ? 0    MET A SD  1 
ATOM   8    C CE  . MET A 1 1   ? -6.808  19.353  -3.836  1.00 40.67 ? 0    MET A CE  1 
ATOM   9    N N   . GLY A 1 2   ? -4.655  17.601  -9.610  1.00 26.02 ? 1    GLY A N   1 
ATOM   10   C CA  . GLY A 1 2   ? -5.002  17.041  -10.912 1.00 23.33 ? 1    GLY A CA  1 
ATOM   11   C C   . GLY A 1 2   ? -3.925  16.134  -11.471 1.00 24.48 ? 1    GLY A C   1 
ATOM   12   O O   . GLY A 1 2   ? -4.186  14.987  -11.895 1.00 22.13 ? 1    GLY A O   1 
ATOM   13   N N   . PRO A 1 3   ? -2.685  16.640  -11.486 1.00 23.65 ? 2    PRO A N   1 
ATOM   14   C CA  . PRO A 1 3   ? -1.628  15.749  -11.976 1.00 22.90 ? 2    PRO A CA  1 
ATOM   15   C C   . PRO A 1 3   ? -1.454  14.517  -11.077 1.00 22.01 ? 2    PRO A C   1 
ATOM   16   O O   . PRO A 1 3   ? -1.166  13.437  -11.583 1.00 21.21 ? 2    PRO A O   1 
ATOM   17   C CB  . PRO A 1 3   ? -0.377  16.639  -11.938 1.00 23.21 ? 2    PRO A CB  1 
ATOM   18   C CG  . PRO A 1 3   ? -0.961  18.037  -12.142 1.00 23.31 ? 2    PRO A CG  1 
ATOM   19   C CD  . PRO A 1 3   ? -2.219  18.042  -11.340 1.00 25.27 ? 2    PRO A CD  1 
ATOM   20   N N   . ALA A 1 4   ? -1.648  14.661  -9.767  1.00 22.03 ? 3    ALA A N   1 
ATOM   21   C CA  . ALA A 1 4   ? -1.543  13.487  -8.900  1.00 20.97 ? 3    ALA A CA  1 
ATOM   22   C C   . ALA A 1 4   ? -2.629  12.447  -9.195  1.00 19.28 ? 3    ALA A C   1 
ATOM   23   O O   . ALA A 1 4   ? -2.348  11.234  -9.229  1.00 19.85 ? 3    ALA A O   1 
ATOM   24   C CB  . ALA A 1 4   ? -1.584  13.884  -7.475  1.00 21.26 ? 3    ALA A CB  1 
ATOM   25   N N   . PHE A 1 5   ? -3.845  12.931  -9.370  1.00 20.21 ? 4    PHE A N   1 
ATOM   26   C CA  . PHE A 1 5   ? -4.983  12.115  -9.889  1.00 19.79 ? 4    PHE A CA  1 
ATOM   27   C C   . PHE A 1 5   ? -4.674  11.413  -11.188 1.00 19.91 ? 4    PHE A C   1 
ATOM   28   O O   . PHE A 1 5   ? -4.783  10.192  -11.280 1.00 18.54 ? 4    PHE A O   1 
ATOM   29   C CB  . PHE A 1 5   ? -6.237  12.989  -10.023 1.00 20.78 ? 4    PHE A CB  1 
ATOM   30   C CG  . PHE A 1 5   ? -7.503  12.212  -10.410 1.00 22.54 ? 4    PHE A CG  1 
ATOM   31   C CD1 . PHE A 1 5   ? -8.074  11.303  -9.518  1.00 22.35 ? 4    PHE A CD1 1 
ATOM   32   C CD2 . PHE A 1 5   ? -8.120  12.407  -11.652 1.00 24.10 ? 4    PHE A CD2 1 
ATOM   33   C CE1 . PHE A 1 5   ? -9.273  10.599  -9.860  1.00 22.70 ? 4    PHE A CE1 1 
ATOM   34   C CE2 . PHE A 1 5   ? -9.310  11.708  -12.009 1.00 23.65 ? 4    PHE A CE2 1 
ATOM   35   C CZ  . PHE A 1 5   ? -9.876  10.787  -11.103 1.00 20.30 ? 4    PHE A CZ  1 
ATOM   36   N N   . GLU A 1 6   ? -4.218  12.142  -12.211 1.00 20.45 ? 5    GLU A N   1 
ATOM   37   C CA  . GLU A 1 6   ? -3.871  11.470  -13.465 1.00 20.21 ? 5    GLU A CA  1 
ATOM   38   C C   . GLU A 1 6   ? -2.794  10.411  -13.305 1.00 19.35 ? 5    GLU A C   1 
ATOM   39   O O   . GLU A 1 6   ? -2.904  9.322   -13.867 1.00 18.59 ? 5    GLU A O   1 
ATOM   40   C CB  . GLU A 1 6   ? -3.454  12.489  -14.555 1.00 21.20 ? 5    GLU A CB  1 
ATOM   41   C CG  . GLU A 1 6   ? -4.614  13.301  -15.015 1.00 24.05 ? 5    GLU A CG  1 
ATOM   42   C CD  . GLU A 1 6   ? -4.304  14.228  -16.198 1.00 32.24 ? 5    GLU A CD  1 
ATOM   43   O OE1 . GLU A 1 6   ? -3.153  14.251  -16.699 1.00 33.03 ? 5    GLU A OE1 1 
ATOM   44   O OE2 . GLU A 1 6   ? -5.250  14.925  -16.633 1.00 32.53 ? 5    GLU A OE2 1 
ATOM   45   N N   . PHE A 1 7   ? -1.743  10.737  -12.529 1.00 18.66 ? 6    PHE A N   1 
ATOM   46   C CA  . PHE A 1 7   ? -0.723  9.747   -12.220 1.00 18.98 ? 6    PHE A CA  1 
ATOM   47   C C   . PHE A 1 7   ? -1.309  8.494   -11.527 1.00 18.70 ? 6    PHE A C   1 
ATOM   48   O O   . PHE A 1 7   ? -0.975  7.370   -11.924 1.00 19.49 ? 6    PHE A O   1 
ATOM   49   C CB  . PHE A 1 7   ? 0.371   10.325  -11.318 1.00 17.46 ? 6    PHE A CB  1 
ATOM   50   C CG  . PHE A 1 7   ? 1.439   9.334   -10.980 1.00 19.96 ? 6    PHE A CG  1 
ATOM   51   C CD1 . PHE A 1 7   ? 2.367   8.969   -11.918 1.00 23.67 ? 6    PHE A CD1 1 
ATOM   52   C CD2 . PHE A 1 7   ? 1.517   8.744   -9.698  1.00 18.93 ? 6    PHE A CD2 1 
ATOM   53   C CE1 . PHE A 1 7   ? 3.372   8.040   -11.615 1.00 23.49 ? 6    PHE A CE1 1 
ATOM   54   C CE2 . PHE A 1 7   ? 2.540   7.855   -9.395  1.00 19.74 ? 6    PHE A CE2 1 
ATOM   55   C CZ  . PHE A 1 7   ? 3.448   7.502   -10.326 1.00 24.08 ? 6    PHE A CZ  1 
ATOM   56   N N   . ALA A 1 8   ? -2.109  8.727   -10.485 1.00 19.06 ? 7    ALA A N   1 
ATOM   57   C CA  . ALA A 1 8   ? -2.716  7.635   -9.673  1.00 18.71 ? 7    ALA A CA  1 
ATOM   58   C C   . ALA A 1 8   ? -3.536  6.692   -10.541 1.00 17.82 ? 7    ALA A C   1 
ATOM   59   O O   . ALA A 1 8   ? -3.417  5.454   -10.424 1.00 17.55 ? 7    ALA A O   1 
ATOM   60   C CB  . ALA A 1 8   ? -3.596  8.216   -8.541  1.00 18.96 ? 7    ALA A CB  1 
ATOM   61   N N   . VAL A 1 9   ? -4.336  7.274   -11.413 1.00 17.61 ? 8    VAL A N   1 
ATOM   62   C CA  . VAL A 1 9   ? -5.278  6.509   -12.244 1.00 18.49 ? 8    VAL A CA  1 
ATOM   63   C C   . VAL A 1 9   ? -4.463  5.593   -13.174 1.00 19.69 ? 8    VAL A C   1 
ATOM   64   O O   . VAL A 1 9   ? -4.743  4.403   -13.292 1.00 19.48 ? 8    VAL A O   1 
ATOM   65   C CB  . VAL A 1 9   ? -6.244  7.414   -13.071 1.00 17.82 ? 8    VAL A CB  1 
ATOM   66   C CG1 . VAL A 1 9   ? -7.077  6.574   -14.099 1.00 20.07 ? 8    VAL A CG1 1 
ATOM   67   C CG2 . VAL A 1 9   ? -7.246  8.197   -12.145 1.00 16.46 ? 8    VAL A CG2 1 
ATOM   68   N N   . ALA A 1 10  ? -3.486  6.184   -13.870 1.00 20.19 ? 9    ALA A N   1 
ATOM   69   C CA  . ALA A 1 10  ? -2.554  5.399   -14.711 1.00 20.59 ? 9    ALA A CA  1 
ATOM   70   C C   . ALA A 1 10  ? -1.821  4.256   -13.972 1.00 20.06 ? 9    ALA A C   1 
ATOM   71   O O   . ALA A 1 10  ? -1.710  3.130   -14.484 1.00 21.25 ? 9    ALA A O   1 
ATOM   72   C CB  . ALA A 1 10  ? -1.554  6.353   -15.389 1.00 21.49 ? 9    ALA A CB  1 
ATOM   73   N N   . MET A 1 11  ? -1.303  4.546   -12.783 1.00 17.75 ? 10   MET A N   1 
ATOM   74   C CA  . MET A 1 11  ? -0.569  3.584   -11.932 1.00 17.43 ? 10   MET A CA  1 
ATOM   75   C C   . MET A 1 11  ? -1.479  2.450   -11.504 1.00 18.49 ? 10   MET A C   1 
ATOM   76   O O   . MET A 1 11  ? -1.105  1.279   -11.604 1.00 18.95 ? 10   MET A O   1 
ATOM   77   C CB  . MET A 1 11  ? -0.045  4.305   -10.685 1.00 18.09 ? 10   MET A CB  1 
ATOM   78   C CG  . MET A 1 11  ? 0.755   3.381   -9.753  1.00 16.85 ? 10   MET A CG  1 
ATOM   79   S SD  . MET A 1 11  ? 2.150   2.459   -10.498 1.00 20.78 ? 10   MET A SD  1 
ATOM   80   C CE  . MET A 1 11  ? 3.275   3.864   -10.593 1.00 20.05 ? 10   MET A CE  1 
ATOM   81   N N   . MET A 1 12  ? -2.695  2.797   -11.110 1.00 18.79 ? 11   MET A N   1 
ATOM   82   C CA  . MET A 1 12  ? -3.629  1.733   -10.678 1.00 19.83 ? 11   MET A CA  1 
ATOM   83   C C   . MET A 1 12  ? -4.010  0.823   -11.826 1.00 20.56 ? 11   MET A C   1 
ATOM   84   O O   . MET A 1 12  ? -4.118  -0.429  -11.668 1.00 20.33 ? 11   MET A O   1 
ATOM   85   C CB  . MET A 1 12  ? -4.873  2.323   -9.996  1.00 19.72 ? 11   MET A CB  1 
ATOM   86   C CG  . MET A 1 12  ? -4.523  3.141   -8.759  1.00 18.98 ? 11   MET A CG  1 
ATOM   87   S SD  . MET A 1 12  ? -3.767  2.140   -7.426  1.00 21.56 ? 11   MET A SD  1 
ATOM   88   C CE  . MET A 1 12  ? -5.261  1.447   -6.718  1.00 20.57 ? 11   MET A CE  1 
ATOM   89   N N   . LYS A 1 13  ? -4.186  1.409   -13.011 1.00 20.13 ? 12   LYS A N   1 
ATOM   90   C CA  . LYS A 1 13  ? -4.551  0.595   -14.164 1.00 22.02 ? 12   LYS A CA  1 
ATOM   91   C C   . LYS A 1 13  ? -3.428  -0.415  -14.495 1.00 22.41 ? 12   LYS A C   1 
ATOM   92   O O   . LYS A 1 13  ? -3.707  -1.571  -14.832 1.00 24.00 ? 12   LYS A O   1 
ATOM   93   C CB  . LYS A 1 13  ? -4.871  1.503   -15.359 1.00 22.50 ? 12   LYS A CB  1 
ATOM   94   C CG  . LYS A 1 13  ? -5.244  0.810   -16.681 1.00 30.20 ? 12   LYS A CG  1 
ATOM   95   C CD  . LYS A 1 13  ? -5.477  1.878   -17.773 1.00 37.15 ? 12   LYS A CD  1 
ATOM   96   C CE  . LYS A 1 13  ? -6.570  1.484   -18.782 1.00 41.17 ? 12   LYS A CE  1 
ATOM   97   N NZ  . LYS A 1 13  ? -6.352  0.151   -19.441 1.00 43.81 ? 12   LYS A NZ  1 
ATOM   98   N N   . ARG A 1 14  ? -2.179  0.023   -14.394 1.00 21.79 ? 13   ARG A N   1 
ATOM   99   C CA  . ARG A 1 14  ? -1.025  -0.782  -14.787 1.00 22.22 ? 13   ARG A CA  1 
ATOM   100  C C   . ARG A 1 14  ? -0.561  -1.742  -13.709 1.00 22.92 ? 13   ARG A C   1 
ATOM   101  O O   . ARG A 1 14  ? -0.086  -2.856  -13.996 1.00 24.09 ? 13   ARG A O   1 
ATOM   102  C CB  . ARG A 1 14  ? 0.119   0.173   -15.137 1.00 24.20 ? 13   ARG A CB  1 
ATOM   103  C CG  . ARG A 1 14  ? 1.251   -0.477  -15.905 1.00 28.51 ? 13   ARG A CG  1 
ATOM   104  C CD  . ARG A 1 14  ? 0.780   -0.855  -17.332 1.00 35.61 ? 13   ARG A CD  1 
ATOM   105  N NE  . ARG A 1 14  ? 1.573   -1.971  -17.835 1.00 40.97 ? 13   ARG A NE  1 
ATOM   106  C CZ  . ARG A 1 14  ? 2.607   -1.831  -18.654 1.00 43.66 ? 13   ARG A CZ  1 
ATOM   107  N NH1 . ARG A 1 14  ? 2.958   -0.617  -19.081 1.00 45.26 ? 13   ARG A NH1 1 
ATOM   108  N NH2 . ARG A 1 14  ? 3.274   -2.905  -19.055 1.00 44.45 ? 13   ARG A NH2 1 
ATOM   109  N N   . ASN A 1 15  ? -0.649  -1.324  -12.446 1.00 22.27 ? 14   ASN A N   1 
ATOM   110  C CA  . ASN A 1 15  ? 0.043   -2.083  -11.387 1.00 21.25 ? 14   ASN A CA  1 
ATOM   111  C C   . ASN A 1 15  ? -0.838  -2.592  -10.259 1.00 20.95 ? 14   ASN A C   1 
ATOM   112  O O   . ASN A 1 15  ? -0.344  -3.293  -9.385  1.00 20.54 ? 14   ASN A O   1 
ATOM   113  C CB  . ASN A 1 15  ? 1.218   -1.292  -10.784 1.00 21.12 ? 14   ASN A CB  1 
ATOM   114  C CG  . ASN A 1 15  ? 2.463   -1.450  -11.606 1.00 22.27 ? 14   ASN A CG  1 
ATOM   115  O OD1 . ASN A 1 15  ? 3.394   -2.177  -11.240 1.00 24.64 ? 14   ASN A OD1 1 
ATOM   116  N ND2 . ASN A 1 15  ? 2.437   -0.861  -12.761 1.00 19.90 ? 14   ASN A ND2 1 
ATOM   117  N N   . SER A 1 16  ? -2.123  -2.255  -10.272 1.00 21.12 ? 15   SER A N   1 
ATOM   118  C CA  . SER A 1 16  ? -2.949  -2.610  -9.086  1.00 19.36 ? 15   SER A CA  1 
ATOM   119  C C   . SER A 1 16  ? -3.846  -3.806  -9.410  1.00 20.39 ? 15   SER A C   1 
ATOM   120  O O   . SER A 1 16  ? -4.145  -4.093  -10.580 1.00 20.43 ? 15   SER A O   1 
ATOM   121  C CB  . SER A 1 16  ? -3.779  -1.405  -8.561  1.00 18.37 ? 15   SER A CB  1 
ATOM   122  O OG  . SER A 1 16  ? -5.001  -1.275  -9.247  1.00 19.71 ? 15   SER A OG  1 
ATOM   123  N N   . SER A 1 17  ? -4.243  -4.526  -8.359  1.00 20.05 ? 16   SER A N   1 
ATOM   124  C CA  . SER A 1 17  ? -5.203  -5.621  -8.493  1.00 19.12 ? 16   SER A CA  1 
ATOM   125  C C   . SER A 1 17  ? -6.045  -5.656  -7.229  1.00 19.44 ? 16   SER A C   1 
ATOM   126  O O   . SER A 1 17  ? -5.713  -5.041  -6.246  1.00 18.41 ? 16   SER A O   1 
ATOM   127  C CB  . SER A 1 17  ? -4.468  -6.970  -8.726  1.00 19.32 ? 16   SER A CB  1 
ATOM   128  O OG  . SER A 1 17  ? -3.592  -7.278  -7.673  1.00 24.42 ? 16   SER A OG  1 
ATOM   129  N N   . THR A 1 18  ? -7.106  -6.432  -7.233  1.00 19.02 ? 17   THR A N   1 
ATOM   130  C CA  . THR A 1 18  ? -7.938  -6.560  -6.050  1.00 20.65 ? 17   THR A CA  1 
ATOM   131  C C   . THR A 1 18  ? -7.690  -7.956  -5.513  1.00 21.62 ? 17   THR A C   1 
ATOM   132  O O   . THR A 1 18  ? -7.748  -8.939  -6.280  1.00 22.48 ? 17   THR A O   1 
ATOM   133  C CB  . THR A 1 18  ? -9.420  -6.496  -6.399  1.00 21.30 ? 17   THR A CB  1 
ATOM   134  O OG1 . THR A 1 18  ? -9.742  -5.255  -7.051  1.00 22.11 ? 17   THR A OG1 1 
ATOM   135  C CG2 . THR A 1 18  ? -10.254 -6.669  -5.125  1.00 22.31 ? 17   THR A CG2 1 
ATOM   136  N N   . VAL A 1 19  ? -7.481  -8.067  -4.209  1.00 20.32 ? 18   VAL A N   1 
ATOM   137  C CA  . VAL A 1 19  ? -7.016  -9.341  -3.672  1.00 21.65 ? 18   VAL A CA  1 
ATOM   138  C C   . VAL A 1 19  ? -7.859  -9.707  -2.486  1.00 21.16 ? 18   VAL A C   1 
ATOM   139  O O   . VAL A 1 19  ? -8.285  -8.844  -1.758  1.00 21.55 ? 18   VAL A O   1 
ATOM   140  C CB  . VAL A 1 19  ? -5.544  -9.193  -3.242  1.00 20.96 ? 18   VAL A CB  1 
ATOM   141  C CG1 . VAL A 1 19  ? -5.160  -10.125 -2.083  1.00 23.87 ? 18   VAL A CG1 1 
ATOM   142  C CG2 . VAL A 1 19  ? -4.647  -9.394  -4.486  1.00 23.00 ? 18   VAL A CG2 1 
ATOM   143  N N   . LYS A 1 20  ? -8.162  -10.996 -2.339  1.00 20.52 ? 19   LYS A N   1 
ATOM   144  C CA  . LYS A 1 20  ? -8.870  -11.458 -1.176  1.00 20.96 ? 19   LYS A CA  1 
ATOM   145  C C   . LYS A 1 20  ? -7.979  -12.471 -0.447  1.00 20.08 ? 19   LYS A C   1 
ATOM   146  O O   . LYS A 1 20  ? -7.411  -13.349 -1.068  1.00 21.26 ? 19   LYS A O   1 
ATOM   147  C CB  . LYS A 1 20  ? -10.208 -12.090 -1.594  1.00 22.06 ? 19   LYS A CB  1 
ATOM   148  C CG  . LYS A 1 20  ? -11.131 -12.379 -0.430  1.00 28.58 ? 19   LYS A CG  1 
ATOM   149  C CD  . LYS A 1 20  ? -12.566 -12.786 -0.944  1.00 36.26 ? 19   LYS A CD  1 
ATOM   150  C CE  . LYS A 1 20  ? -13.147 -13.964 -0.125  1.00 39.70 ? 19   LYS A CE  1 
ATOM   151  N NZ  . LYS A 1 20  ? -13.699 -15.122 -0.992  1.00 41.52 ? 19   LYS A NZ  1 
ATOM   152  N N   . THR A 1 21  ? -7.812  -12.265 0.864   1.00 20.18 ? 20   THR A N   1 
ATOM   153  C CA  . THR A 1 21  ? -7.217  -13.248 1.752   1.00 19.55 ? 20   THR A CA  1 
ATOM   154  C C   . THR A 1 21  ? -8.335  -13.719 2.677   1.00 19.97 ? 20   THR A C   1 
ATOM   155  O O   . THR A 1 21  ? -9.488  -13.266 2.592   1.00 19.71 ? 20   THR A O   1 
ATOM   156  C CB  . THR A 1 21  ? -6.060  -12.646 2.616   1.00 18.93 ? 20   THR A CB  1 
ATOM   157  O OG1 . THR A 1 21  ? -6.648  -11.772 3.581   1.00 19.16 ? 20   THR A OG1 1 
ATOM   158  C CG2 . THR A 1 21  ? -5.042  -11.879 1.744   1.00 20.62 ? 20   THR A CG2 1 
ATOM   159  N N   . GLU A 1 22  ? -7.994  -14.623 3.606   1.00 20.11 ? 21   GLU A N   1 
ATOM   160  C CA  . GLU A 1 22  ? -9.034  -15.014 4.589   1.00 20.96 ? 21   GLU A CA  1 
ATOM   161  C C   . GLU A 1 22  ? -9.419  -13.883 5.513   1.00 21.44 ? 21   GLU A C   1 
ATOM   162  O O   . GLU A 1 22  ? -10.465 -13.960 6.153   1.00 21.71 ? 21   GLU A O   1 
ATOM   163  C CB  . GLU A 1 22  ? -8.632  -16.255 5.397   1.00 19.73 ? 21   GLU A CB  1 
ATOM   164  C CG  . GLU A 1 22  ? -8.501  -17.463 4.497   1.00 20.59 ? 21   GLU A CG  1 
ATOM   165  C CD  . GLU A 1 22  ? -7.084  -17.758 4.025   1.00 27.78 ? 21   GLU A CD  1 
ATOM   166  O OE1 . GLU A 1 22  ? -6.227  -16.850 3.919   1.00 30.67 ? 21   GLU A OE1 1 
ATOM   167  O OE2 . GLU A 1 22  ? -6.798  -18.943 3.726   1.00 30.46 ? 21   GLU A OE2 1 
ATOM   168  N N   . TYR A 1 23  ? -8.577  -12.824 5.550   1.00 21.14 ? 22   TYR A N   1 
ATOM   169  C CA  . TYR A 1 23  ? -8.785  -11.678 6.406   1.00 19.96 ? 22   TYR A CA  1 
ATOM   170  C C   . TYR A 1 23  ? -9.492  -10.461 5.771   1.00 20.64 ? 22   TYR A C   1 
ATOM   171  O O   . TYR A 1 23  ? -9.841  -9.525  6.485   1.00 21.60 ? 22   TYR A O   1 
ATOM   172  C CB  . TYR A 1 23  ? -7.457  -11.234 7.115   1.00 19.71 ? 22   TYR A CB  1 
ATOM   173  C CG  . TYR A 1 23  ? -7.134  -12.225 8.212   1.00 18.65 ? 22   TYR A CG  1 
ATOM   174  C CD1 . TYR A 1 23  ? -6.539  -13.432 7.898   1.00 20.62 ? 22   TYR A CD1 1 
ATOM   175  C CD2 . TYR A 1 23  ? -7.506  -11.974 9.537   1.00 21.30 ? 22   TYR A CD2 1 
ATOM   176  C CE1 . TYR A 1 23  ? -6.301  -14.409 8.908   1.00 20.55 ? 22   TYR A CE1 1 
ATOM   177  C CE2 . TYR A 1 23  ? -7.263  -12.936 10.537  1.00 18.63 ? 22   TYR A CE2 1 
ATOM   178  C CZ  . TYR A 1 23  ? -6.668  -14.141 10.194  1.00 21.75 ? 22   TYR A CZ  1 
ATOM   179  O OH  . TYR A 1 23  ? -6.447  -15.097 11.182  1.00 21.37 ? 22   TYR A OH  1 
ATOM   180  N N   . GLY A 1 24  ? -9.726  -10.490 4.464   1.00 20.16 ? 23   GLY A N   1 
ATOM   181  C CA  . GLY A 1 24  ? -10.503 -9.425  3.847   1.00 20.91 ? 23   GLY A CA  1 
ATOM   182  C C   . GLY A 1 24  ? -10.127 -9.264  2.403   1.00 19.59 ? 23   GLY A C   1 
ATOM   183  O O   . GLY A 1 24  ? -9.318  -10.000 1.862   1.00 21.08 ? 23   GLY A O   1 
ATOM   184  N N   . GLU A 1 25  ? -10.675 -8.203  1.847   1.00 20.17 ? 24   GLU A N   1 
ATOM   185  C CA  . GLU A 1 25  ? -10.425 -7.797  0.478   1.00 20.47 ? 24   GLU A CA  1 
ATOM   186  C C   . GLU A 1 25  ? -9.548  -6.528  0.544   1.00 18.91 ? 24   GLU A C   1 
ATOM   187  O O   . GLU A 1 25  ? -9.859  -5.603  1.276   1.00 20.10 ? 24   GLU A O   1 
ATOM   188  C CB  . GLU A 1 25  ? -11.739 -7.495  -0.203  1.00 21.41 ? 24   GLU A CB  1 
ATOM   189  C CG  . GLU A 1 25  ? -11.568 -7.354  -1.689  1.00 25.04 ? 24   GLU A CG  1 
ATOM   190  C CD  . GLU A 1 25  ? -12.876 -7.070  -2.391  1.00 28.86 ? 24   GLU A CD  1 
ATOM   191  O OE1 . GLU A 1 25  ? -13.869 -6.664  -1.751  1.00 35.68 ? 24   GLU A OE1 1 
ATOM   192  O OE2 . GLU A 1 25  ? -12.894 -7.257  -3.591  1.00 28.77 ? 24   GLU A OE2 1 
ATOM   193  N N   . PHE A 1 26  ? -8.491  -6.511  -0.247  1.00 18.81 ? 25   PHE A N   1 
ATOM   194  C CA  . PHE A 1 26  ? -7.500  -5.436  -0.184  1.00 18.82 ? 25   PHE A CA  1 
ATOM   195  C C   . PHE A 1 26  ? -7.115  -4.975  -1.598  1.00 18.32 ? 25   PHE A C   1 
ATOM   196  O O   . PHE A 1 26  ? -7.105  -5.753  -2.567  1.00 19.41 ? 25   PHE A O   1 
ATOM   197  C CB  . PHE A 1 26  ? -6.246  -5.930  0.528   1.00 18.54 ? 25   PHE A CB  1 
ATOM   198  C CG  . PHE A 1 26  ? -6.496  -6.372  1.928   1.00 18.49 ? 25   PHE A CG  1 
ATOM   199  C CD1 . PHE A 1 26  ? -6.922  -7.678  2.171   1.00 21.51 ? 25   PHE A CD1 1 
ATOM   200  C CD2 . PHE A 1 26  ? -6.329  -5.497  2.995   1.00 22.90 ? 25   PHE A CD2 1 
ATOM   201  C CE1 . PHE A 1 26  ? -7.173  -8.099  3.469   1.00 21.85 ? 25   PHE A CE1 1 
ATOM   202  C CE2 . PHE A 1 26  ? -6.580  -5.928  4.323   1.00 24.07 ? 25   PHE A CE2 1 
ATOM   203  C CZ  . PHE A 1 26  ? -7.012  -7.222  4.539   1.00 23.28 ? 25   PHE A CZ  1 
ATOM   204  N N   . THR A 1 27  ? -6.744  -3.717  -1.702  1.00 19.21 ? 26   THR A N   1 
ATOM   205  C CA  . THR A 1 27  ? -6.049  -3.248  -2.894  1.00 18.36 ? 26   THR A CA  1 
ATOM   206  C C   . THR A 1 27  ? -4.608  -3.793  -2.805  1.00 18.62 ? 26   THR A C   1 
ATOM   207  O O   . THR A 1 27  ? -3.956  -3.764  -1.726  1.00 17.71 ? 26   THR A O   1 
ATOM   208  C CB  . THR A 1 27  ? -5.965  -1.729  -2.843  1.00 19.22 ? 26   THR A CB  1 
ATOM   209  O OG1 . THR A 1 27  ? -7.266  -1.157  -2.707  1.00 17.42 ? 26   THR A OG1 1 
ATOM   210  C CG2 . THR A 1 27  ? -5.205  -1.143  -4.063  1.00 20.56 ? 26   THR A CG2 1 
ATOM   211  N N   . MET A 1 28  ? -4.109  -4.292  -3.908  1.00 18.47 ? 27   MET A N   1 
ATOM   212  C CA  . MET A 1 28  ? -2.726  -4.797  -3.947  1.00 19.56 ? 27   MET A CA  1 
ATOM   213  C C   . MET A 1 28  ? -1.906  -4.106  -5.027  1.00 19.61 ? 27   MET A C   1 
ATOM   214  O O   . MET A 1 28  ? -2.308  -4.096  -6.192  1.00 20.37 ? 27   MET A O   1 
ATOM   215  C CB  . MET A 1 28  ? -2.662  -6.328  -4.116  1.00 20.48 ? 27   MET A CB  1 
ATOM   216  C CG  . MET A 1 28  ? -1.221  -6.846  -4.037  1.00 23.14 ? 27   MET A CG  1 
ATOM   217  S SD  . MET A 1 28  ? -1.060  -8.648  -3.947  1.00 23.83 ? 27   MET A SD  1 
ATOM   218  C CE  . MET A 1 28  ? -1.313  -9.013  -5.699  1.00 23.41 ? 27   MET A CE  1 
ATOM   219  N N   . LEU A 1 29  ? -0.757  -3.552  -4.641  1.00 17.01 ? 28   LEU A N   1 
ATOM   220  C CA  . LEU A 1 29  ? 0.168   -2.973  -5.630  1.00 17.93 ? 28   LEU A CA  1 
ATOM   221  C C   . LEU A 1 29  ? 1.321   -3.942  -5.995  1.00 18.04 ? 28   LEU A C   1 
ATOM   222  O O   . LEU A 1 29  ? 2.045   -4.403  -5.120  1.00 17.87 ? 28   LEU A O   1 
ATOM   223  C CB  . LEU A 1 29  ? 0.703   -1.629  -5.103  1.00 17.91 ? 28   LEU A CB  1 
ATOM   224  C CG  . LEU A 1 29  ? 1.491   -0.836  -6.145  1.00 17.41 ? 28   LEU A CG  1 
ATOM   225  C CD1 . LEU A 1 29  ? 0.608   -0.327  -7.249  1.00 18.54 ? 28   LEU A CD1 1 
ATOM   226  C CD2 . LEU A 1 29  ? 2.270   0.280   -5.450  1.00 18.24 ? 28   LEU A CD2 1 
ATOM   227  N N   . GLY A 1 30  ? 1.437   -4.297  -7.279  1.00 16.55 ? 29   GLY A N   1 
ATOM   228  C CA  . GLY A 1 30  ? 2.562   -5.097  -7.760  1.00 18.53 ? 29   GLY A CA  1 
ATOM   229  C C   . GLY A 1 30  ? 3.747   -4.180  -8.023  1.00 18.99 ? 29   GLY A C   1 
ATOM   230  O O   . GLY A 1 30  ? 3.582   -3.069  -8.562  1.00 20.32 ? 29   GLY A O   1 
ATOM   231  N N   . ILE A 1 31  ? 4.929   -4.651  -7.659  1.00 19.60 ? 30   ILE A N   1 
ATOM   232  C CA  . ILE A 1 31  ? 6.104   -3.764  -7.575  1.00 21.45 ? 30   ILE A CA  1 
ATOM   233  C C   . ILE A 1 31  ? 7.152   -4.052  -8.666  1.00 23.15 ? 30   ILE A C   1 
ATOM   234  O O   . ILE A 1 31  ? 7.530   -3.157  -9.411  1.00 23.26 ? 30   ILE A O   1 
ATOM   235  C CB  . ILE A 1 31  ? 6.751   -3.793  -6.187  1.00 20.75 ? 30   ILE A CB  1 
ATOM   236  C CG1 . ILE A 1 31  ? 5.782   -3.407  -5.060  1.00 19.61 ? 30   ILE A CG1 1 
ATOM   237  C CG2 . ILE A 1 31  ? 7.973   -2.857  -6.124  1.00 22.33 ? 30   ILE A CG2 1 
ATOM   238  C CD1 . ILE A 1 31  ? 5.049   -2.044  -5.226  1.00 22.91 ? 30   ILE A CD1 1 
ATOM   239  N N   . TYR A 1 32  ? 7.620   -5.294  -8.752  1.00 25.87 ? 31   TYR A N   1 
ATOM   240  C CA  . TYR A 1 32  ? 8.483   -5.697  -9.877  1.00 27.44 ? 31   TYR A CA  1 
ATOM   241  C C   . TYR A 1 32  ? 8.431   -7.208  -9.903  1.00 28.22 ? 31   TYR A C   1 
ATOM   242  O O   . TYR A 1 32  ? 8.059   -7.831  -8.900  1.00 28.51 ? 31   TYR A O   1 
ATOM   243  C CB  . TYR A 1 32  ? 9.922   -5.170  -9.705  1.00 28.80 ? 31   TYR A CB  1 
ATOM   244  C CG  . TYR A 1 32  ? 10.784  -5.974  -8.745  1.00 29.43 ? 31   TYR A CG  1 
ATOM   245  C CD1 . TYR A 1 32  ? 10.497  -6.002  -7.383  1.00 32.85 ? 31   TYR A CD1 1 
ATOM   246  C CD2 . TYR A 1 32  ? 11.876  -6.735  -9.210  1.00 32.50 ? 31   TYR A CD2 1 
ATOM   247  C CE1 . TYR A 1 32  ? 11.257  -6.748  -6.496  1.00 34.21 ? 31   TYR A CE1 1 
ATOM   248  C CE2 . TYR A 1 32  ? 12.657  -7.491  -8.319  1.00 32.88 ? 31   TYR A CE2 1 
ATOM   249  C CZ  . TYR A 1 32  ? 12.343  -7.496  -6.973  1.00 34.56 ? 31   TYR A CZ  1 
ATOM   250  O OH  . TYR A 1 32  ? 13.096  -8.223  -6.053  1.00 37.63 ? 31   TYR A OH  1 
ATOM   251  N N   . ASP A 1 33  ? 8.776   -7.805  -11.045 1.00 28.89 ? 32   ASP A N   1 
ATOM   252  C CA  . ASP A 1 33  ? 8.835   -9.249  -11.105 1.00 29.75 ? 32   ASP A CA  1 
ATOM   253  C C   . ASP A 1 33  ? 7.501   -9.875  -10.615 1.00 28.15 ? 32   ASP A C   1 
ATOM   254  O O   . ASP A 1 33  ? 6.454   -9.528  -11.110 1.00 28.26 ? 32   ASP A O   1 
ATOM   255  C CB  . ASP A 1 33  ? 10.039  -9.731  -10.300 1.00 29.43 ? 32   ASP A CB  1 
ATOM   256  C CG  . ASP A 1 33  ? 10.318  -11.204 -10.495 1.00 34.76 ? 32   ASP A CG  1 
ATOM   257  O OD1 . ASP A 1 33  ? 10.353  -11.645 -11.669 1.00 38.67 ? 32   ASP A OD1 1 
ATOM   258  O OD2 . ASP A 1 33  ? 10.466  -11.919 -9.466  1.00 39.15 ? 32   ASP A OD2 1 
ATOM   259  N N   . ARG A 1 34  ? 7.543   -10.801 -9.667  1.00 27.95 ? 33   ARG A N   1 
ATOM   260  C CA  . ARG A 1 34  ? 6.308   -11.296 -9.026  1.00 27.24 ? 33   ARG A CA  1 
ATOM   261  C C   . ARG A 1 34  ? 6.123   -10.834 -7.577  1.00 26.88 ? 33   ARG A C   1 
ATOM   262  O O   . ARG A 1 34  ? 5.357   -11.463 -6.827  1.00 25.90 ? 33   ARG A O   1 
ATOM   263  C CB  . ARG A 1 34  ? 6.281   -12.843 -9.054  1.00 28.81 ? 33   ARG A CB  1 
ATOM   264  C CG  . ARG A 1 34  ? 6.070   -13.410 -10.430 1.00 29.34 ? 33   ARG A CG  1 
ATOM   265  C CD  . ARG A 1 34  ? 7.385   -13.455 -11.193 1.00 34.74 ? 33   ARG A CD  1 
ATOM   266  N NE  . ARG A 1 34  ? 7.210   -14.032 -12.512 1.00 37.83 ? 33   ARG A NE  1 
ATOM   267  C CZ  . ARG A 1 34  ? 8.184   -14.641 -13.170 1.00 38.82 ? 33   ARG A CZ  1 
ATOM   268  N NH1 . ARG A 1 34  ? 9.385   -14.726 -12.619 1.00 35.63 ? 33   ARG A NH1 1 
ATOM   269  N NH2 . ARG A 1 34  ? 7.959   -15.136 -14.372 1.00 39.63 ? 33   ARG A NH2 1 
ATOM   270  N N   . TRP A 1 35  ? 6.849   -9.781  -7.180  1.00 24.39 ? 34   TRP A N   1 
ATOM   271  C CA  . TRP A 1 35  ? 6.749   -9.245  -5.841  1.00 24.42 ? 34   TRP A CA  1 
ATOM   272  C C   . TRP A 1 35  ? 5.676   -8.152  -5.776  1.00 22.18 ? 34   TRP A C   1 
ATOM   273  O O   . TRP A 1 35  ? 5.696   -7.215  -6.579  1.00 21.74 ? 34   TRP A O   1 
ATOM   274  C CB  . TRP A 1 35  ? 8.088   -8.659  -5.418  1.00 23.97 ? 34   TRP A CB  1 
ATOM   275  C CG  . TRP A 1 35  ? 9.043   -9.726  -4.938  1.00 26.68 ? 34   TRP A CG  1 
ATOM   276  C CD1 . TRP A 1 35  ? 10.064  -10.289 -5.637  1.00 27.12 ? 34   TRP A CD1 1 
ATOM   277  C CD2 . TRP A 1 35  ? 9.018   -10.366 -3.665  1.00 24.42 ? 34   TRP A CD2 1 
ATOM   278  N NE1 . TRP A 1 35  ? 10.712  -11.222 -4.865  1.00 26.80 ? 34   TRP A NE1 1 
ATOM   279  C CE2 . TRP A 1 35  ? 10.084  -11.303 -3.649  1.00 28.18 ? 34   TRP A CE2 1 
ATOM   280  C CE3 . TRP A 1 35  ? 8.215   -10.224 -2.524  1.00 29.15 ? 34   TRP A CE3 1 
ATOM   281  C CZ2 . TRP A 1 35  ? 10.355  -12.096 -2.551  1.00 29.25 ? 34   TRP A CZ2 1 
ATOM   282  C CZ3 . TRP A 1 35  ? 8.484   -11.011 -1.433  1.00 29.75 ? 34   TRP A CZ3 1 
ATOM   283  C CH2 . TRP A 1 35  ? 9.548   -11.947 -1.454  1.00 32.19 ? 34   TRP A CH2 1 
ATOM   284  N N   . ALA A 1 36  ? 4.785   -8.277  -4.795  1.00 21.68 ? 35   ALA A N   1 
ATOM   285  C CA  . ALA A 1 36  ? 3.750   -7.260  -4.490  1.00 21.63 ? 35   ALA A CA  1 
ATOM   286  C C   . ALA A 1 36  ? 3.799   -6.915  -3.012  1.00 21.57 ? 35   ALA A C   1 
ATOM   287  O O   . ALA A 1 36  ? 4.584   -7.466  -2.257  1.00 21.95 ? 35   ALA A O   1 
ATOM   288  C CB  . ALA A 1 36  ? 2.328   -7.791  -4.843  1.00 20.88 ? 35   ALA A CB  1 
ATOM   289  N N   . VAL A 1 37  ? 2.942   -5.976  -2.617  1.00 20.57 ? 36   VAL A N   1 
ATOM   290  C CA  . VAL A 1 37  ? 2.892   -5.547  -1.258  1.00 21.01 ? 36   VAL A CA  1 
ATOM   291  C C   . VAL A 1 37  ? 1.427   -5.454  -0.782  1.00 20.09 ? 36   VAL A C   1 
ATOM   292  O O   . VAL A 1 37  ? 0.538   -5.084  -1.555  1.00 21.42 ? 36   VAL A O   1 
ATOM   293  C CB  . VAL A 1 37  ? 3.654   -4.187  -1.045  1.00 20.69 ? 36   VAL A CB  1 
ATOM   294  C CG1 . VAL A 1 37  ? 3.056   -3.058  -1.896  1.00 21.17 ? 36   VAL A CG1 1 
ATOM   295  C CG2 . VAL A 1 37  ? 3.638   -3.765  0.436   1.00 22.70 ? 36   VAL A CG2 1 
ATOM   296  N N   . LEU A 1 38  ? 1.209   -5.818  0.489   1.00 20.59 ? 37   LEU A N   1 
ATOM   297  C CA  . LEU A 1 38  ? -0.051  -5.745  1.183   1.00 20.16 ? 37   LEU A CA  1 
ATOM   298  C C   . LEU A 1 38  ? 0.151   -5.147  2.577   1.00 21.18 ? 37   LEU A C   1 
ATOM   299  O O   . LEU A 1 38  ? 1.262   -5.240  3.139   1.00 20.93 ? 37   LEU A O   1 
ATOM   300  C CB  . LEU A 1 38  ? -0.668  -7.175  1.330   1.00 20.14 ? 37   LEU A CB  1 
ATOM   301  C CG  . LEU A 1 38  ? -1.336  -7.779  0.099   1.00 20.71 ? 37   LEU A CG  1 
ATOM   302  C CD1 . LEU A 1 38  ? -1.680  -9.266  0.342   1.00 19.36 ? 37   LEU A CD1 1 
ATOM   303  C CD2 . LEU A 1 38  ? -2.621  -6.977  -0.282  1.00 20.68 ? 37   LEU A CD2 1 
ATOM   304  N N   . PRO A 1 39  ? -0.899  -4.495  3.118   1.00 20.65 ? 38   PRO A N   1 
ATOM   305  C CA  . PRO A 1 39  ? -0.825  -4.098  4.521   1.00 21.69 ? 38   PRO A CA  1 
ATOM   306  C C   . PRO A 1 39  ? -0.679  -5.351  5.356   1.00 22.23 ? 38   PRO A C   1 
ATOM   307  O O   . PRO A 1 39  ? -1.153  -6.400  4.932   1.00 20.43 ? 38   PRO A O   1 
ATOM   308  C CB  . PRO A 1 39  ? -2.145  -3.395  4.776   1.00 21.93 ? 38   PRO A CB  1 
ATOM   309  C CG  . PRO A 1 39  ? -3.041  -3.762  3.646   1.00 22.51 ? 38   PRO A CG  1 
ATOM   310  C CD  . PRO A 1 39  ? -2.237  -4.308  2.522   1.00 21.47 ? 38   PRO A CD  1 
ATOM   311  N N   . ARG A 1 40  ? 0.042   -5.260  6.474   1.00 22.20 ? 39   ARG A N   1 
ATOM   312  C CA  . ARG A 1 40  ? 0.411   -6.480  7.200   1.00 24.05 ? 39   ARG A CA  1 
ATOM   313  C C   . ARG A 1 40  ? -0.840  -7.236  7.632   1.00 23.72 ? 39   ARG A C   1 
ATOM   314  O O   . ARG A 1 40  ? -0.831  -8.463  7.680   1.00 23.60 ? 39   ARG A O   1 
ATOM   315  C CB  . ARG A 1 40  ? 1.287   -6.180  8.417   1.00 24.78 ? 39   ARG A CB  1 
ATOM   316  C CG  . ARG A 1 40  ? 1.587   -7.425  9.203   1.00 28.24 ? 39   ARG A CG  1 
ATOM   317  C CD  . ARG A 1 40  ? 2.523   -7.192  10.371  1.00 36.90 ? 39   ARG A CD  1 
ATOM   318  N NE  . ARG A 1 40  ? 1.987   -6.390  11.479  1.00 43.06 ? 39   ARG A NE  1 
ATOM   319  C CZ  . ARG A 1 40  ? 0.749   -6.414  11.990  1.00 46.29 ? 39   ARG A CZ  1 
ATOM   320  N NH1 . ARG A 1 40  ? -0.201  -7.227  11.529  1.00 47.46 ? 39   ARG A NH1 1 
ATOM   321  N NH2 . ARG A 1 40  ? 0.464   -5.608  13.006  1.00 47.44 ? 39   ARG A NH2 1 
ATOM   322  N N   . HIS A 1 41  ? -1.877  -6.485  7.983   1.00 24.14 ? 40   HIS A N   1 
ATOM   323  C CA  . HIS A 1 41  ? -3.124  -7.073  8.472   1.00 25.64 ? 40   HIS A CA  1 
ATOM   324  C C   . HIS A 1 41  ? -3.840  -7.964  7.462   1.00 24.84 ? 40   HIS A C   1 
ATOM   325  O O   . HIS A 1 41  ? -4.737  -8.735  7.845   1.00 26.19 ? 40   HIS A O   1 
ATOM   326  C CB  . HIS A 1 41  ? -4.076  -6.007  9.015   1.00 26.90 ? 40   HIS A CB  1 
ATOM   327  C CG  . HIS A 1 41  ? -3.989  -4.684  8.329   1.00 30.79 ? 40   HIS A CG  1 
ATOM   328  N ND1 . HIS A 1 41  ? -2.999  -3.759  8.608   0.50 30.91 ? 40   HIS A ND1 1 
ATOM   329  C CD2 . HIS A 1 41  ? -4.796  -4.107  7.408   0.50 31.39 ? 40   HIS A CD2 1 
ATOM   330  C CE1 . HIS A 1 41  ? -3.197  -2.677  7.881   0.50 31.76 ? 40   HIS A CE1 1 
ATOM   331  N NE2 . HIS A 1 41  ? -4.280  -2.862  7.145   0.50 31.64 ? 40   HIS A NE2 1 
ATOM   332  N N   . ALA A 1 42  ? -3.486  -7.852  6.179   1.00 22.77 ? 41   ALA A N   1 
ATOM   333  C CA  . ALA A 1 42  ? -4.005  -8.799  5.192   1.00 21.76 ? 41   ALA A CA  1 
ATOM   334  C C   . ALA A 1 42  ? -3.599  -10.267 5.457   1.00 22.08 ? 41   ALA A C   1 
ATOM   335  O O   . ALA A 1 42  ? -4.342  -11.181 5.041   1.00 22.06 ? 41   ALA A O   1 
ATOM   336  C CB  . ALA A 1 42  ? -3.617  -8.389  3.745   1.00 21.17 ? 41   ALA A CB  1 
ATOM   337  N N   . LYS A 1 43  ? -2.491  -10.480 6.176   1.00 22.06 ? 42   LYS A N   1 
ATOM   338  C CA  . LYS A 1 43  ? -2.065  -11.841 6.665   1.00 22.54 ? 42   LYS A CA  1 
ATOM   339  C C   . LYS A 1 43  ? -2.267  -12.911 5.610   1.00 23.01 ? 42   LYS A C   1 
ATOM   340  O O   . LYS A 1 43  ? -3.060  -13.865 5.829   1.00 22.38 ? 42   LYS A O   1 
ATOM   341  C CB  . LYS A 1 43  ? -2.866  -12.270 7.917   1.00 23.30 ? 42   LYS A CB  1 
ATOM   342  C CG  . LYS A 1 43  ? -2.678  -11.407 9.147   1.00 26.68 ? 42   LYS A CG  1 
ATOM   343  C CD  . LYS A 1 43  ? -3.776  -11.743 10.190  1.00 25.44 ? 42   LYS A CD  1 
ATOM   344  C CE  . LYS A 1 43  ? -4.061  -10.579 11.094  1.00 28.18 ? 42   LYS A CE  1 
ATOM   345  N NZ  . LYS A 1 43  ? -2.845  -10.294 11.919  1.00 31.48 ? 42   LYS A NZ  1 
ATOM   346  N N   . PRO A 1 44  ? -1.628  -12.730 4.436   1.00 23.84 ? 43   PRO A N   1 
ATOM   347  C CA  . PRO A 1 44  ? -1.875  -13.615 3.307   1.00 24.33 ? 43   PRO A CA  1 
ATOM   348  C C   . PRO A 1 44  ? -1.470  -15.061 3.634   1.00 25.82 ? 43   PRO A C   1 
ATOM   349  O O   . PRO A 1 44  ? -0.425  -15.280 4.265   1.00 27.35 ? 43   PRO A O   1 
ATOM   350  C CB  . PRO A 1 44  ? -0.946  -13.060 2.226   1.00 24.72 ? 43   PRO A CB  1 
ATOM   351  C CG  . PRO A 1 44  ? 0.059   -12.197 2.949   1.00 22.84 ? 43   PRO A CG  1 
ATOM   352  C CD  . PRO A 1 44  ? -0.748  -11.615 4.062   1.00 23.53 ? 43   PRO A CD  1 
ATOM   353  N N   . GLY A 1 45  ? -2.280  -16.011 3.180   1.00 25.62 ? 44   GLY A N   1 
ATOM   354  C CA  . GLY A 1 45  ? -2.022  -17.434 3.421   1.00 26.27 ? 44   GLY A CA  1 
ATOM   355  C C   . GLY A 1 45  ? -1.282  -18.036 2.244   1.00 27.28 ? 44   GLY A C   1 
ATOM   356  O O   . GLY A 1 45  ? -0.723  -17.303 1.400   1.00 27.21 ? 44   GLY A O   1 
ATOM   357  N N   . PRO A 1 46  ? -1.269  -19.381 2.156   1.00 27.26 ? 45   PRO A N   1 
ATOM   358  C CA  . PRO A 1 46  ? -0.572  -20.045 1.032   1.00 28.18 ? 45   PRO A CA  1 
ATOM   359  C C   . PRO A 1 46  ? -1.181  -19.801 -0.354  1.00 28.04 ? 45   PRO A C   1 
ATOM   360  O O   . PRO A 1 46  ? -0.473  -19.952 -1.349  1.00 29.20 ? 45   PRO A O   1 
ATOM   361  C CB  . PRO A 1 46  ? -0.666  -21.548 1.374   1.00 27.98 ? 45   PRO A CB  1 
ATOM   362  C CG  . PRO A 1 46  ? -1.194  -21.627 2.815   1.00 27.97 ? 45   PRO A CG  1 
ATOM   363  C CD  . PRO A 1 46  ? -1.927  -20.335 3.080   1.00 27.18 ? 45   PRO A CD  1 
ATOM   364  N N   . THR A 1 47  ? -2.462  -19.446 -0.410  1.00 28.55 ? 46   THR A N   1 
ATOM   365  C CA  . THR A 1 47  ? -3.108  -19.006 -1.650  1.00 29.52 ? 46   THR A CA  1 
ATOM   366  C C   . THR A 1 47  ? -3.896  -17.693 -1.429  1.00 28.35 ? 46   THR A C   1 
ATOM   367  O O   . THR A 1 47  ? -4.462  -17.464 -0.349  1.00 28.03 ? 46   THR A O   1 
ATOM   368  C CB  . THR A 1 47  ? -4.028  -20.117 -2.240  1.00 29.84 ? 46   THR A CB  1 
ATOM   369  O OG1 . THR A 1 47  ? -4.244  -19.875 -3.634  1.00 36.91 ? 46   THR A OG1 1 
ATOM   370  C CG2 . THR A 1 47  ? -5.385  -20.144 -1.555  1.00 31.92 ? 46   THR A CG2 1 
ATOM   371  N N   . ILE A 1 48  ? -3.929  -16.835 -2.447  1.00 27.30 ? 47   ILE A N   1 
ATOM   372  C CA  . ILE A 1 48  ? -4.780  -15.654 -2.389  1.00 25.13 ? 47   ILE A CA  1 
ATOM   373  C C   . ILE A 1 48  ? -5.729  -15.669 -3.600  1.00 25.13 ? 47   ILE A C   1 
ATOM   374  O O   . ILE A 1 48  ? -5.516  -16.443 -4.536  1.00 25.38 ? 47   ILE A O   1 
ATOM   375  C CB  . ILE A 1 48  ? -3.925  -14.324 -2.306  1.00 25.11 ? 47   ILE A CB  1 
ATOM   376  C CG1 . ILE A 1 48  ? -3.041  -14.130 -3.555  1.00 23.84 ? 47   ILE A CG1 1 
ATOM   377  C CG2 . ILE A 1 48  ? -3.123  -14.254 -0.986  1.00 23.51 ? 47   ILE A CG2 1 
ATOM   378  C CD1 . ILE A 1 48  ? -2.424  -12.705 -3.648  1.00 26.30 ? 47   ILE A CD1 1 
ATOM   379  N N   . LEU A 1 49  ? -6.780  -14.855 -3.565  1.00 25.24 ? 48   LEU A N   1 
ATOM   380  C CA  . LEU A 1 49  ? -7.576  -14.570 -4.789  1.00 26.53 ? 48   LEU A CA  1 
ATOM   381  C C   . LEU A 1 49  ? -7.049  -13.260 -5.336  1.00 25.57 ? 48   LEU A C   1 
ATOM   382  O O   . LEU A 1 49  ? -7.020  -12.286 -4.603  1.00 26.55 ? 48   LEU A O   1 
ATOM   383  C CB  . LEU A 1 49  ? -9.065  -14.429 -4.451  1.00 27.56 ? 48   LEU A CB  1 
ATOM   384  C CG  . LEU A 1 49  ? -10.015 -15.582 -4.791  1.00 31.24 ? 48   LEU A CG  1 
ATOM   385  C CD1 . LEU A 1 49  ? -9.222  -16.822 -5.168  1.00 32.24 ? 48   LEU A CD1 1 
ATOM   386  C CD2 . LEU A 1 49  ? -10.911 -15.864 -3.631  1.00 35.12 ? 48   LEU A CD2 1 
ATOM   387  N N   . MET A 1 50  ? -6.619  -13.241 -6.598  1.00 25.19 ? 49   MET A N   1 
ATOM   388  C CA  . MET A 1 50  ? -6.157  -12.019 -7.242  1.00 24.50 ? 49   MET A CA  1 
ATOM   389  C C   . MET A 1 50  ? -7.020  -11.858 -8.480  1.00 24.65 ? 49   MET A C   1 
ATOM   390  O O   . MET A 1 50  ? -7.021  -12.737 -9.336  1.00 25.14 ? 49   MET A O   1 
ATOM   391  C CB  . MET A 1 50  ? -4.678  -12.116 -7.567  1.00 23.55 ? 49   MET A CB  1 
ATOM   392  C CG  . MET A 1 50  ? -4.074  -10.910 -8.323  1.00 23.91 ? 49   MET A CG  1 
ATOM   393  S SD  . MET A 1 50  ? -2.376  -11.326 -8.700  1.00 29.64 ? 49   MET A SD  1 
ATOM   394  C CE  . MET A 1 50  ? -1.817  -9.920  -9.681  1.00 24.35 ? 49   MET A CE  1 
ATOM   395  N N   . ASN A 1 51  ? -7.811  -10.776 -8.511  1.00 25.32 ? 50   ASN A N   1 
ATOM   396  C CA  . ASN A 1 51  ? -8.837  -10.557 -9.531  1.00 25.23 ? 50   ASN A CA  1 
ATOM   397  C C   . ASN A 1 51  ? -9.664  -11.823 -9.713  1.00 26.28 ? 50   ASN A C   1 
ATOM   398  O O   . ASN A 1 51  ? -9.839  -12.293 -10.827 1.00 25.59 ? 50   ASN A O   1 
ATOM   399  C CB  . ASN A 1 51  ? -8.226  -10.062 -10.850 1.00 26.64 ? 50   ASN A CB  1 
ATOM   400  C CG  . ASN A 1 51  ? -7.402  -8.783  -10.662 1.00 27.15 ? 50   ASN A CG  1 
ATOM   401  O OD1 . ASN A 1 51  ? -7.765  -7.900  -9.869  1.00 29.12 ? 50   ASN A OD1 1 
ATOM   402  N ND2 . ASN A 1 51  ? -6.298  -8.678  -11.395 1.00 29.57 ? 50   ASN A ND2 1 
ATOM   403  N N   . ASP A 1 52  ? -10.094 -12.389 -8.588  1.00 26.20 ? 51   ASP A N   1 
ATOM   404  C CA  . ASP A 1 52  ? -11.034 -13.525 -8.552  1.00 28.16 ? 51   ASP A CA  1 
ATOM   405  C C   . ASP A 1 52  ? -10.408 -14.867 -8.951  1.00 28.26 ? 51   ASP A C   1 
ATOM   406  O O   . ASP A 1 52  ? -11.119 -15.849 -9.129  1.00 29.03 ? 51   ASP A O   1 
ATOM   407  C CB  . ASP A 1 52  ? -12.261 -13.277 -9.446  1.00 28.10 ? 51   ASP A CB  1 
ATOM   408  C CG  . ASP A 1 52  ? -13.104 -12.130 -8.975  1.00 31.35 ? 51   ASP A CG  1 
ATOM   409  O OD1 . ASP A 1 52  ? -13.211 -11.942 -7.747  1.00 35.72 ? 51   ASP A OD1 1 
ATOM   410  O OD2 . ASP A 1 52  ? -13.680 -11.417 -9.835  1.00 34.37 ? 51   ASP A OD2 1 
ATOM   411  N N   . GLN A 1 53  ? -9.098  -14.905 -9.114  1.00 28.51 ? 52   GLN A N   1 
ATOM   412  C CA  . GLN A 1 53  ? -8.440  -16.089 -9.594  1.00 29.80 ? 52   GLN A CA  1 
ATOM   413  C C   . GLN A 1 53  ? -7.468  -16.564 -8.530  1.00 29.84 ? 52   GLN A C   1 
ATOM   414  O O   . GLN A 1 53  ? -6.720  -15.772 -7.996  1.00 28.34 ? 52   GLN A O   1 
ATOM   415  C CB  . GLN A 1 53  ? -7.732  -15.735 -10.894 1.00 30.59 ? 52   GLN A CB  1 
ATOM   416  C CG  . GLN A 1 53  ? -6.834  -16.782 -11.441 1.00 33.07 ? 52   GLN A CG  1 
ATOM   417  C CD  . GLN A 1 53  ? -6.448  -16.474 -12.863 1.00 36.17 ? 52   GLN A CD  1 
ATOM   418  O OE1 . GLN A 1 53  ? -6.924  -15.493 -13.451 1.00 33.95 ? 52   GLN A OE1 1 
ATOM   419  N NE2 . GLN A 1 53  ? -5.557  -17.293 -13.425 1.00 38.40 ? 52   GLN A NE2 1 
ATOM   420  N N   . GLU A 1 54  ? -7.493  -17.855 -8.205  1.00 29.97 ? 53   GLU A N   1 
ATOM   421  C CA  . GLU A 1 54  ? -6.569  -18.376 -7.202  1.00 31.22 ? 53   GLU A CA  1 
ATOM   422  C C   . GLU A 1 54  ? -5.101  -18.275 -7.603  1.00 30.64 ? 53   GLU A C   1 
ATOM   423  O O   . GLU A 1 54  ? -4.701  -18.632 -8.716  1.00 30.63 ? 53   GLU A O   1 
ATOM   424  C CB  . GLU A 1 54  ? -6.944  -19.801 -6.792  1.00 32.41 ? 53   GLU A CB  1 
ATOM   425  C CG  . GLU A 1 54  ? -6.443  -20.151 -5.407  1.00 37.44 ? 53   GLU A CG  1 
ATOM   426  C CD  . GLU A 1 54  ? -6.820  -21.557 -4.966  1.00 44.64 ? 53   GLU A CD  1 
ATOM   427  O OE1 . GLU A 1 54  ? -6.310  -22.518 -5.586  1.00 47.66 ? 53   GLU A OE1 1 
ATOM   428  O OE2 . GLU A 1 54  ? -7.615  -21.693 -3.999  1.00 47.98 ? 53   GLU A OE2 1 
ATOM   429  N N   . VAL A 1 55  ? -4.302  -17.709 -6.710  1.00 29.80 ? 54   VAL A N   1 
ATOM   430  C CA  . VAL A 1 55  ? -2.878  -17.536 -6.948  1.00 30.01 ? 54   VAL A CA  1 
ATOM   431  C C   . VAL A 1 55  ? -2.064  -17.979 -5.734  1.00 29.43 ? 54   VAL A C   1 
ATOM   432  O O   . VAL A 1 55  ? -2.326  -17.551 -4.609  1.00 28.89 ? 54   VAL A O   1 
ATOM   433  C CB  . VAL A 1 55  ? -2.520  -16.047 -7.319  1.00 29.78 ? 54   VAL A CB  1 
ATOM   434  C CG1 . VAL A 1 55  ? -1.007  -15.864 -7.457  1.00 30.83 ? 54   VAL A CG1 1 
ATOM   435  C CG2 . VAL A 1 55  ? -3.237  -15.627 -8.584  1.00 29.52 ? 54   VAL A CG2 1 
ATOM   436  N N   . GLY A 1 56  ? -1.067  -18.839 -5.970  1.00 29.93 ? 55   GLY A N   1 
ATOM   437  C CA  . GLY A 1 56  ? -0.218  -19.312 -4.891  1.00 29.10 ? 55   GLY A CA  1 
ATOM   438  C C   . GLY A 1 56  ? 0.789   -18.277 -4.421  1.00 29.92 ? 55   GLY A C   1 
ATOM   439  O O   . GLY A 1 56  ? 1.338   -17.530 -5.222  1.00 29.53 ? 55   GLY A O   1 
ATOM   440  N N   . VAL A 1 57  ? 1.012   -18.228 -3.112  1.00 30.02 ? 56   VAL A N   1 
ATOM   441  C CA  . VAL A 1 57  ? 1.983   -17.333 -2.526  1.00 31.78 ? 56   VAL A CA  1 
ATOM   442  C C   . VAL A 1 57  ? 3.262   -18.139 -2.238  1.00 34.21 ? 56   VAL A C   1 
ATOM   443  O O   . VAL A 1 57  ? 3.236   -19.090 -1.441  1.00 35.00 ? 56   VAL A O   1 
ATOM   444  C CB  . VAL A 1 57  ? 1.417   -16.699 -1.227  1.00 32.00 ? 56   VAL A CB  1 
ATOM   445  C CG1 . VAL A 1 57  ? 2.465   -15.810 -0.542  1.00 31.69 ? 56   VAL A CG1 1 
ATOM   446  C CG2 . VAL A 1 57  ? 0.146   -15.916 -1.536  1.00 29.01 ? 56   VAL A CG2 1 
ATOM   447  N N   . LEU A 1 58  ? 4.369   -17.796 -2.902  1.00 35.07 ? 57   LEU A N   1 
ATOM   448  C CA  . LEU A 1 58  ? 5.638   -18.515 -2.684  1.00 36.93 ? 57   LEU A CA  1 
ATOM   449  C C   . LEU A 1 58  ? 6.341   -18.080 -1.419  1.00 37.43 ? 57   LEU A C   1 
ATOM   450  O O   . LEU A 1 58  ? 7.063   -18.863 -0.796  1.00 38.07 ? 57   LEU A O   1 
ATOM   451  C CB  . LEU A 1 58  ? 6.591   -18.359 -3.873  1.00 37.00 ? 57   LEU A CB  1 
ATOM   452  C CG  . LEU A 1 58  ? 6.030   -18.716 -5.239  1.00 38.53 ? 57   LEU A CG  1 
ATOM   453  C CD1 . LEU A 1 58  ? 6.985   -18.334 -6.382  1.00 39.65 ? 57   LEU A CD1 1 
ATOM   454  C CD2 . LEU A 1 58  ? 5.634   -20.193 -5.261  1.00 39.35 ? 57   LEU A CD2 1 
ATOM   455  N N   . ASP A 1 59  ? 6.126   -16.833 -1.027  1.00 37.28 ? 58   ASP A N   1 
ATOM   456  C CA  . ASP A 1 59  ? 6.867   -16.228 0.066   1.00 37.24 ? 58   ASP A CA  1 
ATOM   457  C C   . ASP A 1 59  ? 6.088   -15.012 0.550   1.00 37.05 ? 58   ASP A C   1 
ATOM   458  O O   . ASP A 1 59  ? 5.431   -14.357 -0.249  1.00 36.23 ? 58   ASP A O   1 
ATOM   459  C CB  . ASP A 1 59  ? 8.261   -15.811 -0.443  1.00 38.16 ? 58   ASP A CB  1 
ATOM   460  C CG  . ASP A 1 59  ? 9.300   -15.723 0.669   1.00 38.98 ? 58   ASP A CG  1 
ATOM   461  O OD1 . ASP A 1 59  ? 9.026   -16.156 1.816   1.00 43.37 ? 58   ASP A OD1 1 
ATOM   462  O OD2 . ASP A 1 59  ? 10.402  -15.219 0.385   1.00 40.20 ? 58   ASP A OD2 1 
ATOM   463  N N   . ALA A 1 60  ? 6.151   -14.738 1.852   1.00 36.10 ? 59   ALA A N   1 
ATOM   464  C CA  . ALA A 1 60  ? 5.588   -13.535 2.447   1.00 36.06 ? 59   ALA A CA  1 
ATOM   465  C C   . ALA A 1 60  ? 6.514   -13.069 3.572   1.00 36.17 ? 59   ALA A C   1 
ATOM   466  O O   . ALA A 1 60  ? 6.890   -13.862 4.459   1.00 36.71 ? 59   ALA A O   1 
ATOM   467  C CB  . ALA A 1 60  ? 4.193   -13.782 2.970   1.00 35.17 ? 59   ALA A CB  1 
ATOM   468  N N   . LYS A 1 61  ? 6.900   -11.800 3.530   1.00 35.41 ? 60   LYS A N   1 
ATOM   469  C CA  . LYS A 1 61  ? 7.801   -11.251 4.530   1.00 34.94 ? 60   LYS A CA  1 
ATOM   470  C C   . LYS A 1 61  ? 7.127   -10.119 5.278   1.00 34.09 ? 60   LYS A C   1 
ATOM   471  O O   . LYS A 1 61  ? 6.818   -9.101  4.681   1.00 33.85 ? 60   LYS A O   1 
ATOM   472  C CB  . LYS A 1 61  ? 9.073   -10.724 3.867   1.00 35.53 ? 60   LYS A CB  1 
ATOM   473  C CG  . LYS A 1 61  ? 9.803   -11.715 2.957   1.00 38.88 ? 60   LYS A CG  1 
ATOM   474  C CD  . LYS A 1 61  ? 11.083  -11.100 2.418   1.00 42.48 ? 60   LYS A CD  1 
ATOM   475  C CE  . LYS A 1 61  ? 11.536  -11.765 1.100   1.00 44.89 ? 60   LYS A CE  1 
ATOM   476  N NZ  . LYS A 1 61  ? 11.669  -13.263 1.158   1.00 45.75 ? 60   LYS A NZ  1 
ATOM   477  N N   . GLU A 1 62  ? 6.896   -10.296 6.574   1.00 32.91 ? 61   GLU A N   1 
ATOM   478  C CA  . GLU A 1 62  ? 6.352   -9.232  7.406   1.00 32.82 ? 61   GLU A CA  1 
ATOM   479  C C   . GLU A 1 62  ? 7.471   -8.252  7.808   1.00 31.76 ? 61   GLU A C   1 
ATOM   480  O O   . GLU A 1 62  ? 8.286   -8.546  8.711   1.00 31.65 ? 61   GLU A O   1 
ATOM   481  C CB  . GLU A 1 62  ? 5.636   -9.818  8.643   1.00 33.52 ? 61   GLU A CB  1 
ATOM   482  C CG  . GLU A 1 62  ? 4.424   -10.721 8.316   1.00 37.54 ? 61   GLU A CG  1 
ATOM   483  C CD  . GLU A 1 62  ? 3.492   -10.934 9.511   1.00 42.39 ? 61   GLU A CD  1 
ATOM   484  O OE1 . GLU A 1 62  ? 3.965   -10.861 10.667  1.00 46.01 ? 61   GLU A OE1 1 
ATOM   485  O OE2 . GLU A 1 62  ? 2.279   -11.167 9.293   1.00 45.12 ? 61   GLU A OE2 1 
ATOM   486  N N   . LEU A 1 63  ? 7.511   -7.084  7.168   1.00 29.33 ? 62   LEU A N   1 
ATOM   487  C CA  . LEU A 1 63  ? 8.632   -6.148  7.384   1.00 28.28 ? 62   LEU A CA  1 
ATOM   488  C C   . LEU A 1 63  ? 8.748   -5.547  8.786   1.00 27.54 ? 62   LEU A C   1 
ATOM   489  O O   . LEU A 1 63  ? 7.776   -4.974  9.349   1.00 26.12 ? 62   LEU A O   1 
ATOM   490  C CB  . LEU A 1 63  ? 8.610   -5.028  6.340   1.00 27.69 ? 62   LEU A CB  1 
ATOM   491  C CG  . LEU A 1 63  ? 8.682   -5.572  4.917   1.00 26.89 ? 62   LEU A CG  1 
ATOM   492  C CD1 . LEU A 1 63  ? 8.697   -4.396  3.919   1.00 28.86 ? 62   LEU A CD1 1 
ATOM   493  C CD2 . LEU A 1 63  ? 9.874   -6.454  4.678   1.00 27.37 ? 62   LEU A CD2 1 
ATOM   494  N N   . VAL A 1 64  ? 9.969   -5.637  9.329   1.00 28.27 ? 63   VAL A N   1 
ATOM   495  C CA  . VAL A 1 64  ? 10.331  -4.997  10.601  1.00 28.09 ? 63   VAL A CA  1 
ATOM   496  C C   . VAL A 1 64  ? 11.635  -4.188  10.463  1.00 28.08 ? 63   VAL A C   1 
ATOM   497  O O   . VAL A 1 64  ? 12.450  -4.514  9.615   1.00 29.40 ? 63   VAL A O   1 
ATOM   498  C CB  . VAL A 1 64  ? 10.433  -6.022  11.782  1.00 28.28 ? 63   VAL A CB  1 
ATOM   499  C CG1 . VAL A 1 64  ? 9.058   -6.656  12.057  1.00 27.02 ? 63   VAL A CG1 1 
ATOM   500  C CG2 . VAL A 1 64  ? 11.415  -7.106  11.477  1.00 28.60 ? 63   VAL A CG2 1 
ATOM   501  N N   . ASP A 1 65  ? 11.828  -3.133  11.256  1.00 28.58 ? 64   ASP A N   1 
ATOM   502  C CA  . ASP A 1 65  ? 13.132  -2.428  11.205  1.00 29.08 ? 64   ASP A CA  1 
ATOM   503  C C   . ASP A 1 65  ? 14.262  -3.187  11.967  1.00 30.35 ? 64   ASP A C   1 
ATOM   504  O O   . ASP A 1 65  ? 14.067  -4.336  12.396  1.00 29.49 ? 64   ASP A O   1 
ATOM   505  C CB  . ASP A 1 65  ? 13.040  -0.938  11.567  1.00 29.97 ? 64   ASP A CB  1 
ATOM   506  C CG  . ASP A 1 65  ? 12.897  -0.681  13.068  1.00 29.93 ? 64   ASP A CG  1 
ATOM   507  O OD1 . ASP A 1 65  ? 13.018  -1.634  13.881  1.00 31.05 ? 64   ASP A OD1 1 
ATOM   508  O OD2 . ASP A 1 65  ? 12.635  0.498   13.418  1.00 34.05 ? 64   ASP A OD2 1 
ATOM   509  N N   . LYS A 1 66  ? 15.413  -2.534  12.124  1.00 30.88 ? 65   LYS A N   1 
ATOM   510  C CA  . LYS A 1 66  ? 16.605  -3.161  12.723  1.00 32.20 ? 65   LYS A CA  1 
ATOM   511  C C   . LYS A 1 66  ? 16.428  -3.519  14.196  1.00 31.91 ? 65   LYS A C   1 
ATOM   512  O O   . LYS A 1 66  ? 17.159  -4.358  14.720  1.00 32.50 ? 65   LYS A O   1 
ATOM   513  C CB  . LYS A 1 66  ? 17.852  -2.269  12.561  1.00 32.53 ? 65   LYS A CB  1 
ATOM   514  C CG  . LYS A 1 66  ? 18.373  -2.120  11.117  1.00 36.23 ? 65   LYS A CG  1 
ATOM   515  C CD  . LYS A 1 66  ? 17.839  -3.205  10.164  1.00 41.74 ? 65   LYS A CD  1 
ATOM   516  C CE  . LYS A 1 66  ? 18.421  -3.062  8.766   1.00 44.79 ? 65   LYS A CE  1 
ATOM   517  N NZ  . LYS A 1 66  ? 19.894  -3.341  8.755   1.00 47.09 ? 65   LYS A NZ  1 
ATOM   518  N N   . ASP A 1 67  ? 15.470  -2.876  14.853  1.00 31.25 ? 66   ASP A N   1 
ATOM   519  C CA  . ASP A 1 67  ? 15.152  -3.213  16.232  1.00 31.64 ? 66   ASP A CA  1 
ATOM   520  C C   . ASP A 1 67  ? 13.860  -3.987  16.439  1.00 31.02 ? 66   ASP A C   1 
ATOM   521  O O   . ASP A 1 67  ? 13.313  -4.024  17.549  1.00 31.42 ? 66   ASP A O   1 
ATOM   522  C CB  . ASP A 1 67  ? 15.233  -1.967  17.081  1.00 31.14 ? 66   ASP A CB  1 
ATOM   523  C CG  . ASP A 1 67  ? 16.642  -1.643  17.397  1.00 33.10 ? 66   ASP A CG  1 
ATOM   524  O OD1 . ASP A 1 67  ? 17.353  -2.596  17.800  1.00 34.21 ? 66   ASP A OD1 1 
ATOM   525  O OD2 . ASP A 1 67  ? 17.045  -0.496  17.183  1.00 30.77 ? 66   ASP A OD2 1 
ATOM   526  N N   . GLY A 1 68  ? 13.394  -4.624  15.366  1.00 30.95 ? 67   GLY A N   1 
ATOM   527  C CA  . GLY A 1 68  ? 12.205  -5.485  15.395  1.00 30.04 ? 67   GLY A CA  1 
ATOM   528  C C   . GLY A 1 68  ? 10.880  -4.743  15.395  1.00 29.38 ? 67   GLY A C   1 
ATOM   529  O O   . GLY A 1 68  ? 9.843   -5.317  15.661  1.00 28.79 ? 67   GLY A O   1 
ATOM   530  N N   . THR A 1 69  ? 10.910  -3.450  15.123  1.00 28.57 ? 68   THR A N   1 
ATOM   531  C CA  . THR A 1 69  ? 9.705   -2.665  15.226  1.00 27.05 ? 68   THR A CA  1 
ATOM   532  C C   . THR A 1 69  ? 8.885   -2.835  13.961  1.00 27.06 ? 68   THR A C   1 
ATOM   533  O O   . THR A 1 69  ? 9.414   -2.713  12.875  1.00 26.29 ? 68   THR A O   1 
ATOM   534  C CB  . THR A 1 69  ? 10.051  -1.225  15.432  1.00 27.30 ? 68   THR A CB  1 
ATOM   535  O OG1 . THR A 1 69  ? 10.985  -1.134  16.509  1.00 29.47 ? 68   THR A OG1 1 
ATOM   536  C CG2 . THR A 1 69  ? 8.833   -0.420  15.741  1.00 27.86 ? 68   THR A CG2 1 
ATOM   537  N N   . ASN A 1 70  ? 7.597   -3.126  14.146  1.00 25.53 ? 69   ASN A N   1 
ATOM   538  C CA  . ASN A 1 70  ? 6.658   -3.362  13.043  1.00 25.26 ? 69   ASN A CA  1 
ATOM   539  C C   . ASN A 1 70  ? 6.687   -2.217  11.995  1.00 24.24 ? 69   ASN A C   1 
ATOM   540  O O   . ASN A 1 70  ? 6.757   -1.051  12.371  1.00 25.58 ? 69   ASN A O   1 
ATOM   541  C CB  . ASN A 1 70  ? 5.261   -3.481  13.631  1.00 25.63 ? 69   ASN A CB  1 
ATOM   542  C CG  . ASN A 1 70  ? 4.206   -3.648  12.574  1.00 22.20 ? 69   ASN A CG  1 
ATOM   543  O OD1 . ASN A 1 70  ? 4.348   -4.462  11.666  1.00 24.30 ? 69   ASN A OD1 1 
ATOM   544  N ND2 . ASN A 1 70  ? 3.160   -2.862  12.671  1.00 24.46 ? 69   ASN A ND2 1 
ATOM   545  N N   . LEU A 1 71  ? 6.665   -2.562  10.704  1.00 24.25 ? 70   LEU A N   1 
ATOM   546  C CA  . LEU A 1 71  ? 6.517   -1.569  9.634   1.00 23.20 ? 70   LEU A CA  1 
ATOM   547  C C   . LEU A 1 71  ? 5.146   -1.640  8.940   1.00 23.03 ? 70   LEU A C   1 
ATOM   548  O O   . LEU A 1 71  ? 4.791   -0.774  8.115   1.00 22.11 ? 70   LEU A O   1 
ATOM   549  C CB  . LEU A 1 71  ? 7.656   -1.709  8.624   1.00 22.92 ? 70   LEU A CB  1 
ATOM   550  C CG  . LEU A 1 71  ? 9.021   -1.341  9.250   1.00 22.32 ? 70   LEU A CG  1 
ATOM   551  C CD1 . LEU A 1 71  ? 10.154  -1.735  8.322   1.00 21.94 ? 70   LEU A CD1 1 
ATOM   552  C CD2 . LEU A 1 71  ? 9.065   0.140   9.545   1.00 22.58 ? 70   LEU A CD2 1 
ATOM   553  N N   . GLU A 1 72  ? 4.375   -2.658  9.307   1.00 22.37 ? 71   GLU A N   1 
ATOM   554  C CA  . GLU A 1 72  ? 2.989   -2.821  8.852   1.00 21.30 ? 71   GLU A CA  1 
ATOM   555  C C   . GLU A 1 72  ? 2.830   -3.091  7.360   1.00 22.47 ? 71   GLU A C   1 
ATOM   556  O O   . GLU A 1 72  ? 1.768   -2.844  6.821   1.00 20.72 ? 71   GLU A O   1 
ATOM   557  C CB  . GLU A 1 72  ? 2.093   -1.661  9.310   1.00 23.14 ? 71   GLU A CB  1 
ATOM   558  C CG  . GLU A 1 72  ? 0.601   -1.963  9.303   1.00 26.24 ? 71   GLU A CG  1 
ATOM   559  C CD  . GLU A 1 72  ? 0.171   -2.940  10.390  1.00 31.65 ? 71   GLU A CD  1 
ATOM   560  O OE1 . GLU A 1 72  ? 0.990   -3.255  11.295  1.00 30.23 ? 71   GLU A OE1 1 
ATOM   561  O OE2 . GLU A 1 72  ? -0.991  -3.408  10.320  1.00 32.99 ? 71   GLU A OE2 1 
ATOM   562  N N   . LEU A 1 73  ? 3.876   -3.629  6.736   1.00 21.74 ? 72   LEU A N   1 
ATOM   563  C CA  . LEU A 1 73  ? 3.824   -4.123  5.375   1.00 22.21 ? 72   LEU A CA  1 
ATOM   564  C C   . LEU A 1 73  ? 4.201   -5.566  5.353   1.00 23.41 ? 72   LEU A C   1 
ATOM   565  O O   . LEU A 1 73  ? 5.075   -6.012  6.107   1.00 23.60 ? 72   LEU A O   1 
ATOM   566  C CB  . LEU A 1 73  ? 4.783   -3.363  4.456   1.00 22.01 ? 72   LEU A CB  1 
ATOM   567  C CG  . LEU A 1 73  ? 4.467   -1.872  4.422   1.00 21.30 ? 72   LEU A CG  1 
ATOM   568  C CD1 . LEU A 1 73  ? 5.688   -1.171  3.790   1.00 25.18 ? 72   LEU A CD1 1 
ATOM   569  C CD2 . LEU A 1 73  ? 3.165   -1.614  3.603   1.00 22.77 ? 72   LEU A CD2 1 
ATOM   570  N N   . THR A 1 74  ? 3.518   -6.287  4.469   1.00 22.11 ? 73   THR A N   1 
ATOM   571  C CA  . THR A 1 74  ? 3.908   -7.607  4.069   1.00 23.26 ? 73   THR A CA  1 
ATOM   572  C C   . THR A 1 74  ? 4.236   -7.607  2.599   1.00 24.11 ? 73   THR A C   1 
ATOM   573  O O   . THR A 1 74  ? 3.387   -7.240  1.754   1.00 23.72 ? 73   THR A O   1 
ATOM   574  C CB  . THR A 1 74  ? 2.756   -8.600  4.375   1.00 23.43 ? 73   THR A CB  1 
ATOM   575  O OG1 . THR A 1 74  ? 2.611   -8.687  5.807   1.00 26.31 ? 73   THR A OG1 1 
ATOM   576  C CG2 . THR A 1 74  ? 3.053   -9.941  3.818   1.00 24.91 ? 73   THR A CG2 1 
ATOM   577  N N   . LEU A 1 75  ? 5.449   -8.061  2.278   1.00 23.86 ? 74   LEU A N   1 
ATOM   578  C CA  . LEU A 1 75  ? 5.792   -8.331  0.882   1.00 24.62 ? 74   LEU A CA  1 
ATOM   579  C C   . LEU A 1 75  ? 5.475   -9.779  0.538   1.00 25.15 ? 74   LEU A C   1 
ATOM   580  O O   . LEU A 1 75  ? 5.654   -10.663 1.372   1.00 26.19 ? 74   LEU A O   1 
ATOM   581  C CB  . LEU A 1 75  ? 7.254   -8.012  0.590   1.00 24.73 ? 74   LEU A CB  1 
ATOM   582  C CG  . LEU A 1 75  ? 7.765   -6.681  1.148   1.00 26.34 ? 74   LEU A CG  1 
ATOM   583  C CD1 . LEU A 1 75  ? 9.215   -6.503  0.783   1.00 26.67 ? 74   LEU A CD1 1 
ATOM   584  C CD2 . LEU A 1 75  ? 6.936   -5.539  0.667   1.00 24.25 ? 74   LEU A CD2 1 
ATOM   585  N N   . LEU A 1 76  ? 4.942   -10.011 -0.651  1.00 26.11 ? 75   LEU A N   1 
ATOM   586  C CA  . LEU A 1 76  ? 4.591   -11.363 -1.090  1.00 27.08 ? 75   LEU A CA  1 
ATOM   587  C C   . LEU A 1 76  ? 5.028   -11.623 -2.498  1.00 27.87 ? 75   LEU A C   1 
ATOM   588  O O   . LEU A 1 76  ? 4.988   -10.741 -3.347  1.00 28.16 ? 75   LEU A O   1 
ATOM   589  C CB  . LEU A 1 76  ? 3.105   -11.769 -0.913  1.00 27.93 ? 75   LEU A CB  1 
ATOM   590  C CG  . LEU A 1 76  ? 1.791   -10.985 -0.838  1.00 28.95 ? 75   LEU A CG  1 
ATOM   591  C CD1 . LEU A 1 76  ? 1.857   -9.523  -1.322  1.00 26.60 ? 75   LEU A CD1 1 
ATOM   592  C CD2 . LEU A 1 76  ? 0.617   -11.762 -1.480  1.00 24.29 ? 75   LEU A CD2 1 
ATOM   593  N N   . LYS A 1 77  ? 5.483   -12.861 -2.729  1.00 28.43 ? 76   LYS A N   1 
ATOM   594  C CA  . LYS A 1 77  ? 5.952   -13.285 -4.023  1.00 29.09 ? 76   LYS A CA  1 
ATOM   595  C C   . LYS A 1 77  ? 4.920   -14.246 -4.596  1.00 29.05 ? 76   LYS A C   1 
ATOM   596  O O   . LYS A 1 77  ? 4.516   -15.199 -3.931  1.00 30.34 ? 76   LYS A O   1 
ATOM   597  C CB  . LYS A 1 77  ? 7.315   -13.967 -3.913  1.00 30.21 ? 76   LYS A CB  1 
ATOM   598  C CG  . LYS A 1 77  ? 7.903   -14.279 -5.288  1.00 33.77 ? 76   LYS A CG  1 
ATOM   599  C CD  . LYS A 1 77  ? 9.319   -14.795 -5.205  1.00 39.79 ? 76   LYS A CD  1 
ATOM   600  C CE  . LYS A 1 77  ? 9.959   -14.859 -6.581  1.00 42.84 ? 76   LYS A CE  1 
ATOM   601  N NZ  . LYS A 1 77  ? 11.374  -15.343 -6.444  1.00 45.18 ? 76   LYS A NZ  1 
ATOM   602  N N   . LEU A 1 78  ? 4.482   -13.983 -5.813  1.00 28.30 ? 77   LEU A N   1 
ATOM   603  C CA  . LEU A 1 78  ? 3.333   -14.673 -6.375  1.00 29.31 ? 77   LEU A CA  1 
ATOM   604  C C   . LEU A 1 78  ? 3.727   -15.752 -7.363  1.00 30.35 ? 77   LEU A C   1 
ATOM   605  O O   . LEU A 1 78  ? 4.600   -15.549 -8.219  1.00 31.23 ? 77   LEU A O   1 
ATOM   606  C CB  . LEU A 1 78  ? 2.374   -13.687 -7.069  1.00 28.63 ? 77   LEU A CB  1 
ATOM   607  C CG  . LEU A 1 78  ? 1.788   -12.635 -6.131  1.00 26.93 ? 77   LEU A CG  1 
ATOM   608  C CD1 . LEU A 1 78  ? 0.923   -11.686 -6.952  1.00 25.07 ? 77   LEU A CD1 1 
ATOM   609  C CD2 . LEU A 1 78  ? 0.990   -13.301 -5.014  1.00 26.24 ? 77   LEU A CD2 1 
ATOM   610  N N   . ASN A 1 79  ? 3.043   -16.882 -7.256  1.00 31.60 ? 78   ASN A N   1 
ATOM   611  C CA  . ASN A 1 79  ? 3.273   -17.972 -8.195  1.00 32.33 ? 78   ASN A CA  1 
ATOM   612  C C   . ASN A 1 79  ? 2.538   -17.675 -9.473  1.00 32.29 ? 78   ASN A C   1 
ATOM   613  O O   . ASN A 1 79  ? 1.427   -18.164 -9.682  1.00 33.01 ? 78   ASN A O   1 
ATOM   614  C CB  . ASN A 1 79  ? 2.812   -19.309 -7.603  1.00 33.23 ? 78   ASN A CB  1 
ATOM   615  C CG  . ASN A 1 79  ? 3.511   -20.511 -8.254  1.00 36.05 ? 78   ASN A CG  1 
ATOM   616  O OD1 . ASN A 1 79  ? 4.340   -20.346 -9.154  1.00 39.86 ? 78   ASN A OD1 1 
ATOM   617  N ND2 . ASN A 1 79  ? 3.197   -21.713 -7.778  1.00 37.73 ? 78   ASN A ND2 1 
ATOM   618  N N   . ARG A 1 80  ? 3.151   -16.871 -10.341 1.00 31.62 ? 79   ARG A N   1 
ATOM   619  C CA  . ARG A 1 80  ? 2.458   -16.489 -11.565 1.00 31.74 ? 79   ARG A CA  1 
ATOM   620  C C   . ARG A 1 80  ? 3.448   -16.124 -12.636 1.00 31.35 ? 79   ARG A C   1 
ATOM   621  O O   . ARG A 1 80  ? 4.537   -15.654 -12.346 1.00 32.62 ? 79   ARG A O   1 
ATOM   622  C CB  . ARG A 1 80  ? 1.409   -15.367 -11.310 1.00 32.16 ? 79   ARG A CB  1 
ATOM   623  C CG  . ARG A 1 80  ? 1.824   -13.928 -11.584 1.00 32.98 ? 79   ARG A CG  1 
ATOM   624  C CD  . ARG A 1 80  ? 0.763   -12.896 -11.039 1.00 28.67 ? 79   ARG A CD  1 
ATOM   625  N NE  . ARG A 1 80  ? -0.134  -12.312 -12.046 1.00 31.20 ? 79   ARG A NE  1 
ATOM   626  C CZ  . ARG A 1 80  ? -0.061  -11.062 -12.499 1.00 31.62 ? 79   ARG A CZ  1 
ATOM   627  N NH1 . ARG A 1 80  ? 0.892   -10.235 -12.084 1.00 32.51 ? 79   ARG A NH1 1 
ATOM   628  N NH2 . ARG A 1 80  ? -0.930  -10.632 -13.394 1.00 36.55 ? 79   ARG A NH2 1 
ATOM   629  N N   . ASN A 1 81  ? 3.071   -16.373 -13.880 1.00 32.22 ? 80   ASN A N   1 
ATOM   630  C CA  . ASN A 1 81  ? 3.980   -16.219 -14.995 1.00 33.58 ? 80   ASN A CA  1 
ATOM   631  C C   . ASN A 1 81  ? 4.185   -14.777 -15.415 1.00 33.84 ? 80   ASN A C   1 
ATOM   632  O O   . ASN A 1 81  ? 5.322   -14.349 -15.656 1.00 34.89 ? 80   ASN A O   1 
ATOM   633  C CB  . ASN A 1 81  ? 3.513   -17.093 -16.167 1.00 33.95 ? 80   ASN A CB  1 
ATOM   634  C CG  . ASN A 1 81  ? 3.572   -18.588 -15.832 1.00 37.26 ? 80   ASN A CG  1 
ATOM   635  O OD1 . ASN A 1 81  ? 4.541   -19.069 -15.229 1.00 38.38 ? 80   ASN A OD1 1 
ATOM   636  N ND2 . ASN A 1 81  ? 2.541   -19.329 -16.234 1.00 38.38 ? 80   ASN A ND2 1 
ATOM   637  N N   . GLU A 1 82  ? 3.093   -14.013 -15.500 1.00 34.27 ? 81   GLU A N   1 
ATOM   638  C CA  . GLU A 1 82  ? 3.181   -12.565 -15.778 1.00 33.85 ? 81   GLU A CA  1 
ATOM   639  C C   . GLU A 1 82  ? 4.011   -11.828 -14.718 1.00 33.10 ? 81   GLU A C   1 
ATOM   640  O O   . GLU A 1 82  ? 3.926   -12.129 -13.523 1.00 33.24 ? 81   GLU A O   1 
ATOM   641  C CB  . GLU A 1 82  ? 1.790   -11.937 -15.855 1.00 34.62 ? 81   GLU A CB  1 
ATOM   642  C CG  . GLU A 1 82  ? 1.738   -10.573 -16.570 1.00 38.65 ? 81   GLU A CG  1 
ATOM   643  C CD  . GLU A 1 82  ? 0.359   -9.909  -16.509 1.00 45.16 ? 81   GLU A CD  1 
ATOM   644  O OE1 . GLU A 1 82  ? -0.671  -10.613 -16.302 1.00 45.41 ? 81   GLU A OE1 1 
ATOM   645  O OE2 . GLU A 1 82  ? 0.308   -8.666  -16.686 1.00 49.38 ? 81   GLU A OE2 1 
ATOM   646  N N   . LYS A 1 83  ? 4.803   -10.869 -15.189 1.00 32.08 ? 82   LYS A N   1 
ATOM   647  C CA  . LYS A 1 83  ? 5.652   -10.002 -14.368 1.00 31.97 ? 82   LYS A CA  1 
ATOM   648  C C   . LYS A 1 83  ? 4.994   -8.639  -14.201 1.00 30.34 ? 82   LYS A C   1 
ATOM   649  O O   . LYS A 1 83  ? 4.420   -8.118  -15.148 1.00 31.00 ? 82   LYS A O   1 
ATOM   650  C CB  . LYS A 1 83  ? 6.997   -9.791  -15.059 1.00 32.48 ? 82   LYS A CB  1 
ATOM   651  C CG  . LYS A 1 83  ? 8.036   -10.870 -14.738 1.00 35.51 ? 82   LYS A CG  1 
ATOM   652  C CD  . LYS A 1 83  ? 9.319   -10.712 -15.592 1.00 40.53 ? 82   LYS A CD  1 
ATOM   653  C CE  . LYS A 1 83  ? 10.491  -11.494 -14.980 1.00 42.34 ? 82   LYS A CE  1 
ATOM   654  N NZ  . LYS A 1 83  ? 11.666  -11.663 -15.903 1.00 42.47 ? 82   LYS A NZ  1 
ATOM   655  N N   . PHE A 1 84  ? 5.081   -8.053  -13.012 1.00 28.72 ? 83   PHE A N   1 
ATOM   656  C CA  . PHE A 1 84  ? 4.626   -6.679  -12.845 1.00 27.40 ? 83   PHE A CA  1 
ATOM   657  C C   . PHE A 1 84  ? 5.533   -5.711  -13.580 1.00 28.05 ? 83   PHE A C   1 
ATOM   658  O O   . PHE A 1 84  ? 6.749   -5.933  -13.656 1.00 29.32 ? 83   PHE A O   1 
ATOM   659  C CB  . PHE A 1 84  ? 4.602   -6.302  -11.379 1.00 26.84 ? 83   PHE A CB  1 
ATOM   660  C CG  . PHE A 1 84  ? 3.666   -7.109  -10.563 1.00 24.20 ? 83   PHE A CG  1 
ATOM   661  C CD1 . PHE A 1 84  ? 2.285   -7.060  -10.794 1.00 23.47 ? 83   PHE A CD1 1 
ATOM   662  C CD2 . PHE A 1 84  ? 4.159   -7.852  -9.502  1.00 24.71 ? 83   PHE A CD2 1 
ATOM   663  C CE1 . PHE A 1 84  ? 1.442   -7.783  -10.017 1.00 22.28 ? 83   PHE A CE1 1 
ATOM   664  C CE2 . PHE A 1 84  ? 3.292   -8.592  -8.709  1.00 25.67 ? 83   PHE A CE2 1 
ATOM   665  C CZ  . PHE A 1 84  ? 1.941   -8.532  -8.959  1.00 24.27 ? 83   PHE A CZ  1 
ATOM   666  N N   . ARG A 1 85  ? 4.933   -4.668  -14.149 1.00 27.70 ? 84   ARG A N   1 
ATOM   667  C CA  . ARG A 1 85  ? 5.667   -3.520  -14.634 1.00 28.15 ? 84   ARG A CA  1 
ATOM   668  C C   . ARG A 1 85  ? 6.548   -2.994  -13.466 1.00 28.43 ? 84   ARG A C   1 
ATOM   669  O O   . ARG A 1 85  ? 6.055   -2.693  -12.373 1.00 27.21 ? 84   ARG A O   1 
ATOM   670  C CB  . ARG A 1 85  ? 4.655   -2.490  -15.121 1.00 29.19 ? 84   ARG A CB  1 
ATOM   671  C CG  . ARG A 1 85  ? 5.176   -1.400  -16.011 1.00 30.78 ? 84   ARG A CG  1 
ATOM   672  C CD  . ARG A 1 85  ? 5.472   -0.131  -15.226 1.00 31.95 ? 84   ARG A CD  1 
ATOM   673  N NE  . ARG A 1 85  ? 4.297   0.400   -14.529 1.00 32.12 ? 84   ARG A NE  1 
ATOM   674  C CZ  . ARG A 1 85  ? 3.842   1.648   -14.587 1.00 31.13 ? 84   ARG A CZ  1 
ATOM   675  N NH1 . ARG A 1 85  ? 4.416   2.584   -15.353 1.00 32.04 ? 84   ARG A NH1 1 
ATOM   676  N NH2 . ARG A 1 85  ? 2.790   1.969   -13.873 1.00 28.47 ? 84   ARG A NH2 1 
ATOM   677  N N   . ASP A 1 86  ? 7.864   -2.919  -13.681 1.00 28.21 ? 85   ASP A N   1 
ATOM   678  C CA  . ASP A 1 86  ? 8.803   -2.490  -12.629 1.00 27.53 ? 85   ASP A CA  1 
ATOM   679  C C   . ASP A 1 86  ? 8.539   -1.050  -12.239 1.00 26.31 ? 85   ASP A C   1 
ATOM   680  O O   . ASP A 1 86  ? 8.788   -0.149  -13.028 1.00 26.75 ? 85   ASP A O   1 
ATOM   681  C CB  . ASP A 1 86  ? 10.255  -2.610  -13.101 1.00 28.33 ? 85   ASP A CB  1 
ATOM   682  C CG  . ASP A 1 86  ? 11.284  -2.428  -11.963 1.00 29.24 ? 85   ASP A CG  1 
ATOM   683  O OD1 . ASP A 1 86  ? 10.958  -1.982  -10.837 1.00 26.66 ? 85   ASP A OD1 1 
ATOM   684  O OD2 . ASP A 1 86  ? 12.480  -2.754  -12.205 1.00 30.46 ? 85   ASP A OD2 1 
ATOM   685  N N   . ILE A 1 87  ? 8.044   -0.832  -11.024 1.00 24.80 ? 86   ILE A N   1 
ATOM   686  C CA  . ILE A 1 87  ? 7.747   0.556   -10.558 1.00 22.34 ? 86   ILE A CA  1 
ATOM   687  C C   . ILE A 1 87  ? 8.687   1.034   -9.436  1.00 22.74 ? 86   ILE A C   1 
ATOM   688  O O   . ILE A 1 87  ? 8.443   2.067   -8.763  1.00 20.84 ? 86   ILE A O   1 
ATOM   689  C CB  . ILE A 1 87  ? 6.265   0.762   -10.130 1.00 23.01 ? 86   ILE A CB  1 
ATOM   690  C CG1 . ILE A 1 87  ? 5.893   -0.160  -8.959  1.00 20.14 ? 86   ILE A CG1 1 
ATOM   691  C CG2 . ILE A 1 87  ? 5.343   0.641   -11.341 1.00 22.66 ? 86   ILE A CG2 1 
ATOM   692  C CD1 . ILE A 1 87  ? 4.529   0.289   -8.316  1.00 17.92 ? 86   ILE A CD1 1 
ATOM   693  N N   . ARG A 1 88  ? 9.779   0.308   -9.251  1.00 22.46 ? 87   ARG A N   1 
ATOM   694  C CA  . ARG A 1 88  ? 10.727  0.637   -8.175  1.00 22.42 ? 87   ARG A CA  1 
ATOM   695  C C   . ARG A 1 88  ? 11.300  2.055   -8.287  1.00 23.28 ? 87   ARG A C   1 
ATOM   696  O O   . ARG A 1 88  ? 11.620  2.683   -7.267  1.00 21.72 ? 87   ARG A O   1 
ATOM   697  C CB  . ARG A 1 88  ? 11.822  -0.426  -8.061  1.00 23.23 ? 87   ARG A CB  1 
ATOM   698  C CG  . ARG A 1 88  ? 11.328  -1.751  -7.468  1.00 23.93 ? 87   ARG A CG  1 
ATOM   699  C CD  . ARG A 1 88  ? 12.406  -2.832  -7.486  1.00 27.56 ? 87   ARG A CD  1 
ATOM   700  N NE  . ARG A 1 88  ? 12.810  -3.103  -8.853  1.00 29.56 ? 87   ARG A NE  1 
ATOM   701  C CZ  . ARG A 1 88  ? 13.829  -3.892  -9.174  1.00 31.20 ? 87   ARG A CZ  1 
ATOM   702  N NH1 . ARG A 1 88  ? 14.525  -4.477  -8.211  1.00 30.83 ? 87   ARG A NH1 1 
ATOM   703  N NH2 . ARG A 1 88  ? 14.142  -4.084  -10.452 1.00 33.56 ? 87   ARG A NH2 1 
ATOM   704  N N   . GLY A 1 89  ? 11.403  2.586   -9.515  1.00 22.81 ? 88   GLY A N   1 
ATOM   705  C CA  . GLY A 1 89  ? 11.822  3.991   -9.701  1.00 23.61 ? 88   GLY A CA  1 
ATOM   706  C C   . GLY A 1 89  ? 10.856  5.018   -9.136  1.00 22.79 ? 88   GLY A C   1 
ATOM   707  O O   . GLY A 1 89  ? 11.216  6.171   -8.884  1.00 22.85 ? 88   GLY A O   1 
ATOM   708  N N   . PHE A 1 90  ? 9.612   4.598   -8.894  1.00 20.74 ? 89   PHE A N   1 
ATOM   709  C CA  . PHE A 1 90  ? 8.658   5.512   -8.268  1.00 20.54 ? 89   PHE A CA  1 
ATOM   710  C C   . PHE A 1 90  ? 8.694   5.469   -6.740  1.00 19.16 ? 89   PHE A C   1 
ATOM   711  O O   . PHE A 1 90  ? 7.988   6.266   -6.109  1.00 20.77 ? 89   PHE A O   1 
ATOM   712  C CB  . PHE A 1 90  ? 7.239   5.167   -8.747  1.00 19.67 ? 89   PHE A CB  1 
ATOM   713  C CG  . PHE A 1 90  ? 7.052   5.344   -10.239 1.00 19.68 ? 89   PHE A CG  1 
ATOM   714  C CD1 . PHE A 1 90  ? 6.872   6.601   -10.776 1.00 21.21 ? 89   PHE A CD1 1 
ATOM   715  C CD2 . PHE A 1 90  ? 7.094   4.239   -11.097 1.00 23.38 ? 89   PHE A CD2 1 
ATOM   716  C CE1 . PHE A 1 90  ? 6.723   6.775   -12.195 1.00 22.66 ? 89   PHE A CE1 1 
ATOM   717  C CE2 . PHE A 1 90  ? 6.937   4.410   -12.496 1.00 26.22 ? 89   PHE A CE2 1 
ATOM   718  C CZ  . PHE A 1 90  ? 6.725   5.671   -13.018 1.00 24.03 ? 89   PHE A CZ  1 
ATOM   719  N N   . LEU A 1 91  ? 9.450   4.525   -6.192  1.00 19.98 ? 90   LEU A N   1 
ATOM   720  C CA  . LEU A 1 91  ? 9.585   4.358   -4.745  1.00 19.42 ? 90   LEU A CA  1 
ATOM   721  C C   . LEU A 1 91  ? 10.788  5.174   -4.255  1.00 21.45 ? 90   LEU A C   1 
ATOM   722  O O   . LEU A 1 91  ? 11.910  4.990   -4.743  1.00 20.37 ? 90   LEU A O   1 
ATOM   723  C CB  . LEU A 1 91  ? 9.807   2.898   -4.373  1.00 21.29 ? 90   LEU A CB  1 
ATOM   724  C CG  . LEU A 1 91  ? 8.754   1.913   -4.844  1.00 21.11 ? 90   LEU A CG  1 
ATOM   725  C CD1 . LEU A 1 91  ? 9.035   0.561   -4.278  1.00 22.99 ? 90   LEU A CD1 1 
ATOM   726  C CD2 . LEU A 1 91  ? 7.381   2.415   -4.378  1.00 22.30 ? 90   LEU A CD2 1 
ATOM   727  N N   . ALA A 1 92  ? 10.553  6.030   -3.265  1.00 20.52 ? 91   ALA A N   1 
ATOM   728  C CA  . ALA A 1 92  ? 11.648  6.792   -2.588  1.00 21.77 ? 91   ALA A CA  1 
ATOM   729  C C   . ALA A 1 92  ? 12.594  6.005   -1.678  1.00 22.71 ? 91   ALA A C   1 
ATOM   730  O O   . ALA A 1 92  ? 12.333  4.872   -1.263  1.00 22.77 ? 91   ALA A O   1 
ATOM   731  C CB  . ALA A 1 92  ? 11.094  7.964   -1.886  1.00 21.49 ? 91   ALA A CB  1 
ATOM   732  N N   . LYS A 1 93  ? 13.760  6.586   -1.418  1.00 22.15 ? 92   LYS A N   1 
ATOM   733  C CA  . LYS A 1 93  ? 14.733  5.969   -0.528  1.00 24.08 ? 92   LYS A CA  1 
ATOM   734  C C   . LYS A 1 93  ? 14.383  6.261   0.916   1.00 24.76 ? 92   LYS A C   1 
ATOM   735  O O   . LYS A 1 93  ? 14.836  5.577   1.825   1.00 25.87 ? 92   LYS A O   1 
ATOM   736  C CB  . LYS A 1 93  ? 16.139  6.506   -0.842  1.00 24.77 ? 92   LYS A CB  1 
ATOM   737  C CG  . LYS A 1 93  ? 16.671  6.008   -2.178  1.00 27.36 ? 92   LYS A CG  1 
ATOM   738  C CD  . LYS A 1 93  ? 18.116  6.508   -2.440  1.00 32.72 ? 92   LYS A CD  1 
ATOM   739  C CE  . LYS A 1 93  ? 18.662  5.891   -3.739  1.00 34.98 ? 92   LYS A CE  1 
ATOM   740  N NZ  . LYS A 1 93  ? 20.091  6.299   -4.032  1.00 37.71 ? 92   LYS A NZ  1 
ATOM   741  N N   . GLU A 1 94  ? 13.579  7.286   1.121   1.00 25.45 ? 93   GLU A N   1 
ATOM   742  C CA  . GLU A 1 94  ? 13.177  7.675   2.475   1.00 26.18 ? 93   GLU A CA  1 
ATOM   743  C C   . GLU A 1 94  ? 11.760  8.229   2.423   1.00 25.60 ? 93   GLU A C   1 
ATOM   744  O O   . GLU A 1 94  ? 11.256  8.577   1.349   1.00 24.64 ? 93   GLU A O   1 
ATOM   745  C CB  . GLU A 1 94  ? 14.124  8.733   3.069   1.00 27.05 ? 93   GLU A CB  1 
ATOM   746  C CG  . GLU A 1 94  ? 14.175  10.007  2.264   1.00 30.94 ? 93   GLU A CG  1 
ATOM   747  C CD  . GLU A 1 94  ? 15.090  11.063  2.860   1.00 37.53 ? 93   GLU A CD  1 
ATOM   748  O OE1 . GLU A 1 94  ? 15.944  10.712  3.707   1.00 39.33 ? 93   GLU A OE1 1 
ATOM   749  O OE2 . GLU A 1 94  ? 14.936  12.251  2.482   1.00 41.37 ? 93   GLU A OE2 1 
ATOM   750  N N   . GLU A 1 95  ? 11.154  8.351   3.599   1.00 25.19 ? 94   GLU A N   1 
ATOM   751  C CA  . GLU A 1 95  ? 9.783   8.806   3.760   1.00 24.68 ? 94   GLU A CA  1 
ATOM   752  C C   . GLU A 1 95  ? 9.498   10.104  3.026   1.00 24.10 ? 94   GLU A C   1 
ATOM   753  O O   . GLU A 1 95  ? 10.115  11.131  3.301   1.00 23.29 ? 94   GLU A O   1 
ATOM   754  C CB  . GLU A 1 95  ? 9.453   9.019   5.256   1.00 24.85 ? 94   GLU A CB  1 
ATOM   755  C CG  . GLU A 1 95  ? 9.521   7.736   6.149   1.00 26.11 ? 94   GLU A CG  1 
ATOM   756  C CD  . GLU A 1 95  ? 10.941  7.383   6.654   1.00 30.24 ? 94   GLU A CD  1 
ATOM   757  O OE1 . GLU A 1 95  ? 11.957  7.725   5.998   1.00 30.83 ? 94   GLU A OE1 1 
ATOM   758  O OE2 . GLU A 1 95  ? 11.054  6.755   7.741   1.00 33.01 ? 94   GLU A OE2 1 
ATOM   759  N N   . VAL A 1 96  ? 8.544   10.049  2.110   1.00 23.23 ? 95   VAL A N   1 
ATOM   760  C CA  . VAL A 1 96  ? 8.160   11.202  1.321   1.00 23.57 ? 95   VAL A CA  1 
ATOM   761  C C   . VAL A 1 96  ? 7.138   12.107  1.978   1.00 24.74 ? 95   VAL A C   1 
ATOM   762  O O   . VAL A 1 96  ? 6.137   11.642  2.526   1.00 25.22 ? 95   VAL A O   1 
ATOM   763  C CB  . VAL A 1 96  ? 7.653   10.761  -0.069  1.00 23.46 ? 95   VAL A CB  1 
ATOM   764  C CG1 . VAL A 1 96  ? 7.132   11.941  -0.891  1.00 24.80 ? 95   VAL A CG1 1 
ATOM   765  C CG2 . VAL A 1 96  ? 8.727   10.048  -0.800  1.00 26.02 ? 95   VAL A CG2 1 
ATOM   766  N N   . GLU A 1 97  ? 7.362   13.413  1.857   1.00 25.68 ? 96   GLU A N   1 
ATOM   767  C CA  . GLU A 1 97  ? 6.353   14.421  2.195   1.00 26.01 ? 96   GLU A CA  1 
ATOM   768  C C   . GLU A 1 97  ? 5.959   15.230  0.952   1.00 27.02 ? 96   GLU A C   1 
ATOM   769  O O   . GLU A 1 97  ? 6.806   15.572  0.135   1.00 25.92 ? 96   GLU A O   1 
ATOM   770  C CB  . GLU A 1 97  ? 6.854   15.346  3.283   1.00 26.95 ? 96   GLU A CB  1 
ATOM   771  C CG  . GLU A 1 97  ? 7.133   14.626  4.581   1.00 29.04 ? 96   GLU A CG  1 
ATOM   772  C CD  . GLU A 1 97  ? 7.609   15.572  5.655   1.00 33.32 ? 96   GLU A CD  1 
ATOM   773  O OE1 . GLU A 1 97  ? 8.558   16.339  5.365   1.00 38.69 ? 96   GLU A OE1 1 
ATOM   774  O OE2 . GLU A 1 97  ? 7.048   15.554  6.770   1.00 32.28 ? 96   GLU A OE2 1 
ATOM   775  N N   . VAL A 1 98  ? 4.667   15.498  0.795   1.00 26.19 ? 97   VAL A N   1 
ATOM   776  C CA  . VAL A 1 98  ? 4.155   16.198  -0.381  1.00 25.78 ? 97   VAL A CA  1 
ATOM   777  C C   . VAL A 1 98  ? 3.035   17.141  0.036   1.00 25.73 ? 97   VAL A C   1 
ATOM   778  O O   . VAL A 1 98  ? 2.468   16.980  1.096   1.00 25.50 ? 97   VAL A O   1 
ATOM   779  C CB  . VAL A 1 98  ? 3.699   15.204  -1.475  1.00 27.19 ? 97   VAL A CB  1 
ATOM   780  C CG1 . VAL A 1 98  ? 2.378   14.554  -1.083  1.00 25.33 ? 97   VAL A CG1 1 
ATOM   781  C CG2 . VAL A 1 98  ? 3.574   15.886  -2.804  1.00 28.20 ? 97   VAL A CG2 1 
ATOM   782  N N   . ASN A 1 99  ? 2.752   18.156  -0.788  1.00 26.28 ? 98   ASN A N   1 
ATOM   783  C CA  . ASN A 1 99  ? 1.682   19.086  -0.476  1.00 26.99 ? 98   ASN A CA  1 
ATOM   784  C C   . ASN A 1 99  ? 0.324   18.556  -0.905  1.00 26.02 ? 98   ASN A C   1 
ATOM   785  O O   . ASN A 1 99  ? -0.696  18.915  -0.329  1.00 24.96 ? 98   ASN A O   1 
ATOM   786  C CB  . ASN A 1 99  ? 1.945   20.426  -1.141  1.00 27.72 ? 98   ASN A CB  1 
ATOM   787  C CG  . ASN A 1 99  ? 3.038   21.212  -0.424  1.00 30.51 ? 98   ASN A CG  1 
ATOM   788  O OD1 . ASN A 1 99  ? 3.781   21.980  -1.048  1.00 36.05 ? 98   ASN A OD1 1 
ATOM   789  N ND2 . ASN A 1 99  ? 3.150   21.004  0.883   1.00 30.24 ? 98   ASN A ND2 1 
ATOM   790  N N   . GLU A 1 100 ? 0.333   17.695  -1.917  1.00 26.72 ? 99   GLU A N   1 
ATOM   791  C CA  . GLU A 1 100 ? -0.929  17.186  -2.483  1.00 27.12 ? 99   GLU A CA  1 
ATOM   792  C C   . GLU A 1 100 ? -0.818  15.719  -2.843  1.00 25.15 ? 99   GLU A C   1 
ATOM   793  O O   . GLU A 1 100 ? -0.096  15.357  -3.796  1.00 26.67 ? 99   GLU A O   1 
ATOM   794  C CB  . GLU A 1 100 ? -1.338  17.986  -3.727  1.00 27.92 ? 99   GLU A CB  1 
ATOM   795  C CG  . GLU A 1 100 ? -1.687  19.449  -3.494  1.00 31.44 ? 99   GLU A CG  1 
ATOM   796  C CD  . GLU A 1 100 ? -2.951  19.656  -2.647  1.00 36.20 ? 99   GLU A CD  1 
ATOM   797  O OE1 . GLU A 1 100 ? -3.743  18.698  -2.450  1.00 38.21 ? 99   GLU A OE1 1 
ATOM   798  O OE2 . GLU A 1 100 ? -3.172  20.799  -2.194  1.00 37.40 ? 99   GLU A OE2 1 
ATOM   799  N N   . ALA A 1 101 ? -1.559  14.885  -2.104  1.00 22.67 ? 100  ALA A N   1 
ATOM   800  C CA  . ALA A 1 101 ? -1.568  13.452  -2.367  1.00 19.82 ? 100  ALA A CA  1 
ATOM   801  C C   . ALA A 1 101 ? -3.005  12.951  -2.654  1.00 17.87 ? 100  ALA A C   1 
ATOM   802  O O   . ALA A 1 101 ? -3.977  13.611  -2.356  1.00 18.73 ? 100  ALA A O   1 
ATOM   803  C CB  . ALA A 1 101 ? -0.988  12.687  -1.193  1.00 19.81 ? 100  ALA A CB  1 
ATOM   804  N N   . VAL A 1 102 ? -3.065  11.825  -3.330  1.00 16.54 ? 101  VAL A N   1 
ATOM   805  C CA  . VAL A 1 102 ? -4.306  11.079  -3.557  1.00 16.98 ? 101  VAL A CA  1 
ATOM   806  C C   . VAL A 1 102 ? -4.144  9.661   -3.042  1.00 15.95 ? 101  VAL A C   1 
ATOM   807  O O   . VAL A 1 102 ? -3.097  9.021   -3.211  1.00 15.66 ? 101  VAL A O   1 
ATOM   808  C CB  . VAL A 1 102 ? -4.591  11.032  -5.047  1.00 15.47 ? 101  VAL A CB  1 
ATOM   809  C CG1 . VAL A 1 102 ? -5.714  10.066  -5.377  1.00 19.33 ? 101  VAL A CG1 1 
ATOM   810  C CG2 . VAL A 1 102 ? -4.964  12.485  -5.558  1.00 19.60 ? 101  VAL A CG2 1 
ATOM   811  N N   . LEU A 1 103 ? -5.193  9.144   -2.405  1.00 16.10 ? 102  LEU A N   1 
ATOM   812  C CA  . LEU A 1 103 ? -5.209  7.765   -1.998  1.00 15.18 ? 102  LEU A CA  1 
ATOM   813  C C   . LEU A 1 103 ? -6.136  7.019   -2.935  1.00 14.46 ? 102  LEU A C   1 
ATOM   814  O O   . LEU A 1 103 ? -7.251  7.429   -3.115  1.00 16.10 ? 102  LEU A O   1 
ATOM   815  C CB  . LEU A 1 103 ? -5.770  7.712   -0.562  1.00 14.98 ? 102  LEU A CB  1 
ATOM   816  C CG  . LEU A 1 103 ? -5.822  6.354   0.119   1.00 16.87 ? 102  LEU A CG  1 
ATOM   817  C CD1 . LEU A 1 103 ? -4.397  5.784   0.238   1.00 18.23 ? 102  LEU A CD1 1 
ATOM   818  C CD2 . LEU A 1 103 ? -6.540  6.511   1.450   1.00 21.96 ? 102  LEU A CD2 1 
ATOM   819  N N   . ALA A 1 104 ? -5.646  5.950   -3.551  1.00 12.73 ? 103  ALA A N   1 
ATOM   820  C CA  . ALA A 1 104 ? -6.388  5.179   -4.610  1.00 15.73 ? 103  ALA A CA  1 
ATOM   821  C C   . ALA A 1 104 ? -6.762  3.838   -4.036  1.00 15.24 ? 103  ALA A C   1 
ATOM   822  O O   . ALA A 1 104 ? -5.914  3.100   -3.508  1.00 16.61 ? 103  ALA A O   1 
ATOM   823  C CB  . ALA A 1 104 ? -5.497  5.007   -5.810  1.00 16.20 ? 103  ALA A CB  1 
ATOM   824  N N   . ILE A 1 105 ? -8.043  3.483   -4.158  1.00 16.11 ? 104  ILE A N   1 
ATOM   825  C CA  . ILE A 1 105 ? -8.502  2.231   -3.609  1.00 18.82 ? 104  ILE A CA  1 
ATOM   826  C C   . ILE A 1 105 ? -9.144  1.429   -4.734  1.00 19.10 ? 104  ILE A C   1 
ATOM   827  O O   . ILE A 1 105 ? -9.787  2.007   -5.610  1.00 18.19 ? 104  ILE A O   1 
ATOM   828  C CB  . ILE A 1 105 ? -9.486  2.469   -2.488  1.00 19.65 ? 104  ILE A CB  1 
ATOM   829  C CG1 . ILE A 1 105 ? -8.768  3.236   -1.352  1.00 21.82 ? 104  ILE A CG1 1 
ATOM   830  C CG2 . ILE A 1 105 ? -9.947  1.109   -1.918  1.00 21.65 ? 104  ILE A CG2 1 
ATOM   831  C CD1 . ILE A 1 105 ? -9.691  3.929   -0.435  1.00 30.33 ? 104  ILE A CD1 1 
ATOM   832  N N   . ASN A 1 106 ? -8.940  0.104   -4.757  1.00 19.96 ? 105  ASN A N   1 
ATOM   833  C CA  . ASN A 1 106 ? -9.542  -0.672  -5.833  1.00 22.07 ? 105  ASN A CA  1 
ATOM   834  C C   . ASN A 1 106 ? -9.972  -2.037  -5.271  1.00 22.20 ? 105  ASN A C   1 
ATOM   835  O O   . ASN A 1 106 ? -9.186  -2.980  -5.308  1.00 23.43 ? 105  ASN A O   1 
ATOM   836  C CB  . ASN A 1 106 ? -8.546  -0.819  -7.011  1.00 23.73 ? 105  ASN A CB  1 
ATOM   837  C CG  . ASN A 1 106 ? -9.101  -1.658  -8.148  1.00 29.87 ? 105  ASN A CG  1 
ATOM   838  O OD1 . ASN A 1 106 ? -10.301 -1.653  -8.397  1.00 33.50 ? 105  ASN A OD1 1 
ATOM   839  N ND2 . ASN A 1 106 ? -8.208  -2.353  -8.867  1.00 33.40 ? 105  ASN A ND2 1 
ATOM   840  N N   . THR A 1 107 ? -11.181 -2.086  -4.736  1.00 24.49 ? 106  THR A N   1 
ATOM   841  C CA  . THR A 1 107 ? -11.796 -3.357  -4.246  1.00 25.42 ? 106  THR A CA  1 
ATOM   842  C C   . THR A 1 107 ? -13.286 -3.409  -4.632  1.00 27.55 ? 106  THR A C   1 
ATOM   843  O O   . THR A 1 107 ? -13.792 -2.509  -5.324  1.00 28.71 ? 106  THR A O   1 
ATOM   844  C CB  . THR A 1 107 ? -11.673 -3.507  -2.684  1.00 25.40 ? 106  THR A CB  1 
ATOM   845  O OG1 . THR A 1 107 ? -12.514 -2.554  -2.024  1.00 25.31 ? 106  THR A OG1 1 
ATOM   846  C CG2 . THR A 1 107 ? -10.234 -3.355  -2.171  1.00 24.42 ? 106  THR A CG2 1 
ATOM   847  N N   . SER A 1 108 ? -14.017 -4.433  -4.171  1.00 28.36 ? 107  SER A N   1 
ATOM   848  C CA  . SER A 1 108 ? -15.466 -4.536  -4.460  1.00 29.24 ? 107  SER A CA  1 
ATOM   849  C C   . SER A 1 108 ? -16.197 -3.483  -3.696  1.00 29.82 ? 107  SER A C   1 
ATOM   850  O O   . SER A 1 108 ? -17.153 -2.912  -4.197  1.00 31.53 ? 107  SER A O   1 
ATOM   851  C CB  . SER A 1 108 ? -16.022 -5.915  -4.067  1.00 29.83 ? 107  SER A CB  1 
ATOM   852  O OG  . SER A 1 108 ? -15.203 -6.900  -4.640  1.00 31.20 ? 107  SER A OG  1 
ATOM   853  N N   . LYS A 1 109 ? -15.735 -3.218  -2.485  1.00 29.19 ? 108  LYS A N   1 
ATOM   854  C CA  . LYS A 1 109 ? -16.345 -2.182  -1.654  1.00 29.77 ? 108  LYS A CA  1 
ATOM   855  C C   . LYS A 1 109 ? -16.050 -0.780  -2.213  1.00 29.21 ? 108  LYS A C   1 
ATOM   856  O O   . LYS A 1 109 ? -16.901 0.125   -2.112  1.00 30.16 ? 108  LYS A O   1 
ATOM   857  C CB  . LYS A 1 109 ? -15.843 -2.282  -0.215  1.00 30.52 ? 108  LYS A CB  1 
ATOM   858  C CG  . LYS A 1 109 ? -16.512 -1.269  0.699   1.00 32.62 ? 108  LYS A CG  1 
ATOM   859  C CD  . LYS A 1 109 ? -16.278 -1.482  2.177   1.00 36.76 ? 108  LYS A CD  1 
ATOM   860  C CE  . LYS A 1 109 ? -17.257 -0.566  2.931   1.00 40.33 ? 108  LYS A CE  1 
ATOM   861  N NZ  . LYS A 1 109 ? -16.758 -0.034  4.248   1.00 40.91 ? 108  LYS A NZ  1 
ATOM   862  N N   . PHE A 1 110 ? -14.846 -0.603  -2.760  1.00 27.94 ? 109  PHE A N   1 
ATOM   863  C CA  . PHE A 1 110 ? -14.434 0.685   -3.320  1.00 25.36 ? 109  PHE A CA  1 
ATOM   864  C C   . PHE A 1 110 ? -13.816 0.487   -4.712  1.00 24.96 ? 109  PHE A C   1 
ATOM   865  O O   . PHE A 1 110 ? -12.586 0.485   -4.850  1.00 23.29 ? 109  PHE A O   1 
ATOM   866  C CB  . PHE A 1 110 ? -13.438 1.397   -2.388  1.00 25.99 ? 109  PHE A CB  1 
ATOM   867  C CG  . PHE A 1 110 ? -13.940 1.626   -0.976  1.00 27.20 ? 109  PHE A CG  1 
ATOM   868  C CD1 . PHE A 1 110 ? -14.970 2.530   -0.725  1.00 29.06 ? 109  PHE A CD1 1 
ATOM   869  C CD2 . PHE A 1 110 ? -13.369 0.961   0.110   1.00 29.66 ? 109  PHE A CD2 1 
ATOM   870  C CE1 . PHE A 1 110 ? -15.422 2.780   0.560   1.00 31.14 ? 109  PHE A CE1 1 
ATOM   871  C CE2 . PHE A 1 110 ? -13.823 1.210   1.433   1.00 29.53 ? 109  PHE A CE2 1 
ATOM   872  C CZ  . PHE A 1 110 ? -14.848 2.104   1.653   1.00 30.31 ? 109  PHE A CZ  1 
ATOM   873  N N   . PRO A 1 111 ? -14.662 0.288   -5.750  1.00 24.14 ? 110  PRO A N   1 
ATOM   874  C CA  . PRO A 1 111 ? -14.076 0.056   -7.055  1.00 24.00 ? 110  PRO A CA  1 
ATOM   875  C C   . PRO A 1 111 ? -13.584 1.354   -7.709  1.00 23.49 ? 110  PRO A C   1 
ATOM   876  O O   . PRO A 1 111 ? -14.353 2.309   -7.864  1.00 25.01 ? 110  PRO A O   1 
ATOM   877  C CB  . PRO A 1 111 ? -15.223 -0.578  -7.890  1.00 23.12 ? 110  PRO A CB  1 
ATOM   878  C CG  . PRO A 1 111 ? -16.373 -0.626  -7.047  1.00 24.35 ? 110  PRO A CG  1 
ATOM   879  C CD  . PRO A 1 111 ? -16.112 0.018   -5.720  1.00 26.10 ? 110  PRO A CD  1 
ATOM   880  N N   . ASN A 1 112 ? -12.310 1.344   -8.060  1.00 23.48 ? 111  ASN A N   1 
ATOM   881  C CA  . ASN A 1 112 ? -11.586 2.469   -8.683  1.00 22.84 ? 111  ASN A CA  1 
ATOM   882  C C   . ASN A 1 112 ? -11.967 3.840   -8.135  1.00 20.79 ? 111  ASN A C   1 
ATOM   883  O O   . ASN A 1 112 ? -12.432 4.716   -8.870  1.00 20.24 ? 111  ASN A O   1 
ATOM   884  C CB  . ASN A 1 112 ? -11.681 2.434   -10.211 1.00 24.92 ? 111  ASN A CB  1 
ATOM   885  C CG  . ASN A 1 112 ? -10.430 2.989   -10.880 1.00 29.02 ? 111  ASN A CG  1 
ATOM   886  O OD1 . ASN A 1 112 ? -9.293  2.748   -10.420 1.00 35.60 ? 111  ASN A OD1 1 
ATOM   887  N ND2 . ASN A 1 112 ? -10.618 3.716   -11.986 1.00 33.83 ? 111  ASN A ND2 1 
ATOM   888  N N   . MET A 1 113 ? -11.756 4.009   -6.833  1.00 18.60 ? 112  MET A N   1 
ATOM   889  C CA  . MET A 1 113 ? -12.095 5.241   -6.140  1.00 19.36 ? 112  MET A CA  1 
ATOM   890  C C   . MET A 1 113 ? -10.826 5.969   -5.671  1.00 17.73 ? 112  MET A C   1 
ATOM   891  O O   . MET A 1 113 ? -9.815  5.347   -5.349  1.00 19.78 ? 112  MET A O   1 
ATOM   892  C CB  . MET A 1 113 ? -13.021 4.927   -4.996  1.00 20.22 ? 112  MET A CB  1 
ATOM   893  C CG  . MET A 1 113 ? -14.326 4.339   -5.550  1.00 24.04 ? 112  MET A CG  1 
ATOM   894  S SD  . MET A 1 113 ? -15.609 4.135   -4.331  1.00 33.42 ? 112  MET A SD  1 
ATOM   895  C CE  . MET A 1 113 ? -16.314 5.786   -4.283  1.00 34.76 ? 112  MET A CE  1 
ATOM   896  N N   . TYR A 1 114 ? -10.893 7.286   -5.686  1.00 16.18 ? 113  TYR A N   1 
ATOM   897  C CA  . TYR A 1 114 ? -9.727  8.141   -5.422  1.00 13.33 ? 113  TYR A CA  1 
ATOM   898  C C   . TYR A 1 114 ? -10.110 9.214   -4.461  1.00 14.77 ? 113  TYR A C   1 
ATOM   899  O O   . TYR A 1 114 ? -11.198 9.774   -4.536  1.00 15.70 ? 113  TYR A O   1 
ATOM   900  C CB  . TYR A 1 114 ? -9.166  8.759   -6.743  1.00 13.91 ? 113  TYR A CB  1 
ATOM   901  C CG  . TYR A 1 114 ? -8.705  7.712   -7.710  1.00 15.04 ? 113  TYR A CG  1 
ATOM   902  C CD1 . TYR A 1 114 ? -9.626  7.023   -8.492  1.00 14.18 ? 113  TYR A CD1 1 
ATOM   903  C CD2 . TYR A 1 114 ? -7.342  7.383   -7.857  1.00 15.37 ? 113  TYR A CD2 1 
ATOM   904  C CE1 . TYR A 1 114 ? -9.199  6.018   -9.376  1.00 15.70 ? 113  TYR A CE1 1 
ATOM   905  C CE2 . TYR A 1 114 ? -6.948  6.380   -8.689  1.00 15.43 ? 113  TYR A CE2 1 
ATOM   906  C CZ  . TYR A 1 114 ? -7.885  5.719   -9.473  1.00 17.52 ? 113  TYR A CZ  1 
ATOM   907  O OH  . TYR A 1 114 ? -7.449  4.703   -10.313 1.00 18.80 ? 113  TYR A OH  1 
ATOM   908  N N   . ILE A 1 115 ? -9.229  9.496   -3.516  1.00 14.41 ? 114  ILE A N   1 
ATOM   909  C CA  . ILE A 1 115 ? -9.557  10.435  -2.474  1.00 15.40 ? 114  ILE A CA  1 
ATOM   910  C C   . ILE A 1 115 ? -8.460  11.523  -2.383  1.00 17.14 ? 114  ILE A C   1 
ATOM   911  O O   . ILE A 1 115 ? -7.325  11.191  -2.206  1.00 18.08 ? 114  ILE A O   1 
ATOM   912  C CB  . ILE A 1 115 ? -9.561  9.732   -1.095  1.00 14.06 ? 114  ILE A CB  1 
ATOM   913  C CG1 . ILE A 1 115 ? -10.575 8.569   -1.078  1.00 16.32 ? 114  ILE A CG1 1 
ATOM   914  C CG2 . ILE A 1 115 ? -9.927  10.751  -0.018  1.00 17.72 ? 114  ILE A CG2 1 
ATOM   915  C CD1 . ILE A 1 115 ? -10.444 7.606   0.076   1.00 22.90 ? 114  ILE A CD1 1 
ATOM   916  N N   . PRO A 1 116 ? -8.821  12.815  -2.469  1.00 17.71 ? 115  PRO A N   1 
ATOM   917  C CA  . PRO A 1 116 ? -7.758  13.800  -2.248  1.00 20.15 ? 115  PRO A CA  1 
ATOM   918  C C   . PRO A 1 116 ? -7.490  13.932  -0.741  1.00 19.91 ? 115  PRO A C   1 
ATOM   919  O O   . PRO A 1 116 ? -8.421  14.193  0.040   1.00 21.12 ? 115  PRO A O   1 
ATOM   920  C CB  . PRO A 1 116 ? -8.324  15.071  -2.864  1.00 19.57 ? 115  PRO A CB  1 
ATOM   921  C CG  . PRO A 1 116 ? -9.844  14.921  -2.665  1.00 19.72 ? 115  PRO A CG  1 
ATOM   922  C CD  . PRO A 1 116 ? -10.122 13.420  -2.796  1.00 19.22 ? 115  PRO A CD  1 
ATOM   923  N N   . VAL A 1 117 ? -6.249  13.724  -0.311  1.00 20.79 ? 116  VAL A N   1 
ATOM   924  C CA  . VAL A 1 117 ? -5.989  13.729  1.132   1.00 21.90 ? 116  VAL A CA  1 
ATOM   925  C C   . VAL A 1 117 ? -5.111  14.925  1.499   1.00 23.03 ? 116  VAL A C   1 
ATOM   926  O O   . VAL A 1 117 ? -4.774  15.109  2.665   1.00 25.39 ? 116  VAL A O   1 
ATOM   927  C CB  . VAL A 1 117 ? -5.375  12.397  1.646   1.00 21.59 ? 116  VAL A CB  1 
ATOM   928  C CG1 . VAL A 1 117 ? -6.293  11.183  1.314   1.00 21.94 ? 116  VAL A CG1 1 
ATOM   929  C CG2 . VAL A 1 117 ? -3.978  12.167  1.058   1.00 21.57 ? 116  VAL A CG2 1 
ATOM   930  N N   . GLY A 1 118 ? -4.741  15.722  0.501   1.00 24.45 ? 117  GLY A N   1 
ATOM   931  C CA  . GLY A 1 118 ? -3.881  16.903  0.720   1.00 26.18 ? 117  GLY A CA  1 
ATOM   932  C C   . GLY A 1 118 ? -2.470  16.550  1.163   1.00 26.52 ? 117  GLY A C   1 
ATOM   933  O O   . GLY A 1 118 ? -1.802  15.652  0.610   1.00 26.75 ? 117  GLY A O   1 
ATOM   934  N N   . GLN A 1 119 ? -2.012  17.258  2.185   1.00 26.85 ? 118  GLN A N   1 
ATOM   935  C CA  . GLN A 1 119 ? -0.640  17.183  2.641   1.00 28.07 ? 118  GLN A CA  1 
ATOM   936  C C   . GLN A 1 119 ? -0.300  15.870  3.334   1.00 26.93 ? 118  GLN A C   1 
ATOM   937  O O   . GLN A 1 119 ? -1.054  15.392  4.172   1.00 27.64 ? 118  GLN A O   1 
ATOM   938  C CB  . GLN A 1 119 ? -0.425  18.306  3.629   1.00 27.85 ? 118  GLN A CB  1 
ATOM   939  C CG  . GLN A 1 119 ? 0.973   18.431  4.122   1.00 34.44 ? 118  GLN A CG  1 
ATOM   940  C CD  . GLN A 1 119 ? 1.171   19.723  4.883   1.00 37.20 ? 118  GLN A CD  1 
ATOM   941  O OE1 . GLN A 1 119 ? 1.205   20.797  4.285   1.00 43.58 ? 118  GLN A OE1 1 
ATOM   942  N NE2 . GLN A 1 119 ? 1.274   19.627  6.201   1.00 39.52 ? 118  GLN A NE2 1 
ATOM   943  N N   . VAL A 1 120 ? 0.859   15.320  2.973   1.00 27.33 ? 119  VAL A N   1 
ATOM   944  C CA  . VAL A 1 120 ? 1.390   14.118  3.611   1.00 26.17 ? 119  VAL A CA  1 
ATOM   945  C C   . VAL A 1 120 ? 2.627   14.533  4.416   1.00 27.68 ? 119  VAL A C   1 
ATOM   946  O O   . VAL A 1 120 ? 3.558   15.136  3.893   1.00 27.39 ? 119  VAL A O   1 
ATOM   947  C CB  . VAL A 1 120 ? 1.746   13.021  2.592   1.00 26.19 ? 119  VAL A CB  1 
ATOM   948  C CG1 . VAL A 1 120 ? 2.397   11.826  3.270   1.00 23.60 ? 119  VAL A CG1 1 
ATOM   949  C CG2 . VAL A 1 120 ? 0.498   12.574  1.827   1.00 24.12 ? 119  VAL A CG2 1 
ATOM   950  N N   . THR A 1 121 ? 2.608   14.213  5.689   1.00 28.30 ? 120  THR A N   1 
ATOM   951  C CA  . THR A 1 121 ? 3.744   14.517  6.545   1.00 30.82 ? 120  THR A CA  1 
ATOM   952  C C   . THR A 1 121 ? 4.307   13.253  7.164   1.00 31.18 ? 120  THR A C   1 
ATOM   953  O O   . THR A 1 121 ? 3.573   12.301  7.442   1.00 31.24 ? 120  THR A O   1 
ATOM   954  C CB  . THR A 1 121 ? 3.352   15.519  7.644   1.00 30.49 ? 120  THR A CB  1 
ATOM   955  O OG1 . THR A 1 121 ? 2.177   15.076  8.294   1.00 35.78 ? 120  THR A OG1 1 
ATOM   956  C CG2 . THR A 1 121 ? 3.045   16.838  7.053   1.00 33.04 ? 120  THR A CG2 1 
ATOM   957  N N   . GLU A 1 122 ? 5.620   13.234  7.358   1.00 31.56 ? 121  GLU A N   1 
ATOM   958  C CA  . GLU A 1 122 ? 6.264   12.115  8.018   1.00 32.85 ? 121  GLU A CA  1 
ATOM   959  C C   . GLU A 1 122 ? 5.891   12.164  9.500   1.00 33.59 ? 121  GLU A C   1 
ATOM   960  O O   . GLU A 1 122 ? 6.252   13.102  10.241  1.00 34.63 ? 121  GLU A O   1 
ATOM   961  C CB  . GLU A 1 122 ? 7.784   12.136  7.821   1.00 32.11 ? 121  GLU A CB  1 
ATOM   962  C CG  . GLU A 1 122 ? 8.478   10.898  8.400   1.00 33.70 ? 121  GLU A CG  1 
ATOM   963  C CD  . GLU A 1 122 ? 9.994   11.005  8.395   1.00 36.74 ? 121  GLU A CD  1 
ATOM   964  O OE1 . GLU A 1 122 ? 10.529  11.924  7.749   1.00 36.02 ? 121  GLU A OE1 1 
ATOM   965  O OE2 . GLU A 1 122 ? 10.647  10.190  9.077   1.00 39.33 ? 121  GLU A OE2 1 
ATOM   966  N N   . TYR A 1 123 ? 5.116   11.183  9.917   1.00 33.92 ? 122  TYR A N   1 
ATOM   967  C CA  . TYR A 1 123 ? 4.681   11.090  11.282  1.00 34.44 ? 122  TYR A CA  1 
ATOM   968  C C   . TYR A 1 123 ? 5.694   10.299  12.070  1.00 34.37 ? 122  TYR A C   1 
ATOM   969  O O   . TYR A 1 123 ? 6.102   10.719  13.168  1.00 35.21 ? 122  TYR A O   1 
ATOM   970  C CB  . TYR A 1 123 ? 3.284   10.448  11.380  1.00 34.79 ? 122  TYR A CB  1 
ATOM   971  C CG  . TYR A 1 123 ? 2.589   10.791  12.673  1.00 36.75 ? 122  TYR A CG  1 
ATOM   972  C CD1 . TYR A 1 123 ? 2.109   12.074  12.895  1.00 40.08 ? 122  TYR A CD1 1 
ATOM   973  C CD2 . TYR A 1 123 ? 2.438   9.845   13.676  1.00 40.65 ? 122  TYR A CD2 1 
ATOM   974  C CE1 . TYR A 1 123 ? 1.496   12.418  14.086  1.00 43.42 ? 122  TYR A CE1 1 
ATOM   975  C CE2 . TYR A 1 123 ? 1.813   10.168  14.884  1.00 43.50 ? 122  TYR A CE2 1 
ATOM   976  C CZ  . TYR A 1 123 ? 1.344   11.460  15.083  1.00 45.09 ? 122  TYR A CZ  1 
ATOM   977  O OH  . TYR A 1 123 ? 0.737   11.814  16.274  1.00 47.87 ? 122  TYR A OH  1 
ATOM   978  N N   . GLY A 1 124 ? 6.132   9.176   11.511  1.00 33.66 ? 123  GLY A N   1 
ATOM   979  C CA  . GLY A 1 124 ? 7.162   8.379   12.154  1.00 33.25 ? 123  GLY A CA  1 
ATOM   980  C C   . GLY A 1 124 ? 6.558   7.334   13.059  1.00 32.99 ? 123  GLY A C   1 
ATOM   981  O O   . GLY A 1 124 ? 5.839   6.449   12.580  1.00 31.96 ? 123  GLY A O   1 
ATOM   982  N N   . PHE A 1 125 ? 6.859   7.436   14.361  1.00 32.76 ? 124  PHE A N   1 
ATOM   983  C CA  . PHE A 1 125 ? 6.372   6.465   15.339  1.00 32.92 ? 124  PHE A CA  1 
ATOM   984  C C   . PHE A 1 125 ? 4.891   6.607   15.662  1.00 32.85 ? 124  PHE A C   1 
ATOM   985  O O   . PHE A 1 125 ? 4.413   7.717   15.924  1.00 33.02 ? 124  PHE A O   1 
ATOM   986  C CB  . PHE A 1 125 ? 7.133   6.569   16.672  1.00 33.10 ? 124  PHE A CB  1 
ATOM   987  C CG  . PHE A 1 125 ? 6.508   5.745   17.752  1.00 33.38 ? 124  PHE A CG  1 
ATOM   988  C CD1 . PHE A 1 125 ? 6.697   4.365   17.775  1.00 32.43 ? 124  PHE A CD1 1 
ATOM   989  C CD2 . PHE A 1 125 ? 5.658   6.336   18.694  1.00 33.60 ? 124  PHE A CD2 1 
ATOM   990  C CE1 . PHE A 1 125 ? 6.082   3.567   18.753  1.00 32.25 ? 124  PHE A CE1 1 
ATOM   991  C CE2 . PHE A 1 125 ? 5.029   5.557   19.673  1.00 34.14 ? 124  PHE A CE2 1 
ATOM   992  C CZ  . PHE A 1 125 ? 5.248   4.172   19.712  1.00 32.98 ? 124  PHE A CZ  1 
ATOM   993  N N   . LEU A 1 126 ? 4.195   5.473   15.722  1.00 31.78 ? 125  LEU A N   1 
ATOM   994  C CA  . LEU A 1 126 ? 2.782   5.429   16.068  1.00 33.00 ? 125  LEU A CA  1 
ATOM   995  C C   . LEU A 1 126 ? 2.450   4.118   16.785  1.00 32.76 ? 125  LEU A C   1 
ATOM   996  O O   . LEU A 1 126 ? 2.884   3.046   16.368  1.00 30.18 ? 125  LEU A O   1 
ATOM   997  C CB  . LEU A 1 126 ? 1.941   5.509   14.791  1.00 33.36 ? 125  LEU A CB  1 
ATOM   998  C CG  . LEU A 1 126 ? 0.444   5.229   14.927  1.00 34.77 ? 125  LEU A CG  1 
ATOM   999  C CD1 . LEU A 1 126 ? -0.209  6.425   15.620  1.00 35.60 ? 125  LEU A CD1 1 
ATOM   1000 C CD2 . LEU A 1 126 ? -0.171  4.990   13.542  1.00 37.67 ? 125  LEU A CD2 1 
ATOM   1001 N N   . ASN A 1 127 ? 1.665   4.192   17.856  1.00 34.16 ? 126  ASN A N   1 
ATOM   1002 C CA  . ASN A 1 127 ? 1.156   2.958   18.412  1.00 34.72 ? 126  ASN A CA  1 
ATOM   1003 C C   . ASN A 1 127 ? -0.099  2.618   17.632  1.00 34.91 ? 126  ASN A C   1 
ATOM   1004 O O   . ASN A 1 127 ? -1.147  3.271   17.799  1.00 35.02 ? 126  ASN A O   1 
ATOM   1005 C CB  . ASN A 1 127 ? 0.892   3.050   19.915  1.00 35.53 ? 126  ASN A CB  1 
ATOM   1006 C CG  . ASN A 1 127 ? 0.518   1.712   20.508  1.00 37.85 ? 126  ASN A CG  1 
ATOM   1007 O OD1 . ASN A 1 127 ? -0.434  1.084   20.058  1.00 39.69 ? 126  ASN A OD1 1 
ATOM   1008 N ND2 . ASN A 1 127 ? 1.273   1.259   21.511  1.00 41.37 ? 126  ASN A ND2 1 
ATOM   1009 N N   . LEU A 1 128 ? 0.034   1.622   16.758  1.00 35.32 ? 127  LEU A N   1 
ATOM   1010 C CA  . LEU A 1 128 ? -0.980  1.311   15.739  1.00 36.16 ? 127  LEU A CA  1 
ATOM   1011 C C   . LEU A 1 128 ? -1.798  0.110   16.183  1.00 36.88 ? 127  LEU A C   1 
ATOM   1012 O O   . LEU A 1 128 ? -1.377  -1.051  16.041  1.00 37.21 ? 127  LEU A O   1 
ATOM   1013 C CB  . LEU A 1 128 ? -0.343  1.105   14.339  1.00 35.36 ? 127  LEU A CB  1 
ATOM   1014 C CG  . LEU A 1 128 ? -1.267  0.760   13.158  1.00 35.67 ? 127  LEU A CG  1 
ATOM   1015 C CD1 . LEU A 1 128 ? -2.275  1.895   12.914  1.00 34.69 ? 127  LEU A CD1 1 
ATOM   1016 C CD2 . LEU A 1 128 ? -0.506  0.394   11.859  1.00 31.83 ? 127  LEU A CD2 1 
ATOM   1017 N N   . GLY A 1 129 ? -2.964  0.416   16.758  1.00 37.83 ? 128  GLY A N   1 
ATOM   1018 C CA  . GLY A 1 129 ? -3.886  -0.591  17.272  1.00 38.45 ? 128  GLY A CA  1 
ATOM   1019 C C   . GLY A 1 129 ? -3.207  -1.466  18.300  1.00 38.95 ? 128  GLY A C   1 
ATOM   1020 O O   . GLY A 1 129 ? -3.405  -2.690  18.324  1.00 39.88 ? 128  GLY A O   1 
ATOM   1021 N N   . GLY A 1 130 ? -2.383  -0.846  19.139  1.00 38.82 ? 129  GLY A N   1 
ATOM   1022 C CA  . GLY A 1 130 ? -1.665  -1.586  20.173  1.00 38.12 ? 129  GLY A CA  1 
ATOM   1023 C C   . GLY A 1 130 ? -0.296  -2.094  19.765  1.00 37.34 ? 129  GLY A C   1 
ATOM   1024 O O   . GLY A 1 130 ? 0.392   -2.711  20.574  1.00 38.27 ? 129  GLY A O   1 
ATOM   1025 N N   . THR A 1 131 ? 0.115   -1.847  18.518  1.00 35.72 ? 130  THR A N   1 
ATOM   1026 C CA  . THR A 1 131 ? 1.434   -2.277  18.069  1.00 34.51 ? 130  THR A CA  1 
ATOM   1027 C C   . THR A 1 131 ? 2.328   -1.069  17.751  1.00 32.89 ? 130  THR A C   1 
ATOM   1028 O O   . THR A 1 131 ? 1.987   -0.284  16.864  1.00 32.46 ? 130  THR A O   1 
ATOM   1029 C CB  . THR A 1 131 ? 1.367   -3.156  16.800  1.00 34.79 ? 130  THR A CB  1 
ATOM   1030 O OG1 . THR A 1 131 ? 0.375   -4.185  16.958  1.00 37.89 ? 130  THR A OG1 1 
ATOM   1031 C CG2 . THR A 1 131 ? 2.733   -3.799  16.522  1.00 34.55 ? 130  THR A CG2 1 
ATOM   1032 N N   . PRO A 1 132 ? 3.473   -0.939  18.456  1.00 31.86 ? 131  PRO A N   1 
ATOM   1033 C CA  . PRO A 1 132 ? 4.440   0.109   18.109  1.00 30.28 ? 131  PRO A CA  1 
ATOM   1034 C C   . PRO A 1 132 ? 4.874   -0.037  16.658  1.00 27.88 ? 131  PRO A C   1 
ATOM   1035 O O   . PRO A 1 132 ? 5.304   -1.115  16.233  1.00 27.76 ? 131  PRO A O   1 
ATOM   1036 C CB  . PRO A 1 132 ? 5.633   -0.177  19.028  1.00 30.33 ? 131  PRO A CB  1 
ATOM   1037 C CG  . PRO A 1 132 ? 5.134   -1.069  20.077  1.00 32.09 ? 131  PRO A CG  1 
ATOM   1038 C CD  . PRO A 1 132 ? 4.025   -1.862  19.470  1.00 31.56 ? 131  PRO A CD  1 
ATOM   1039 N N   . THR A 1 133 ? 4.743   1.037   15.893  1.00 26.99 ? 132  THR A N   1 
ATOM   1040 C CA  . THR A 1 133 ? 5.024   0.986   14.460  1.00 26.92 ? 132  THR A CA  1 
ATOM   1041 C C   . THR A 1 133 ? 5.805   2.216   14.067  1.00 25.80 ? 132  THR A C   1 
ATOM   1042 O O   . THR A 1 133 ? 5.650   3.282   14.665  1.00 26.98 ? 132  THR A O   1 
ATOM   1043 C CB  . THR A 1 133 ? 3.694   0.908   13.663  1.00 26.97 ? 132  THR A CB  1 
ATOM   1044 O OG1 . THR A 1 133 ? 2.914   -0.201  14.140  1.00 26.17 ? 132  THR A OG1 1 
ATOM   1045 C CG2 . THR A 1 133 ? 3.912   0.737   12.193  1.00 28.87 ? 132  THR A CG2 1 
ATOM   1046 N N   . LYS A 1 134 ? 6.641   2.077   13.061  1.00 26.27 ? 133  LYS A N   1 
ATOM   1047 C CA  . LYS A 1 134 ? 7.423   3.210   12.590  1.00 25.17 ? 133  LYS A CA  1 
ATOM   1048 C C   . LYS A 1 134 ? 7.248   3.443   11.105  1.00 24.40 ? 133  LYS A C   1 
ATOM   1049 O O   . LYS A 1 134 ? 6.609   2.621   10.404  1.00 23.12 ? 133  LYS A O   1 
ATOM   1050 C CB  . LYS A 1 134 ? 8.897   3.020   12.944  1.00 26.68 ? 133  LYS A CB  1 
ATOM   1051 C CG  . LYS A 1 134 ? 9.098   3.187   14.485  1.00 28.65 ? 133  LYS A CG  1 
ATOM   1052 C CD  . LYS A 1 134 ? 10.537  3.138   14.879  1.00 32.93 ? 133  LYS A CD  1 
ATOM   1053 C CE  . LYS A 1 134 ? 10.639  3.404   16.370  1.00 34.98 ? 133  LYS A CE  1 
ATOM   1054 N NZ  . LYS A 1 134 ? 12.043  3.461   16.766  1.00 36.79 ? 133  LYS A NZ  1 
ATOM   1055 N N   . ARG A 1 135 ? 7.843   4.557   10.666  1.00 22.63 ? 134  ARG A N   1 
ATOM   1056 C CA  . ARG A 1 135 ? 7.850   5.010   9.248   1.00 23.88 ? 134  ARG A CA  1 
ATOM   1057 C C   . ARG A 1 135 ? 6.456   5.323   8.710   1.00 23.76 ? 134  ARG A C   1 
ATOM   1058 O O   . ARG A 1 135 ? 6.163   5.106   7.504   1.00 22.85 ? 134  ARG A O   1 
ATOM   1059 C CB  . ARG A 1 135 ? 8.614   4.039   8.375   1.00 24.27 ? 134  ARG A CB  1 
ATOM   1060 C CG  . ARG A 1 135 ? 10.067  3.914   8.818   1.00 26.64 ? 134  ARG A CG  1 
ATOM   1061 C CD  . ARG A 1 135 ? 10.851  3.001   7.916   1.00 27.18 ? 134  ARG A CD  1 
ATOM   1062 N NE  . ARG A 1 135 ? 12.093  2.614   8.572   1.00 30.52 ? 134  ARG A NE  1 
ATOM   1063 C CZ  . ARG A 1 135 ? 12.887  1.611   8.202   1.00 30.05 ? 134  ARG A CZ  1 
ATOM   1064 N NH1 . ARG A 1 135 ? 12.625  0.875   7.124   1.00 28.95 ? 134  ARG A NH1 1 
ATOM   1065 N NH2 . ARG A 1 135 ? 13.990  1.362   8.915   1.00 31.45 ? 134  ARG A NH2 1 
ATOM   1066 N N   . MET A 1 136 ? 5.605   5.853   9.587   1.00 23.00 ? 135  MET A N   1 
ATOM   1067 C CA  . MET A 1 136 ? 4.239   6.192   9.218   1.00 23.48 ? 135  MET A CA  1 
ATOM   1068 C C   . MET A 1 136 ? 4.189   7.545   8.555   1.00 23.76 ? 135  MET A C   1 
ATOM   1069 O O   . MET A 1 136 ? 4.929   8.471   8.944   1.00 24.12 ? 135  MET A O   1 
ATOM   1070 C CB  . MET A 1 136 ? 3.301   6.220   10.418  1.00 24.49 ? 135  MET A CB  1 
ATOM   1071 C CG  . MET A 1 136 ? 3.188   4.942   11.188  1.00 25.28 ? 135  MET A CG  1 
ATOM   1072 S SD  . MET A 1 136 ? 1.955   3.877   10.411  1.00 30.69 ? 135  MET A SD  1 
ATOM   1073 C CE  . MET A 1 136 ? 2.998   2.865   9.436   1.00 21.87 ? 135  MET A CE  1 
ATOM   1074 N N   . LEU A 1 137 ? 3.367   7.627   7.514   1.00 21.67 ? 136  LEU A N   1 
ATOM   1075 C CA  . LEU A 1 137 ? 3.017   8.884   6.884   1.00 21.55 ? 136  LEU A CA  1 
ATOM   1076 C C   . LEU A 1 137 ? 1.617   9.244   7.333   1.00 21.39 ? 136  LEU A C   1 
ATOM   1077 O O   . LEU A 1 137 ? 0.766   8.378   7.409   1.00 22.61 ? 136  LEU A O   1 
ATOM   1078 C CB  . LEU A 1 137 ? 3.075   8.761   5.345   1.00 20.55 ? 136  LEU A CB  1 
ATOM   1079 C CG  . LEU A 1 137 ? 4.425   8.200   4.835   1.00 21.01 ? 136  LEU A CG  1 
ATOM   1080 C CD1 . LEU A 1 137 ? 4.452   8.006   3.320   1.00 19.04 ? 136  LEU A CD1 1 
ATOM   1081 C CD2 . LEU A 1 137 ? 5.601   9.066   5.218   1.00 22.25 ? 136  LEU A CD2 1 
ATOM   1082 N N   . MET A 1 138 ? 1.344   10.520  7.563   1.00 22.38 ? 137  MET A N   1 
ATOM   1083 C CA  . MET A 1 138 ? 0.019   10.925  8.049   1.00 23.44 ? 137  MET A CA  1 
ATOM   1084 C C   . MET A 1 138 ? -0.612  11.960  7.121   1.00 22.97 ? 137  MET A C   1 
ATOM   1085 O O   . MET A 1 138 ? 0.070   12.796  6.521   1.00 23.46 ? 137  MET A O   1 
ATOM   1086 C CB  . MET A 1 138 ? 0.086   11.421  9.513   1.00 24.78 ? 137  MET A CB  1 
ATOM   1087 C CG  . MET A 1 138 ? -1.204  11.912  10.092  1.00 27.83 ? 137  MET A CG  1 
ATOM   1088 S SD  . MET A 1 138 ? -1.426  13.672  9.746   1.00 36.27 ? 137  MET A SD  1 
ATOM   1089 C CE  . MET A 1 138 ? 0.064   14.467  10.396  1.00 33.47 ? 137  MET A CE  1 
ATOM   1090 N N   . TYR A 1 139 ? -1.932  11.855  6.983   1.00 23.27 ? 138  TYR A N   1 
ATOM   1091 C CA  . TYR A 1 139 ? -2.724  12.775  6.182   1.00 24.00 ? 138  TYR A CA  1 
ATOM   1092 C C   . TYR A 1 139 ? -4.119  12.862  6.796   1.00 25.61 ? 138  TYR A C   1 
ATOM   1093 O O   . TYR A 1 139 ? -4.615  11.917  7.405   1.00 24.77 ? 138  TYR A O   1 
ATOM   1094 C CB  . TYR A 1 139 ? -2.807  12.317  4.720   1.00 22.94 ? 138  TYR A CB  1 
ATOM   1095 C CG  . TYR A 1 139 ? -2.803  10.793  4.594   1.00 20.36 ? 138  TYR A CG  1 
ATOM   1096 C CD1 . TYR A 1 139 ? -1.597  10.070  4.644   1.00 21.53 ? 138  TYR A CD1 1 
ATOM   1097 C CD2 . TYR A 1 139 ? -3.987  10.084  4.441   1.00 21.97 ? 138  TYR A CD2 1 
ATOM   1098 C CE1 . TYR A 1 139 ? -1.563  8.689   4.599   1.00 18.93 ? 138  TYR A CE1 1 
ATOM   1099 C CE2 . TYR A 1 139 ? -3.966  8.698   4.388   1.00 18.20 ? 138  TYR A CE2 1 
ATOM   1100 C CZ  . TYR A 1 139 ? -2.773  8.017   4.431   1.00 22.13 ? 138  TYR A CZ  1 
ATOM   1101 O OH  . TYR A 1 139 ? -2.722  6.683   4.336   1.00 20.26 ? 138  TYR A OH  1 
ATOM   1102 N N   . ASN A 1 140 ? -4.749  14.012  6.626   1.00 28.01 ? 139  ASN A N   1 
ATOM   1103 C CA  . ASN A 1 140 ? -6.077  14.212  7.155   1.00 30.37 ? 139  ASN A CA  1 
ATOM   1104 C C   . ASN A 1 140 ? -7.150  14.057  6.087   1.00 32.00 ? 139  ASN A C   1 
ATOM   1105 O O   . ASN A 1 140 ? -7.102  14.703  5.029   1.00 32.78 ? 139  ASN A O   1 
ATOM   1106 C CB  . ASN A 1 140 ? -6.160  15.564  7.841   1.00 30.60 ? 139  ASN A CB  1 
ATOM   1107 C CG  . ASN A 1 140 ? -5.135  15.689  8.932   1.00 31.38 ? 139  ASN A CG  1 
ATOM   1108 O OD1 . ASN A 1 140 ? -5.235  15.025  9.976   1.00 32.70 ? 139  ASN A OD1 1 
ATOM   1109 N ND2 . ASN A 1 140 ? -4.093  16.464  8.668   1.00 32.22 ? 139  ASN A ND2 1 
ATOM   1110 N N   . PHE A 1 141 ? -8.095  13.180  6.387   1.00 33.47 ? 140  PHE A N   1 
ATOM   1111 C CA  . PHE A 1 141 ? -9.307  12.951  5.564   1.00 35.84 ? 140  PHE A CA  1 
ATOM   1112 C C   . PHE A 1 141 ? -10.273 12.033  6.352   1.00 37.25 ? 140  PHE A C   1 
ATOM   1113 O O   . PHE A 1 141 ? -9.816  11.307  7.232   1.00 37.19 ? 140  PHE A O   1 
ATOM   1114 C CB  . PHE A 1 141 ? -8.946  12.329  4.201   1.00 35.41 ? 140  PHE A CB  1 
ATOM   1115 C CG  . PHE A 1 141 ? -8.751  10.831  4.242   1.00 34.59 ? 140  PHE A CG  1 
ATOM   1116 C CD1 . PHE A 1 141 ? -7.600  10.278  4.818   1.00 35.21 ? 140  PHE A CD1 1 
ATOM   1117 C CD2 . PHE A 1 141 ? -9.719  9.966   3.723   1.00 34.18 ? 140  PHE A CD2 1 
ATOM   1118 C CE1 . PHE A 1 141 ? -7.422  8.893   4.863   1.00 32.53 ? 140  PHE A CE1 1 
ATOM   1119 C CE2 . PHE A 1 141 ? -9.525  8.568   3.751   1.00 32.12 ? 140  PHE A CE2 1 
ATOM   1120 C CZ  . PHE A 1 141 ? -8.389  8.042   4.323   1.00 32.38 ? 140  PHE A CZ  1 
ATOM   1121 N N   . PRO A 1 142 ? -11.599 12.049  6.033   1.00 39.26 ? 141  PRO A N   1 
ATOM   1122 C CA  . PRO A 1 142 ? -12.556 11.208  6.784   1.00 39.84 ? 141  PRO A CA  1 
ATOM   1123 C C   . PRO A 1 142 ? -12.416 9.727   6.454   1.00 40.60 ? 141  PRO A C   1 
ATOM   1124 O O   . PRO A 1 142 ? -12.943 9.248   5.443   1.00 41.71 ? 141  PRO A O   1 
ATOM   1125 C CB  . PRO A 1 142 ? -13.935 11.731  6.336   1.00 39.98 ? 141  PRO A CB  1 
ATOM   1126 C CG  . PRO A 1 142 ? -13.686 12.883  5.422   1.00 40.10 ? 141  PRO A CG  1 
ATOM   1127 C CD  . PRO A 1 142 ? -12.273 12.728  4.906   1.00 39.32 ? 141  PRO A CD  1 
ATOM   1128 N N   . THR A 1 143 ? -11.715 9.012   7.320   1.00 41.24 ? 142  THR A N   1 
ATOM   1129 C CA  . THR A 1 143 ? -11.292 7.629   7.090   1.00 41.79 ? 142  THR A CA  1 
ATOM   1130 C C   . THR A 1 143 ? -12.403 6.622   7.338   1.00 41.88 ? 142  THR A C   1 
ATOM   1131 O O   . THR A 1 143 ? -13.204 6.779   8.258   1.00 42.69 ? 142  THR A O   1 
ATOM   1132 C CB  . THR A 1 143 ? -10.111 7.277   8.007   1.00 42.12 ? 142  THR A CB  1 
ATOM   1133 O OG1 . THR A 1 143 ? -9.357  8.468   8.277   1.00 43.44 ? 142  THR A OG1 1 
ATOM   1134 C CG2 . THR A 1 143 ? -9.211  6.220   7.351   1.00 42.71 ? 142  THR A CG2 1 
ATOM   1135 N N   . ARG A 1 144 ? -12.452 5.589   6.517   1.00 41.55 ? 143  ARG A N   1 
ATOM   1136 C CA  . ARG A 1 144 ? -13.455 4.529   6.691   1.00 41.92 ? 143  ARG A CA  1 
ATOM   1137 C C   . ARG A 1 144 ? -12.790 3.149   6.604   1.00 41.30 ? 143  ARG A C   1 
ATOM   1138 O O   . ARG A 1 144 ? -11.688 3.002   6.073   1.00 41.24 ? 143  ARG A O   1 
ATOM   1139 C CB  . ARG A 1 144 ? -14.624 4.675   5.680   1.00 42.11 ? 143  ARG A CB  1 
ATOM   1140 C CG  . ARG A 1 144 ? -15.924 5.238   6.272   1.00 44.17 ? 143  ARG A CG  1 
ATOM   1141 C CD  . ARG A 1 144 ? -15.759 6.702   6.690   1.00 47.16 ? 143  ARG A CD  1 
ATOM   1142 N NE  . ARG A 1 144 ? -16.980 7.390   7.110   1.00 48.61 ? 143  ARG A NE  1 
ATOM   1143 C CZ  . ARG A 1 144 ? -17.002 8.601   7.671   1.00 50.94 ? 143  ARG A CZ  1 
ATOM   1144 N NH1 . ARG A 1 144 ? -15.865 9.261   7.902   1.00 51.61 ? 143  ARG A NH1 1 
ATOM   1145 N NH2 . ARG A 1 144 ? -18.160 9.157   8.022   1.00 51.38 ? 143  ARG A NH2 1 
ATOM   1146 N N   . ALA A 1 145 ? -13.454 2.134   7.154   1.00 41.06 ? 144  ALA A N   1 
ATOM   1147 C CA  . ALA A 1 145 ? -12.927 0.771   7.074   1.00 40.17 ? 144  ALA A CA  1 
ATOM   1148 C C   . ALA A 1 145 ? -13.040 0.252   5.642   1.00 39.87 ? 144  ALA A C   1 
ATOM   1149 O O   . ALA A 1 145 ? -13.961 0.654   4.920   1.00 40.43 ? 144  ALA A O   1 
ATOM   1150 C CB  . ALA A 1 145 ? -13.662 -0.121  8.037   1.00 40.66 ? 144  ALA A CB  1 
ATOM   1151 N N   . GLY A 1 146 ? -12.093 -0.603  5.228   1.00 38.54 ? 145  GLY A N   1 
ATOM   1152 C CA  . GLY A 1 146 ? -12.013 -1.146  3.845   1.00 37.73 ? 145  GLY A CA  1 
ATOM   1153 C C   . GLY A 1 146 ? -11.000 -0.448  2.948   1.00 36.18 ? 145  GLY A C   1 
ATOM   1154 O O   . GLY A 1 146 ? -10.752 -0.842  1.777   1.00 37.33 ? 145  GLY A O   1 
ATOM   1155 N N   . GLN A 1 147 ? -10.419 0.612   3.498   1.00 35.30 ? 146  GLN A N   1 
ATOM   1156 C CA  . GLN A 1 147 ? -9.492  1.445   2.749   1.00 33.08 ? 146  GLN A CA  1 
ATOM   1157 C C   . GLN A 1 147 ? -8.072  0.932   2.927   1.00 32.59 ? 146  GLN A C   1 
ATOM   1158 O O   . GLN A 1 147 ? -7.171  1.299   2.170   1.00 31.19 ? 146  GLN A O   1 
ATOM   1159 C CB  . GLN A 1 147 ? -9.637  2.900   3.167   1.00 33.46 ? 146  GLN A CB  1 
ATOM   1160 C CG  . GLN A 1 147 ? -11.027 3.446   2.813   1.00 34.43 ? 146  GLN A CG  1 
ATOM   1161 C CD  . GLN A 1 147 ? -11.215 4.908   3.120   1.00 34.87 ? 146  GLN A CD  1 
ATOM   1162 O OE1 . GLN A 1 147 ? -10.628 5.450   4.063   1.00 35.65 ? 146  GLN A OE1 1 
ATOM   1163 N NE2 . GLN A 1 147 ? -12.072 5.560   2.342   1.00 35.06 ? 146  GLN A NE2 1 
ATOM   1164 N N   . CYS A 1 148 ? -7.890  0.041   3.904   1.00 31.83 ? 147  CYS A N   1 
ATOM   1165 C CA  . CYS A 1 148 ? -6.607  -0.636  4.078   1.00 32.28 ? 147  CYS A CA  1 
ATOM   1166 C C   . CYS A 1 148 ? -6.088  -1.264  2.772   1.00 28.90 ? 147  CYS A C   1 
ATOM   1167 O O   . CYS A 1 148 ? -6.798  -1.955  2.049   1.00 30.64 ? 147  CYS A O   1 
ATOM   1168 C CB  . CYS A 1 148 ? -6.641  -1.591  5.294   1.00 33.29 ? 147  CYS A CB  1 
ATOM   1169 S SG  . CYS A 1 148 ? -6.579  -0.594  6.835   1.00 43.45 ? 147  CYS A SG  1 
ATOM   1170 N N   . GLY A 1 149 ? -4.853  -0.926  2.434   1.00 25.27 ? 148  GLY A N   1 
ATOM   1171 C CA  . GLY A 1 149 ? -4.251  -1.366  1.233   1.00 23.35 ? 148  GLY A CA  1 
ATOM   1172 C C   . GLY A 1 149 ? -4.243  -0.289  0.153   1.00 21.29 ? 148  GLY A C   1 
ATOM   1173 O O   . GLY A 1 149 ? -3.561  -0.434  -0.841  1.00 22.04 ? 148  GLY A O   1 
ATOM   1174 N N   . GLY A 1 150 ? -4.973  0.799   0.387   1.00 19.85 ? 149  GLY A N   1 
ATOM   1175 C CA  . GLY A 1 150 ? -5.018  1.896   -0.603  1.00 19.02 ? 149  GLY A CA  1 
ATOM   1176 C C   . GLY A 1 150 ? -3.618  2.407   -0.888  1.00 18.33 ? 149  GLY A C   1 
ATOM   1177 O O   . GLY A 1 150 ? -2.764  2.390   -0.015  1.00 19.07 ? 149  GLY A O   1 
ATOM   1178 N N   . VAL A 1 151 ? -3.385  2.865   -2.117  1.00 17.30 ? 150  VAL A N   1 
ATOM   1179 C CA  . VAL A 1 151 ? -2.050  3.313   -2.513  1.00 17.45 ? 150  VAL A CA  1 
ATOM   1180 C C   . VAL A 1 151 ? -2.006  4.818   -2.489  1.00 16.90 ? 150  VAL A C   1 
ATOM   1181 O O   . VAL A 1 151 ? -2.783  5.485   -3.164  1.00 15.30 ? 150  VAL A O   1 
ATOM   1182 C CB  . VAL A 1 151 ? -1.711  2.777   -3.916  1.00 17.71 ? 150  VAL A CB  1 
ATOM   1183 C CG1 . VAL A 1 151 ? -0.294  3.150   -4.337  1.00 18.44 ? 150  VAL A CG1 1 
ATOM   1184 C CG2 . VAL A 1 151 ? -1.847  1.253   -3.960  1.00 20.14 ? 150  VAL A CG2 1 
ATOM   1185 N N   . LEU A 1 152 ? -1.072  5.337   -1.685  1.00 14.87 ? 151  LEU A N   1 
ATOM   1186 C CA  . LEU A 1 152 ? -0.899  6.780   -1.522  1.00 15.72 ? 151  LEU A CA  1 
ATOM   1187 C C   . LEU A 1 152 ? 0.109   7.298   -2.546  1.00 15.81 ? 151  LEU A C   1 
ATOM   1188 O O   . LEU A 1 152 ? 1.247   6.796   -2.629  1.00 17.43 ? 151  LEU A O   1 
ATOM   1189 C CB  . LEU A 1 152 ? -0.392  7.061   -0.067  1.00 14.85 ? 151  LEU A CB  1 
ATOM   1190 C CG  . LEU A 1 152 ? -0.195  8.521   0.343   1.00 17.80 ? 151  LEU A CG  1 
ATOM   1191 C CD1 . LEU A 1 152 ? -1.567  9.250   0.393   1.00 18.80 ? 151  LEU A CD1 1 
ATOM   1192 C CD2 . LEU A 1 152 ? 0.531   8.634   1.747   1.00 18.74 ? 151  LEU A CD2 1 
ATOM   1193 N N   . MET A 1 153 ? -0.308  8.282   -3.333  1.00 17.11 ? 152  MET A N   1 
ATOM   1194 C CA  . MET A 1 153 ? 0.494   8.740   -4.493  1.00 17.62 ? 152  MET A CA  1 
ATOM   1195 C C   . MET A 1 153 ? 0.446   10.250  -4.629  1.00 18.80 ? 152  MET A C   1 
ATOM   1196 O O   . MET A 1 153 ? -0.492  10.918  -4.167  1.00 18.32 ? 152  MET A O   1 
ATOM   1197 C CB  . MET A 1 153 ? 0.045   8.078   -5.785  1.00 18.52 ? 152  MET A CB  1 
ATOM   1198 C CG  . MET A 1 153 ? 0.320   6.586   -5.844  1.00 16.39 ? 152  MET A CG  1 
ATOM   1199 S SD  . MET A 1 153 ? -0.413  5.873   -7.346  1.00 20.63 ? 152  MET A SD  1 
ATOM   1200 C CE  . MET A 1 153 ? -2.044  5.302   -6.834  1.00 19.67 ? 152  MET A CE  1 
ATOM   1201 N N   . SER A 1 154 ? 1.523   10.818  -5.180  1.00 19.05 ? 153  SER A N   1 
ATOM   1202 C CA  . SER A 1 154 ? 1.417   12.193  -5.689  1.00 19.94 ? 153  SER A CA  1 
ATOM   1203 C C   . SER A 1 154 ? 2.019   12.137  -7.110  1.00 19.44 ? 153  SER A C   1 
ATOM   1204 O O   . SER A 1 154 ? 2.453   11.056  -7.564  1.00 18.39 ? 153  SER A O   1 
ATOM   1205 C CB  . SER A 1 154 ? 2.203   13.158  -4.800  1.00 20.09 ? 153  SER A CB  1 
ATOM   1206 O OG  . SER A 1 154 ? 3.578   12.724  -4.783  1.00 25.70 ? 153  SER A OG  1 
ATOM   1207 N N   . THR A 1 155 ? 2.126   13.285  -7.798  1.00 20.31 ? 154  THR A N   1 
ATOM   1208 C CA  . THR A 1 155 ? 2.685   13.256  -9.168  1.00 22.08 ? 154  THR A CA  1 
ATOM   1209 C C   . THR A 1 155 ? 4.048   12.578  -9.259  1.00 20.75 ? 154  THR A C   1 
ATOM   1210 O O   . THR A 1 155 ? 5.044   13.061  -8.694  1.00 23.78 ? 154  THR A O   1 
ATOM   1211 C CB  . THR A 1 155 ? 2.735   14.702  -9.829  1.00 22.58 ? 154  THR A CB  1 
ATOM   1212 O OG1 . THR A 1 155 ? 1.554   15.438  -9.496  1.00 26.27 ? 154  THR A OG1 1 
ATOM   1213 C CG2 . THR A 1 155 ? 2.824   14.560  -11.334 1.00 26.00 ? 154  THR A CG2 1 
ATOM   1214 N N   . GLY A 1 156 ? 4.131   11.453  -9.950  1.00 20.15 ? 155  GLY A N   1 
ATOM   1215 C CA  . GLY A 1 156 ? 5.398   10.721  -10.151 1.00 20.59 ? 155  GLY A CA  1 
ATOM   1216 C C   . GLY A 1 156 ? 5.977   9.978   -8.938  1.00 21.66 ? 155  GLY A C   1 
ATOM   1217 O O   . GLY A 1 156 ? 7.096   9.499   -9.004  1.00 22.15 ? 155  GLY A O   1 
ATOM   1218 N N   . LYS A 1 157 ? 5.177   9.838   -7.868  1.00 19.40 ? 156  LYS A N   1 
ATOM   1219 C CA  . LYS A 1 157 ? 5.648   9.280   -6.599  1.00 19.22 ? 156  LYS A CA  1 
ATOM   1220 C C   . LYS A 1 157 ? 4.627   8.267   -6.061  1.00 18.83 ? 156  LYS A C   1 
ATOM   1221 O O   . LYS A 1 157 ? 3.425   8.592   -5.906  1.00 19.79 ? 156  LYS A O   1 
ATOM   1222 C CB  . LYS A 1 157 ? 5.805   10.373  -5.578  1.00 19.00 ? 156  LYS A CB  1 
ATOM   1223 C CG  . LYS A 1 157 ? 6.889   11.404  -5.984  1.00 19.29 ? 156  LYS A CG  1 
ATOM   1224 C CD  . LYS A 1 157 ? 6.993   12.506  -4.967  1.00 21.23 ? 156  LYS A CD  1 
ATOM   1225 C CE  . LYS A 1 157 ? 8.136   13.457  -5.389  1.00 25.49 ? 156  LYS A CE  1 
ATOM   1226 N NZ  . LYS A 1 157 ? 7.992   14.747  -4.750  1.00 27.02 ? 156  LYS A NZ  1 
ATOM   1227 N N   . VAL A 1 158 ? 5.114   7.085   -5.722  1.00 18.15 ? 157  VAL A N   1 
ATOM   1228 C CA  . VAL A 1 158 ? 4.287   6.177   -4.899  1.00 17.95 ? 157  VAL A CA  1 
ATOM   1229 C C   . VAL A 1 158 ? 4.840   6.266   -3.463  1.00 18.53 ? 157  VAL A C   1 
ATOM   1230 O O   . VAL A 1 158 ? 5.968   5.857   -3.189  1.00 19.64 ? 157  VAL A O   1 
ATOM   1231 C CB  . VAL A 1 158 ? 4.290   4.723   -5.432  1.00 17.83 ? 157  VAL A CB  1 
ATOM   1232 C CG1 . VAL A 1 158 ? 3.560   3.744   -4.455  1.00 17.78 ? 157  VAL A CG1 1 
ATOM   1233 C CG2 . VAL A 1 158 ? 3.762   4.621   -6.904  1.00 20.61 ? 157  VAL A CG2 1 
ATOM   1234 N N   . LEU A 1 159 ? 4.052   6.853   -2.572  1.00 17.82 ? 158  LEU A N   1 
ATOM   1235 C CA  . LEU A 1 159 ? 4.550   7.124   -1.223  1.00 19.28 ? 158  LEU A CA  1 
ATOM   1236 C C   . LEU A 1 159 ? 4.401   5.999   -0.225  1.00 19.43 ? 158  LEU A C   1 
ATOM   1237 O O   . LEU A 1 159 ? 5.258   5.822   0.640   1.00 18.84 ? 158  LEU A O   1 
ATOM   1238 C CB  . LEU A 1 159 ? 3.844   8.296   -0.641  1.00 18.69 ? 158  LEU A CB  1 
ATOM   1239 C CG  . LEU A 1 159 ? 3.457   9.663   -1.178  1.00 25.12 ? 158  LEU A CG  1 
ATOM   1240 C CD1 . LEU A 1 159 ? 3.954   10.701  -0.241  1.00 25.40 ? 158  LEU A CD1 1 
ATOM   1241 C CD2 . LEU A 1 159 ? 3.626   9.935   -2.633  1.00 21.93 ? 158  LEU A CD2 1 
ATOM   1242 N N   . GLY A 1 160 ? 3.296   5.271   -0.293  1.00 19.58 ? 159  GLY A N   1 
ATOM   1243 C CA  . GLY A 1 160 ? 3.091   4.272   0.724   1.00 18.21 ? 159  GLY A CA  1 
ATOM   1244 C C   . GLY A 1 160 ? 1.753   3.604   0.557   1.00 17.62 ? 159  GLY A C   1 
ATOM   1245 O O   . GLY A 1 160 ? 1.074   3.852   -0.424  1.00 17.13 ? 159  GLY A O   1 
ATOM   1246 N N   . ILE A 1 161 ? 1.435   2.753   1.529   1.00 16.98 ? 160  ILE A N   1 
ATOM   1247 C CA  . ILE A 1 161 ? 0.211   1.913   1.532   1.00 15.90 ? 160  ILE A CA  1 
ATOM   1248 C C   . ILE A 1 161 ? -0.549  2.258   2.784   1.00 17.80 ? 160  ILE A C   1 
ATOM   1249 O O   . ILE A 1 161 ? 0.040   2.249   3.918   1.00 16.61 ? 160  ILE A O   1 
ATOM   1250 C CB  . ILE A 1 161 ? 0.629   0.419   1.586   1.00 16.74 ? 160  ILE A CB  1 
ATOM   1251 C CG1 . ILE A 1 161 ? 1.525   0.037   0.403   1.00 16.70 ? 160  ILE A CG1 1 
ATOM   1252 C CG2 . ILE A 1 161 ? -0.623  -0.515  1.791   1.00 17.77 ? 160  ILE A CG2 1 
ATOM   1253 C CD1 . ILE A 1 161 ? 0.928   0.401   -1.033  1.00 18.75 ? 160  ILE A CD1 1 
ATOM   1254 N N   . HIS A 1 162 ? -1.855  2.555   2.626   1.00 17.98 ? 161  HIS A N   1 
ATOM   1255 C CA  . HIS A 1 162 ? -2.708  2.965   3.747   1.00 18.45 ? 161  HIS A CA  1 
ATOM   1256 C C   . HIS A 1 162 ? -2.899  1.754   4.687   1.00 19.46 ? 161  HIS A C   1 
ATOM   1257 O O   . HIS A 1 162 ? -3.339  0.669   4.255   1.00 19.52 ? 161  HIS A O   1 
ATOM   1258 C CB  . HIS A 1 162 ? -4.071  3.391   3.232   1.00 18.24 ? 161  HIS A CB  1 
ATOM   1259 C CG  . HIS A 1 162 ? -4.987  3.915   4.286   1.00 15.76 ? 161  HIS A CG  1 
ATOM   1260 N ND1 . HIS A 1 162 ? -4.878  5.195   4.779   1.00 17.09 ? 161  HIS A ND1 1 
ATOM   1261 C CD2 . HIS A 1 162 ? -6.102  3.384   4.848   1.00 21.40 ? 161  HIS A CD2 1 
ATOM   1262 C CE1 . HIS A 1 162 ? -5.878  5.430   5.617   1.00 21.94 ? 161  HIS A CE1 1 
ATOM   1263 N NE2 . HIS A 1 162 ? -6.614  4.333   5.701   1.00 23.01 ? 161  HIS A NE2 1 
ATOM   1264 N N   . VAL A 1 163 ? -2.634  1.983   5.955   1.00 20.28 ? 162  VAL A N   1 
ATOM   1265 C CA  . VAL A 1 163 ? -2.695  0.902   6.938   1.00 22.76 ? 162  VAL A CA  1 
ATOM   1266 C C   . VAL A 1 163 ? -3.587  1.181   8.133   1.00 25.12 ? 162  VAL A C   1 
ATOM   1267 O O   . VAL A 1 163 ? -3.851  0.272   8.944   1.00 26.68 ? 162  VAL A O   1 
ATOM   1268 C CB  . VAL A 1 163 ? -1.296  0.445   7.398   1.00 22.96 ? 162  VAL A CB  1 
ATOM   1269 C CG1 . VAL A 1 163 ? -0.561  -0.173  6.225   1.00 21.26 ? 162  VAL A CG1 1 
ATOM   1270 C CG2 . VAL A 1 163 ? -0.473  1.583   8.034   1.00 22.05 ? 162  VAL A CG2 1 
ATOM   1271 N N   . GLY A 1 164 ? -4.061  2.411   8.263   1.00 26.77 ? 163  GLY A N   1 
ATOM   1272 C CA  . GLY A 1 164 ? -4.920  2.723   9.381   1.00 28.63 ? 163  GLY A CA  1 
ATOM   1273 C C   . GLY A 1 164 ? -5.516  4.100   9.370   1.00 30.34 ? 163  GLY A C   1 
ATOM   1274 O O   . GLY A 1 164 ? -5.068  4.986   8.679   1.00 27.70 ? 163  GLY A O   1 
ATOM   1275 N N   . GLY A 1 165 ? -6.549  4.259   10.186  1.00 31.77 ? 164  GLY A N   1 
ATOM   1276 C CA  . GLY A 1 165 ? -7.315  5.487   10.218  1.00 35.27 ? 164  GLY A CA  1 
ATOM   1277 C C   . GLY A 1 165 ? -7.971  5.638   11.570  1.00 36.91 ? 164  GLY A C   1 
ATOM   1278 O O   . GLY A 1 165 ? -8.197  4.658   12.276  1.00 37.99 ? 164  GLY A O   1 
ATOM   1279 N N   . ASN A 1 166 ? -8.242  6.881   11.934  1.00 38.85 ? 165  ASN A N   1 
ATOM   1280 C CA  . ASN A 1 166 ? -8.900  7.195   13.185  1.00 41.02 ? 165  ASN A CA  1 
ATOM   1281 C C   . ASN A 1 166 ? -9.577  8.522   12.958  1.00 40.64 ? 165  ASN A C   1 
ATOM   1282 O O   . ASN A 1 166 ? -8.908  9.559   12.883  1.00 41.01 ? 165  ASN A O   1 
ATOM   1283 C CB  . ASN A 1 166 ? -7.884  7.319   14.327  1.00 41.84 ? 165  ASN A CB  1 
ATOM   1284 C CG  . ASN A 1 166 ? -8.551  7.356   15.707  1.00 45.89 ? 165  ASN A CG  1 
ATOM   1285 O OD1 . ASN A 1 166 ? -7.925  7.024   16.727  1.00 51.12 ? 165  ASN A OD1 1 
ATOM   1286 N ND2 . ASN A 1 166 ? -9.829  7.752   15.745  1.00 50.19 ? 165  ASN A ND2 1 
ATOM   1287 N N   . GLY A 1 167 ? -10.898 8.464   12.813  1.00 40.91 ? 166  GLY A N   1 
ATOM   1288 C CA  . GLY A 1 167 ? -11.717 9.643   12.618  1.00 39.89 ? 166  GLY A CA  1 
ATOM   1289 C C   . GLY A 1 167 ? -11.439 10.318  11.289  1.00 39.06 ? 166  GLY A C   1 
ATOM   1290 O O   . GLY A 1 167 ? -12.050 9.999   10.283  1.00 38.29 ? 166  GLY A O   1 
ATOM   1291 N N   . HIS A 1 168 ? -10.489 11.248  11.316  1.00 38.29 ? 167  HIS A N   1 
ATOM   1292 C CA  . HIS A 1 168 ? -10.228 12.171  10.223  1.00 37.42 ? 167  HIS A CA  1 
ATOM   1293 C C   . HIS A 1 168 ? -8.727  12.220  9.971   1.00 35.65 ? 167  HIS A C   1 
ATOM   1294 O O   . HIS A 1 168 ? -8.188  13.223  9.491   1.00 34.66 ? 167  HIS A O   1 
ATOM   1295 C CB  . HIS A 1 168 ? -10.746 13.556  10.603  1.00 38.87 ? 167  HIS A CB  1 
ATOM   1296 C CG  . HIS A 1 168 ? -11.875 13.515  11.582  1.00 43.12 ? 167  HIS A CG  1 
ATOM   1297 N ND1 . HIS A 1 168 ? -13.199 13.490  11.191  1.00 47.53 ? 167  HIS A ND1 1 
ATOM   1298 C CD2 . HIS A 1 168 ? -11.878 13.435  12.937  1.00 46.22 ? 167  HIS A CD2 1 
ATOM   1299 C CE1 . HIS A 1 168 ? -13.969 13.411  12.264  1.00 49.60 ? 167  HIS A CE1 1 
ATOM   1300 N NE2 . HIS A 1 168 ? -13.193 13.383  13.337  1.00 49.03 ? 167  HIS A NE2 1 
ATOM   1301 N N   . GLN A 1 169 ? -8.055  11.132  10.336  1.00 33.34 ? 168  GLN A N   1 
ATOM   1302 C CA  . GLN A 1 169 ? -6.628  11.040  10.147  1.00 32.15 ? 168  GLN A CA  1 
ATOM   1303 C C   . GLN A 1 169 ? -6.313  9.653   9.648   1.00 29.94 ? 168  GLN A C   1 
ATOM   1304 O O   . GLN A 1 169 ? -6.750  8.670   10.237  1.00 29.33 ? 168  GLN A O   1 
ATOM   1305 C CB  . GLN A 1 169 ? -5.902  11.288  11.478  1.00 32.82 ? 168  GLN A CB  1 
ATOM   1306 C CG  . GLN A 1 169 ? -4.497  11.743  11.352  1.00 34.46 ? 168  GLN A CG  1 
ATOM   1307 C CD  . GLN A 1 169 ? -3.940  12.251  12.665  1.00 38.36 ? 168  GLN A CD  1 
ATOM   1308 O OE1 . GLN A 1 169 ? -4.136  11.641  13.717  1.00 39.45 ? 168  GLN A OE1 1 
ATOM   1309 N NE2 . GLN A 1 169 ? -3.229  13.359  12.612  1.00 39.77 ? 168  GLN A NE2 1 
ATOM   1310 N N   . GLY A 1 170 ? -5.548  9.569   8.570   1.00 28.09 ? 169  GLY A N   1 
ATOM   1311 C CA  . GLY A 1 170 ? -5.121  8.269   8.093   1.00 25.66 ? 169  GLY A CA  1 
ATOM   1312 C C   . GLY A 1 170 ? -3.614  8.143   8.125   1.00 25.33 ? 169  GLY A C   1 
ATOM   1313 O O   . GLY A 1 170 ? -2.902  9.160   8.200   1.00 24.95 ? 169  GLY A O   1 
ATOM   1314 N N   . PHE A 1 171 ? -3.151  6.899   8.071   1.00 23.59 ? 170  PHE A N   1 
ATOM   1315 C CA  . PHE A 1 171 ? -1.726  6.576   8.119   1.00 24.30 ? 170  PHE A CA  1 
ATOM   1316 C C   . PHE A 1 171 ? -1.345  5.570   7.076   1.00 22.35 ? 170  PHE A C   1 
ATOM   1317 O O   . PHE A 1 171 ? -2.003  4.545   6.911   1.00 22.77 ? 170  PHE A O   1 
ATOM   1318 C CB  . PHE A 1 171 ? -1.335  6.022   9.496   1.00 25.02 ? 170  PHE A CB  1 
ATOM   1319 C CG  . PHE A 1 171 ? -1.617  6.960   10.622  1.00 29.59 ? 170  PHE A CG  1 
ATOM   1320 C CD1 . PHE A 1 171 ? -0.673  7.932   10.991  1.00 31.73 ? 170  PHE A CD1 1 
ATOM   1321 C CD2 . PHE A 1 171 ? -2.823  6.889   11.330  1.00 31.22 ? 170  PHE A CD2 1 
ATOM   1322 C CE1 . PHE A 1 171 ? -0.932  8.824   12.058  1.00 33.06 ? 170  PHE A CE1 1 
ATOM   1323 C CE2 . PHE A 1 171 ? -3.086  7.789   12.392  1.00 31.48 ? 170  PHE A CE2 1 
ATOM   1324 C CZ  . PHE A 1 171 ? -2.156  8.742   12.743  1.00 31.63 ? 170  PHE A CZ  1 
ATOM   1325 N N   . SER A 1 172 ? -0.247  5.852   6.379   1.00 19.94 ? 171  SER A N   1 
ATOM   1326 C CA  . SER A 1 172 ? 0.326   4.894   5.464   1.00 19.53 ? 171  SER A CA  1 
ATOM   1327 C C   . SER A 1 172 ? 1.678   4.415   5.933   1.00 19.25 ? 171  SER A C   1 
ATOM   1328 O O   . SER A 1 172 ? 2.428   5.184   6.528   1.00 19.98 ? 171  SER A O   1 
ATOM   1329 C CB  . SER A 1 172 ? 0.555   5.527   4.065   1.00 19.44 ? 171  SER A CB  1 
ATOM   1330 O OG  . SER A 1 172 ? -0.613  5.506   3.285   1.00 18.86 ? 171  SER A OG  1 
ATOM   1331 N N   . ALA A 1 173 ? 2.011   3.169   5.651   1.00 18.63 ? 172  ALA A N   1 
ATOM   1332 C CA  . ALA A 1 173 ? 3.373   2.742   5.785   1.00 18.85 ? 172  ALA A CA  1 
ATOM   1333 C C   . ALA A 1 173 ? 4.215   3.228   4.609   1.00 18.88 ? 172  ALA A C   1 
ATOM   1334 O O   . ALA A 1 173 ? 3.858   3.012   3.469   1.00 17.50 ? 172  ALA A O   1 
ATOM   1335 C CB  . ALA A 1 173 ? 3.448   1.238   5.885   1.00 18.61 ? 172  ALA A CB  1 
ATOM   1336 N N   . ALA A 1 174 ? 5.355   3.864   4.875   1.00 18.31 ? 173  ALA A N   1 
ATOM   1337 C CA  . ALA A 1 174 ? 6.164   4.329   3.751   1.00 19.03 ? 173  ALA A CA  1 
ATOM   1338 C C   . ALA A 1 174 ? 6.672   3.194   2.882   1.00 18.31 ? 173  ALA A C   1 
ATOM   1339 O O   . ALA A 1 174 ? 7.107   2.166   3.385   1.00 19.54 ? 173  ALA A O   1 
ATOM   1340 C CB  . ALA A 1 174 ? 7.330   5.194   4.278   1.00 19.16 ? 173  ALA A CB  1 
ATOM   1341 N N   . LEU A 1 175 ? 6.534   3.328   1.557   1.00 18.07 ? 174  LEU A N   1 
ATOM   1342 C CA  . LEU A 1 175 ? 6.926   2.235   0.654   1.00 19.51 ? 174  LEU A CA  1 
ATOM   1343 C C   . LEU A 1 175 ? 8.326   2.525   0.057   1.00 20.75 ? 174  LEU A C   1 
ATOM   1344 O O   . LEU A 1 175 ? 8.426   3.163   -0.979  1.00 20.53 ? 174  LEU A O   1 
ATOM   1345 C CB  . LEU A 1 175 ? 5.901   2.125   -0.481  1.00 20.01 ? 174  LEU A CB  1 
ATOM   1346 C CG  . LEU A 1 175 ? 5.977   0.768   -1.190  1.00 20.11 ? 174  LEU A CG  1 
ATOM   1347 C CD1 . LEU A 1 175 ? 5.885   -0.392  -0.237  1.00 22.57 ? 174  LEU A CD1 1 
ATOM   1348 C CD2 . LEU A 1 175 ? 4.919   0.552   -2.346  1.00 22.79 ? 174  LEU A CD2 1 
ATOM   1349 N N   . LEU A 1 176 ? 9.369   2.016   0.704   1.00 20.26 ? 175  LEU A N   1 
ATOM   1350 C CA  . LEU A 1 176 ? 10.742  2.449   0.391   1.00 22.03 ? 175  LEU A CA  1 
ATOM   1351 C C   . LEU A 1 176 ? 11.401  1.561   -0.609  1.00 22.51 ? 175  LEU A C   1 
ATOM   1352 O O   . LEU A 1 176 ? 11.197  0.349   -0.615  1.00 23.85 ? 175  LEU A O   1 
ATOM   1353 C CB  . LEU A 1 176 ? 11.558  2.444   1.686   1.00 22.39 ? 175  LEU A CB  1 
ATOM   1354 C CG  . LEU A 1 176 ? 10.995  3.483   2.664   1.00 21.02 ? 175  LEU A CG  1 
ATOM   1355 C CD1 . LEU A 1 176 ? 11.884  3.609   3.877   1.00 22.97 ? 175  LEU A CD1 1 
ATOM   1356 C CD2 . LEU A 1 176 ? 10.725  4.879   2.061   1.00 24.98 ? 175  LEU A CD2 1 
ATOM   1357 N N   . LYS A 1 177 ? 12.226  2.189   -1.442  1.00 23.94 ? 176  LYS A N   1 
ATOM   1358 C CA  . LYS A 1 177 ? 12.922  1.519   -2.507  1.00 25.20 ? 176  LYS A CA  1 
ATOM   1359 C C   . LYS A 1 177 ? 13.707  0.284   -2.037  1.00 24.79 ? 176  LYS A C   1 
ATOM   1360 O O   . LYS A 1 177 ? 13.672  -0.754  -2.691  1.00 24.90 ? 176  LYS A O   1 
ATOM   1361 C CB  . LYS A 1 177 ? 13.801  2.557   -3.239  1.00 24.98 ? 176  LYS A CB  1 
ATOM   1362 C CG  . LYS A 1 177 ? 14.225  2.116   -4.586  1.00 27.55 ? 176  LYS A CG  1 
ATOM   1363 C CD  . LYS A 1 177 ? 15.156  3.162   -5.217  1.00 31.22 ? 176  LYS A CD  1 
ATOM   1364 C CE  . LYS A 1 177 ? 14.500  3.787   -6.430  1.00 35.89 ? 176  LYS A CE  1 
ATOM   1365 N NZ  . LYS A 1 177 ? 13.898  5.091   -6.107  1.00 37.79 ? 176  LYS A NZ  1 
ATOM   1366 N N   . HIS A 1 178 ? 14.362  0.361   -0.872  1.00 24.79 ? 177  HIS A N   1 
ATOM   1367 C CA  . HIS A 1 178 ? 15.298  -0.706  -0.458  1.00 27.40 ? 177  HIS A CA  1 
ATOM   1368 C C   . HIS A 1 178 ? 14.611  -1.993  0.007   1.00 27.42 ? 177  HIS A C   1 
ATOM   1369 O O   . HIS A 1 178 ? 15.242  -3.055  0.113   1.00 28.27 ? 177  HIS A O   1 
ATOM   1370 C CB  . HIS A 1 178 ? 16.311  -0.198  0.582   1.00 26.90 ? 177  HIS A CB  1 
ATOM   1371 C CG  . HIS A 1 178 ? 15.797  -0.156  1.990   1.00 30.06 ? 177  HIS A CG  1 
ATOM   1372 N ND1 . HIS A 1 178 ? 15.316  0.996   2.569   1.00 31.71 ? 177  HIS A ND1 1 
ATOM   1373 C CD2 . HIS A 1 178 ? 15.745  -1.112  2.952   1.00 33.18 ? 177  HIS A CD2 1 
ATOM   1374 C CE1 . HIS A 1 178 ? 14.957  0.742   3.818   1.00 34.86 ? 177  HIS A CE1 1 
ATOM   1375 N NE2 . HIS A 1 178 ? 15.202  -0.535  4.076   1.00 36.20 ? 177  HIS A NE2 1 
ATOM   1376 N N   . TYR A 1 179 ? 13.307  -1.916  0.219   1.00 27.55 ? 178  TYR A N   1 
ATOM   1377 C CA  . TYR A 1 179 ? 12.545  -3.079  0.618   1.00 27.33 ? 178  TYR A CA  1 
ATOM   1378 C C   . TYR A 1 179 ? 12.515  -4.086  -0.517  1.00 28.77 ? 178  TYR A C   1 
ATOM   1379 O O   . TYR A 1 179 ? 12.268  -5.276  -0.289  1.00 28.54 ? 178  TYR A O   1 
ATOM   1380 C CB  . TYR A 1 179 ? 11.113  -2.674  0.952   1.00 26.56 ? 178  TYR A CB  1 
ATOM   1381 C CG  . TYR A 1 179 ? 10.913  -1.799  2.157   1.00 25.05 ? 178  TYR A CG  1 
ATOM   1382 C CD1 . TYR A 1 179 ? 11.892  -1.675  3.155   1.00 23.23 ? 178  TYR A CD1 1 
ATOM   1383 C CD2 . TYR A 1 179 ? 9.711   -1.133  2.327   1.00 18.22 ? 178  TYR A CD2 1 
ATOM   1384 C CE1 . TYR A 1 179 ? 11.678  -0.884  4.258   1.00 25.69 ? 178  TYR A CE1 1 
ATOM   1385 C CE2 . TYR A 1 179 ? 9.480   -0.321  3.424   1.00 20.14 ? 178  TYR A CE2 1 
ATOM   1386 C CZ  . TYR A 1 179 ? 10.477  -0.206  4.388   1.00 22.35 ? 178  TYR A CZ  1 
ATOM   1387 O OH  . TYR A 1 179 ? 10.258  0.556   5.473   1.00 24.83 ? 178  TYR A OH  1 
ATOM   1388 N N   . PHE A 1 180 ? 12.767  -3.596  -1.732  1.00 29.74 ? 179  PHE A N   1 
ATOM   1389 C CA  . PHE A 1 180 ? 12.784  -4.427  -2.922  1.00 32.69 ? 179  PHE A CA  1 
ATOM   1390 C C   . PHE A 1 180 ? 14.230  -4.728  -3.334  1.00 35.69 ? 179  PHE A C   1 
ATOM   1391 O O   . PHE A 1 180 ? 15.088  -3.835  -3.331  1.00 36.70 ? 179  PHE A O   1 
ATOM   1392 C CB  . PHE A 1 180 ? 11.844  -3.816  -3.959  1.00 32.04 ? 179  PHE A CB  1 
ATOM   1393 C CG  . PHE A 1 180 ? 10.448  -3.695  -3.413  1.00 28.56 ? 179  PHE A CG  1 
ATOM   1394 C CD1 . PHE A 1 180 ? 9.606   -4.818  -3.402  1.00 29.66 ? 179  PHE A CD1 1 
ATOM   1395 C CD2 . PHE A 1 180 ? 10.033  -2.535  -2.759  1.00 28.15 ? 179  PHE A CD2 1 
ATOM   1396 C CE1 . PHE A 1 180 ? 8.328   -4.756  -2.819  1.00 26.50 ? 179  PHE A CE1 1 
ATOM   1397 C CE2 . PHE A 1 180 ? 8.762   -2.454  -2.155  1.00 28.61 ? 179  PHE A CE2 1 
ATOM   1398 C CZ  . PHE A 1 180 ? 7.905   -3.581  -2.195  1.00 24.76 ? 179  PHE A CZ  1 
ATOM   1399 N N   . ASN A 1 181 ? 14.491  -6.020  -3.550  1.00 39.34 ? 180  ASN A N   1 
ATOM   1400 C CA  . ASN A 1 181 ? 15.854  -6.617  -3.600  1.00 41.36 ? 180  ASN A CA  1 
ATOM   1401 C C   . ASN A 1 181 ? 16.447  -6.836  -2.205  1.00 41.95 ? 180  ASN A C   1 
ATOM   1402 O O   . ASN A 1 181 ? 17.570  -6.382  -1.917  1.00 43.10 ? 180  ASN A O   1 
ATOM   1403 C CB  . ASN A 1 181 ? 16.832  -5.816  -4.484  1.00 41.64 ? 180  ASN A CB  1 
ATOM   1404 C CG  . ASN A 1 181 ? 16.881  -6.320  -5.932  1.00 45.00 ? 180  ASN A CG  1 
ATOM   1405 O OD1 . ASN A 1 181 ? 16.324  -7.375  -6.270  1.00 49.14 ? 180  ASN A OD1 1 
ATOM   1406 N ND2 . ASN A 1 181 ? 17.577  -5.575  -6.791  1.00 47.09 ? 180  ASN A ND2 1 
HETATM 1407 C C1  . GOL B 2 .   ? 11.980  2.236   20.508  1.00 31.51 ? 1181 GOL A C1  1 
HETATM 1408 O O1  . GOL B 2 .   ? 11.060  2.934   19.695  1.00 30.63 ? 1181 GOL A O1  1 
HETATM 1409 C C2  . GOL B 2 .   ? 12.762  1.211   19.687  1.00 33.73 ? 1181 GOL A C2  1 
HETATM 1410 O O2  . GOL B 2 .   ? 13.636  1.833   18.762  1.00 34.13 ? 1181 GOL A O2  1 
HETATM 1411 C C3  . GOL B 2 .   ? 13.581  0.417   20.704  1.00 36.32 ? 1181 GOL A C3  1 
HETATM 1412 O O3  . GOL B 2 .   ? 14.500  -0.484  20.125  1.00 38.21 ? 1181 GOL A O3  1 
HETATM 1413 O O   . HOH C 3 .   ? -1.213  17.252  -7.999  1.00 30.45 ? 2001 HOH A O   1 
HETATM 1414 O O   . HOH C 3 .   ? 0.808   10.768  -15.225 1.00 46.22 ? 2002 HOH A O   1 
HETATM 1415 O O   . HOH C 3 .   ? -5.108  6.248   -17.292 1.00 42.83 ? 2003 HOH A O   1 
HETATM 1416 O O   . HOH C 3 .   ? -0.111  9.358   -17.181 1.00 53.79 ? 2004 HOH A O   1 
HETATM 1417 O O   . HOH C 3 .   ? 0.468   13.438  -13.929 1.00 27.09 ? 2005 HOH A O   1 
HETATM 1418 O O   . HOH C 3 .   ? -4.129  8.770   -16.161 1.00 33.05 ? 2006 HOH A O   1 
HETATM 1419 O O   . HOH C 3 .   ? -1.198  -5.909  -11.953 1.00 45.95 ? 2007 HOH A O   1 
HETATM 1420 O O   . HOH C 3 .   ? -3.148  -7.428  -12.862 1.00 48.77 ? 2008 HOH A O   1 
HETATM 1421 O O   . HOH C 3 .   ? -1.776  3.002   -17.229 1.00 34.77 ? 2009 HOH A O   1 
HETATM 1422 O O   . HOH C 3 .   ? 1.719   4.768   -14.522 1.00 32.46 ? 2010 HOH A O   1 
HETATM 1423 O O   . HOH C 3 .   ? -7.542  0.779   -11.562 1.00 43.15 ? 2011 HOH A O   1 
HETATM 1424 O O   . HOH C 3 .   ? 2.157   -4.589  -13.849 1.00 30.47 ? 2012 HOH A O   1 
HETATM 1425 O O   . HOH C 3 .   ? -1.385  -6.189  -8.731  1.00 29.46 ? 2013 HOH A O   1 
HETATM 1426 O O   . HOH C 3 .   ? -5.343  -6.087  -12.122 1.00 44.57 ? 2014 HOH A O   1 
HETATM 1427 O O   . HOH C 3 .   ? -9.876  -11.171 -6.079  1.00 26.74 ? 2015 HOH A O   1 
HETATM 1428 O O   . HOH C 3 .   ? -12.547 -12.504 2.753   1.00 46.01 ? 2016 HOH A O   1 
HETATM 1429 O O   . HOH C 3 .   ? -4.674  -15.679 1.975   1.00 23.52 ? 2017 HOH A O   1 
HETATM 1430 O O   . HOH C 3 .   ? -8.350  -20.815 3.043   1.00 28.92 ? 2018 HOH A O   1 
HETATM 1431 O O   . HOH C 3 .   ? -9.859  -8.861  8.945   1.00 34.92 ? 2019 HOH A O   1 
HETATM 1432 O O   . HOH C 3 .   ? 13.437  -4.784  5.530   1.00 50.94 ? 2020 HOH A O   1 
HETATM 1433 O O   . HOH C 3 .   ? -8.230  -1.579  -0.104  1.00 22.04 ? 2021 HOH A O   1 
HETATM 1434 O O   . HOH C 3 .   ? -1.902  -2.750  -0.665  1.00 38.06 ? 2022 HOH A O   1 
HETATM 1435 O O   . HOH C 3 .   ? 12.442  -8.314  -2.811  1.00 43.75 ? 2023 HOH A O   1 
HETATM 1436 O O   . HOH C 3 .   ? 9.386   -6.335  -12.930 1.00 33.26 ? 2024 HOH A O   1 
HETATM 1437 O O   . HOH C 3 .   ? 3.436   -10.873 -11.138 1.00 26.68 ? 2025 HOH A O   1 
HETATM 1438 O O   . HOH C 3 .   ? 0.867   -10.134 7.021   1.00 24.21 ? 2026 HOH A O   1 
HETATM 1439 O O   . HOH C 3 .   ? -7.322  -7.490  9.549   1.00 42.48 ? 2027 HOH A O   1 
HETATM 1440 O O   . HOH C 3 .   ? 2.113   -14.023 6.817   1.00 45.36 ? 2028 HOH A O   1 
HETATM 1441 O O   . HOH C 3 .   ? -8.123  -17.588 -0.283  1.00 57.21 ? 2029 HOH A O   1 
HETATM 1442 O O   . HOH C 3 .   ? -3.530  -18.423 -11.021 1.00 49.43 ? 2030 HOH A O   1 
HETATM 1443 O O   . HOH C 3 .   ? -9.399  -19.709 -9.344  1.00 41.36 ? 2031 HOH A O   1 
HETATM 1444 O O   . HOH C 3 .   ? -0.500  -19.808 -8.719  1.00 39.48 ? 2032 HOH A O   1 
HETATM 1445 O O   . HOH C 3 .   ? -0.982  -22.895 -6.231  1.00 50.80 ? 2033 HOH A O   1 
HETATM 1446 O O   . HOH C 3 .   ? 9.662   -19.462 1.075   1.00 47.41 ? 2034 HOH A O   1 
HETATM 1447 O O   . HOH C 3 .   ? 11.986  -7.272  7.753   1.00 38.06 ? 2035 HOH A O   1 
HETATM 1448 O O   . HOH C 3 .   ? 12.652  0.832   16.010  1.00 31.16 ? 2036 HOH A O   1 
HETATM 1449 O O   . HOH C 3 .   ? 12.755  2.484   11.613  1.00 40.16 ? 2037 HOH A O   1 
HETATM 1450 O O   . HOH C 3 .   ? 16.137  -0.408  10.250  1.00 40.30 ? 2038 HOH A O   1 
HETATM 1451 O O   . HOH C 3 .   ? 6.514   -3.386  16.970  1.00 30.48 ? 2039 HOH A O   1 
HETATM 1452 O O   . HOH C 3 .   ? 6.042   1.596   7.861   1.00 22.11 ? 2040 HOH A O   1 
HETATM 1453 O O   . HOH C 3 .   ? 11.564  -16.733 -4.058  1.00 50.51 ? 2041 HOH A O   1 
HETATM 1454 O O   . HOH C 3 .   ? 0.109   -7.576  -13.587 1.00 41.47 ? 2042 HOH A O   1 
HETATM 1455 O O   . HOH C 3 .   ? 3.196   -20.833 -13.096 1.00 49.41 ? 2043 HOH A O   1 
HETATM 1456 O O   . HOH C 3 .   ? 3.574   6.123   -15.429 1.00 44.66 ? 2044 HOH A O   1 
HETATM 1457 O O   . HOH C 3 .   ? 9.164   -3.337  -16.225 1.00 34.12 ? 2045 HOH A O   1 
HETATM 1458 O O   . HOH C 3 .   ? 10.706  2.011   -12.140 1.00 33.95 ? 2046 HOH A O   1 
HETATM 1459 O O   . HOH C 3 .   ? 16.251  -6.280  -10.381 1.00 51.54 ? 2047 HOH A O   1 
HETATM 1460 O O   . HOH C 3 .   ? 8.136   5.941   -1.646  1.00 19.96 ? 2048 HOH A O   1 
HETATM 1461 O O   . HOH C 3 .   ? 15.305  2.709   0.973   1.00 38.57 ? 2049 HOH A O   1 
HETATM 1462 O O   . HOH C 3 .   ? 21.544  8.167   -2.900  1.00 39.60 ? 2050 HOH A O   1 
HETATM 1463 O O   . HOH C 3 .   ? 12.231  11.925  4.761   1.00 32.54 ? 2051 HOH A O   1 
HETATM 1464 O O   . HOH C 3 .   ? 13.235  10.190  7.196   1.00 43.91 ? 2052 HOH A O   1 
HETATM 1465 O O   . HOH C 3 .   ? 14.477  5.847   5.890   1.00 46.46 ? 2053 HOH A O   1 
HETATM 1466 O O   . HOH C 3 .   ? 9.683   7.906   10.123  1.00 36.69 ? 2054 HOH A O   1 
HETATM 1467 O O   . HOH C 3 .   ? 7.689   7.240   1.148   1.00 24.31 ? 2055 HOH A O   1 
HETATM 1468 O O   . HOH C 3 .   ? 4.434   18.705  -2.956  1.00 39.28 ? 2056 HOH A O   1 
HETATM 1469 O O   . HOH C 3 .   ? 0.922   15.873  -6.702  1.00 30.59 ? 2057 HOH A O   1 
HETATM 1470 O O   . HOH C 3 .   ? -4.924  16.092  -2.375  1.00 29.13 ? 2058 HOH A O   1 
HETATM 1471 O O   . HOH C 3 .   ? -5.995  19.585  -0.801  1.00 42.36 ? 2059 HOH A O   1 
HETATM 1472 O O   . HOH C 3 .   ? -8.225  3.198   -7.647  1.00 30.59 ? 2060 HOH A O   1 
HETATM 1473 O O   . HOH C 3 .   ? -12.873 -2.893  -9.261  1.00 53.64 ? 2061 HOH A O   1 
HETATM 1474 O O   . HOH C 3 .   ? -10.639 14.297  1.734   1.00 34.86 ? 2062 HOH A O   1 
HETATM 1475 O O   . HOH C 3 .   ? -3.669  15.959  4.846   1.00 26.49 ? 2063 HOH A O   1 
HETATM 1476 O O   . HOH C 3 .   ? -0.141  15.937  6.862   1.00 35.60 ? 2064 HOH A O   1 
HETATM 1477 O O   . HOH C 3 .   ? 6.048   13.975  13.698  1.00 50.25 ? 2065 HOH A O   1 
HETATM 1478 O O   . HOH C 3 .   ? 9.747   6.395   12.210  1.00 28.24 ? 2066 HOH A O   1 
HETATM 1479 O O   . HOH C 3 .   ? 12.688  4.902   11.292  1.00 50.50 ? 2067 HOH A O   1 
HETATM 1480 O O   . HOH C 3 .   ? 14.552  -1.563  6.911   1.00 39.42 ? 2068 HOH A O   1 
HETATM 1481 O O   . HOH C 3 .   ? -9.157  15.680  3.343   1.00 42.72 ? 2069 HOH A O   1 
HETATM 1482 O O   . HOH C 3 .   ? -12.766 8.314   2.824   1.00 30.40 ? 2070 HOH A O   1 
HETATM 1483 O O   . HOH C 3 .   ? -9.104  2.249   6.993   1.00 45.37 ? 2071 HOH A O   1 
HETATM 1484 O O   . HOH C 3 .   ? 4.880   14.838  -6.240  1.00 22.38 ? 2072 HOH A O   1 
HETATM 1485 O O   . HOH C 3 .   ? 7.868   1.676   5.901   1.00 21.86 ? 2073 HOH A O   1 
HETATM 1486 O O   . HOH C 3 .   ? 14.782  -1.626  -5.218  1.00 49.57 ? 2074 HOH A O   1 
HETATM 1487 O O   . HOH C 3 .   ? 17.643  -2.852  -2.903  1.00 52.70 ? 2075 HOH A O   1 
HETATM 1488 O O   . HOH C 3 .   ? 8.912   1.578   19.592  1.00 34.48 ? 2076 HOH A O   1 
# 
loop_
_pdbx_poly_seq_scheme.asym_id 
_pdbx_poly_seq_scheme.entity_id 
_pdbx_poly_seq_scheme.seq_id 
_pdbx_poly_seq_scheme.mon_id 
_pdbx_poly_seq_scheme.ndb_seq_num 
_pdbx_poly_seq_scheme.pdb_seq_num 
_pdbx_poly_seq_scheme.auth_seq_num 
_pdbx_poly_seq_scheme.pdb_mon_id 
_pdbx_poly_seq_scheme.auth_mon_id 
_pdbx_poly_seq_scheme.pdb_strand_id 
_pdbx_poly_seq_scheme.pdb_ins_code 
_pdbx_poly_seq_scheme.hetero 
A 1 1   MET 1   0   0   MET MET A . n 
A 1 2   GLY 2   1   1   GLY GLY A . n 
A 1 3   PRO 3   2   2   PRO PRO A . n 
A 1 4   ALA 4   3   3   ALA ALA A . n 
A 1 5   PHE 5   4   4   PHE PHE A . n 
A 1 6   GLU 6   5   5   GLU GLU A . n 
A 1 7   PHE 7   6   6   PHE PHE A . n 
A 1 8   ALA 8   7   7   ALA ALA A . n 
A 1 9   VAL 9   8   8   VAL VAL A . n 
A 1 10  ALA 10  9   9   ALA ALA A . n 
A 1 11  MET 11  10  10  MET MET A . n 
A 1 12  MET 12  11  11  MET MET A . n 
A 1 13  LYS 13  12  12  LYS LYS A . n 
A 1 14  ARG 14  13  13  ARG ARG A . n 
A 1 15  ASN 15  14  14  ASN ASN A . n 
A 1 16  SER 16  15  15  SER SER A . n 
A 1 17  SER 17  16  16  SER SER A . n 
A 1 18  THR 18  17  17  THR THR A . n 
A 1 19  VAL 19  18  18  VAL VAL A . n 
A 1 20  LYS 20  19  19  LYS LYS A . n 
A 1 21  THR 21  20  20  THR THR A . n 
A 1 22  GLU 22  21  21  GLU GLU A . n 
A 1 23  TYR 23  22  22  TYR TYR A . n 
A 1 24  GLY 24  23  23  GLY GLY A . n 
A 1 25  GLU 25  24  24  GLU GLU A . n 
A 1 26  PHE 26  25  25  PHE PHE A . n 
A 1 27  THR 27  26  26  THR THR A . n 
A 1 28  MET 28  27  27  MET MET A . n 
A 1 29  LEU 29  28  28  LEU LEU A . n 
A 1 30  GLY 30  29  29  GLY GLY A . n 
A 1 31  ILE 31  30  30  ILE ILE A . n 
A 1 32  TYR 32  31  31  TYR TYR A . n 
A 1 33  ASP 33  32  32  ASP ASP A . n 
A 1 34  ARG 34  33  33  ARG ARG A . n 
A 1 35  TRP 35  34  34  TRP TRP A . n 
A 1 36  ALA 36  35  35  ALA ALA A . n 
A 1 37  VAL 37  36  36  VAL VAL A . n 
A 1 38  LEU 38  37  37  LEU LEU A . n 
A 1 39  PRO 39  38  38  PRO PRO A . n 
A 1 40  ARG 40  39  39  ARG ARG A . n 
A 1 41  HIS 41  40  40  HIS HIS A . n 
A 1 42  ALA 42  41  41  ALA ALA A . n 
A 1 43  LYS 43  42  42  LYS LYS A . n 
A 1 44  PRO 44  43  43  PRO PRO A . n 
A 1 45  GLY 45  44  44  GLY GLY A . n 
A 1 46  PRO 46  45  45  PRO PRO A . n 
A 1 47  THR 47  46  46  THR THR A . n 
A 1 48  ILE 48  47  47  ILE ILE A . n 
A 1 49  LEU 49  48  48  LEU LEU A . n 
A 1 50  MET 50  49  49  MET MET A . n 
A 1 51  ASN 51  50  50  ASN ASN A . n 
A 1 52  ASP 52  51  51  ASP ASP A . n 
A 1 53  GLN 53  52  52  GLN GLN A . n 
A 1 54  GLU 54  53  53  GLU GLU A . n 
A 1 55  VAL 55  54  54  VAL VAL A . n 
A 1 56  GLY 56  55  55  GLY GLY A . n 
A 1 57  VAL 57  56  56  VAL VAL A . n 
A 1 58  LEU 58  57  57  LEU LEU A . n 
A 1 59  ASP 59  58  58  ASP ASP A . n 
A 1 60  ALA 60  59  59  ALA ALA A . n 
A 1 61  LYS 61  60  60  LYS LYS A . n 
A 1 62  GLU 62  61  61  GLU GLU A . n 
A 1 63  LEU 63  62  62  LEU LEU A . n 
A 1 64  VAL 64  63  63  VAL VAL A . n 
A 1 65  ASP 65  64  64  ASP ASP A . n 
A 1 66  LYS 66  65  65  LYS LYS A . n 
A 1 67  ASP 67  66  66  ASP ASP A . n 
A 1 68  GLY 68  67  67  GLY GLY A . n 
A 1 69  THR 69  68  68  THR THR A . n 
A 1 70  ASN 70  69  69  ASN ASN A . n 
A 1 71  LEU 71  70  70  LEU LEU A . n 
A 1 72  GLU 72  71  71  GLU GLU A . n 
A 1 73  LEU 73  72  72  LEU LEU A . n 
A 1 74  THR 74  73  73  THR THR A . n 
A 1 75  LEU 75  74  74  LEU LEU A . n 
A 1 76  LEU 76  75  75  LEU LEU A . n 
A 1 77  LYS 77  76  76  LYS LYS A . n 
A 1 78  LEU 78  77  77  LEU LEU A . n 
A 1 79  ASN 79  78  78  ASN ASN A . n 
A 1 80  ARG 80  79  79  ARG ARG A . n 
A 1 81  ASN 81  80  80  ASN ASN A . n 
A 1 82  GLU 82  81  81  GLU GLU A . n 
A 1 83  LYS 83  82  82  LYS LYS A . n 
A 1 84  PHE 84  83  83  PHE PHE A . n 
A 1 85  ARG 85  84  84  ARG ARG A . n 
A 1 86  ASP 86  85  85  ASP ASP A . n 
A 1 87  ILE 87  86  86  ILE ILE A . n 
A 1 88  ARG 88  87  87  ARG ARG A . n 
A 1 89  GLY 89  88  88  GLY GLY A . n 
A 1 90  PHE 90  89  89  PHE PHE A . n 
A 1 91  LEU 91  90  90  LEU LEU A . n 
A 1 92  ALA 92  91  91  ALA ALA A . n 
A 1 93  LYS 93  92  92  LYS LYS A . n 
A 1 94  GLU 94  93  93  GLU GLU A . n 
A 1 95  GLU 95  94  94  GLU GLU A . n 
A 1 96  VAL 96  95  95  VAL VAL A . n 
A 1 97  GLU 97  96  96  GLU GLU A . n 
A 1 98  VAL 98  97  97  VAL VAL A . n 
A 1 99  ASN 99  98  98  ASN ASN A . n 
A 1 100 GLU 100 99  99  GLU GLU A . n 
A 1 101 ALA 101 100 100 ALA ALA A . n 
A 1 102 VAL 102 101 101 VAL VAL A . n 
A 1 103 LEU 103 102 102 LEU LEU A . n 
A 1 104 ALA 104 103 103 ALA ALA A . n 
A 1 105 ILE 105 104 104 ILE ILE A . n 
A 1 106 ASN 106 105 105 ASN ASN A . n 
A 1 107 THR 107 106 106 THR THR A . n 
A 1 108 SER 108 107 107 SER SER A . n 
A 1 109 LYS 109 108 108 LYS LYS A . n 
A 1 110 PHE 110 109 109 PHE PHE A . n 
A 1 111 PRO 111 110 110 PRO PRO A . n 
A 1 112 ASN 112 111 111 ASN ASN A . n 
A 1 113 MET 113 112 112 MET MET A . n 
A 1 114 TYR 114 113 113 TYR TYR A . n 
A 1 115 ILE 115 114 114 ILE ILE A . n 
A 1 116 PRO 116 115 115 PRO PRO A . n 
A 1 117 VAL 117 116 116 VAL VAL A . n 
A 1 118 GLY 118 117 117 GLY GLY A . n 
A 1 119 GLN 119 118 118 GLN GLN A . n 
A 1 120 VAL 120 119 119 VAL VAL A . n 
A 1 121 THR 121 120 120 THR THR A . n 
A 1 122 GLU 122 121 121 GLU GLU A . n 
A 1 123 TYR 123 122 122 TYR TYR A . n 
A 1 124 GLY 124 123 123 GLY GLY A . n 
A 1 125 PHE 125 124 124 PHE PHE A . n 
A 1 126 LEU 126 125 125 LEU LEU A . n 
A 1 127 ASN 127 126 126 ASN ASN A . n 
A 1 128 LEU 128 127 127 LEU LEU A . n 
A 1 129 GLY 129 128 128 GLY GLY A . n 
A 1 130 GLY 130 129 129 GLY GLY A . n 
A 1 131 THR 131 130 130 THR THR A . n 
A 1 132 PRO 132 131 131 PRO PRO A . n 
A 1 133 THR 133 132 132 THR THR A . n 
A 1 134 LYS 134 133 133 LYS LYS A . n 
A 1 135 ARG 135 134 134 ARG ARG A . n 
A 1 136 MET 136 135 135 MET MET A . n 
A 1 137 LEU 137 136 136 LEU LEU A . n 
A 1 138 MET 138 137 137 MET MET A . n 
A 1 139 TYR 139 138 138 TYR TYR A . n 
A 1 140 ASN 140 139 139 ASN ASN A . n 
A 1 141 PHE 141 140 140 PHE PHE A . n 
A 1 142 PRO 142 141 141 PRO PRO A . n 
A 1 143 THR 143 142 142 THR THR A . n 
A 1 144 ARG 144 143 143 ARG ARG A . n 
A 1 145 ALA 145 144 144 ALA ALA A . n 
A 1 146 GLY 146 145 145 GLY GLY A . n 
A 1 147 GLN 147 146 146 GLN GLN A . n 
A 1 148 CYS 148 147 147 CYS CYS A . n 
A 1 149 GLY 149 148 148 GLY GLY A . n 
A 1 150 GLY 150 149 149 GLY GLY A . n 
A 1 151 VAL 151 150 150 VAL VAL A . n 
A 1 152 LEU 152 151 151 LEU LEU A . n 
A 1 153 MET 153 152 152 MET MET A . n 
A 1 154 SER 154 153 153 SER SER A . n 
A 1 155 THR 155 154 154 THR THR A . n 
A 1 156 GLY 156 155 155 GLY GLY A . n 
A 1 157 LYS 157 156 156 LYS LYS A . n 
A 1 158 VAL 158 157 157 VAL VAL A . n 
A 1 159 LEU 159 158 158 LEU LEU A . n 
A 1 160 GLY 160 159 159 GLY GLY A . n 
A 1 161 ILE 161 160 160 ILE ILE A . n 
A 1 162 HIS 162 161 161 HIS HIS A . n 
A 1 163 VAL 163 162 162 VAL VAL A . n 
A 1 164 GLY 164 163 163 GLY GLY A . n 
A 1 165 GLY 165 164 164 GLY GLY A . n 
A 1 166 ASN 166 165 165 ASN ASN A . n 
A 1 167 GLY 167 166 166 GLY GLY A . n 
A 1 168 HIS 168 167 167 HIS HIS A . n 
A 1 169 GLN 169 168 168 GLN GLN A . n 
A 1 170 GLY 170 169 169 GLY GLY A . n 
A 1 171 PHE 171 170 170 PHE PHE A . n 
A 1 172 SER 172 171 171 SER SER A . n 
A 1 173 ALA 173 172 172 ALA ALA A . n 
A 1 174 ALA 174 173 173 ALA ALA A . n 
A 1 175 LEU 175 174 174 LEU LEU A . n 
A 1 176 LEU 176 175 175 LEU LEU A . n 
A 1 177 LYS 177 176 176 LYS LYS A . n 
A 1 178 HIS 178 177 177 HIS HIS A . n 
A 1 179 TYR 179 178 178 TYR TYR A . n 
A 1 180 PHE 180 179 179 PHE PHE A . n 
A 1 181 ASN 181 180 180 ASN ASN A . n 
A 1 182 ASP 182 181 ?   ?   ?   A . n 
A 1 183 GLU 183 182 ?   ?   ?   A . n 
A 1 184 GLN 184 183 ?   ?   ?   A . n 
# 
loop_
_pdbx_nonpoly_scheme.asym_id 
_pdbx_nonpoly_scheme.entity_id 
_pdbx_nonpoly_scheme.mon_id 
_pdbx_nonpoly_scheme.ndb_seq_num 
_pdbx_nonpoly_scheme.pdb_seq_num 
_pdbx_nonpoly_scheme.auth_seq_num 
_pdbx_nonpoly_scheme.pdb_mon_id 
_pdbx_nonpoly_scheme.auth_mon_id 
_pdbx_nonpoly_scheme.pdb_strand_id 
_pdbx_nonpoly_scheme.pdb_ins_code 
B 2 GOL 1  1181 1181 GOL GOL A . 
C 3 HOH 1  2001 2001 HOH HOH A . 
C 3 HOH 2  2002 2002 HOH HOH A . 
C 3 HOH 3  2003 2003 HOH HOH A . 
C 3 HOH 4  2004 2004 HOH HOH A . 
C 3 HOH 5  2005 2005 HOH HOH A . 
C 3 HOH 6  2006 2006 HOH HOH A . 
C 3 HOH 7  2007 2007 HOH HOH A . 
C 3 HOH 8  2008 2008 HOH HOH A . 
C 3 HOH 9  2009 2009 HOH HOH A . 
C 3 HOH 10 2010 2010 HOH HOH A . 
C 3 HOH 11 2011 2011 HOH HOH A . 
C 3 HOH 12 2012 2012 HOH HOH A . 
C 3 HOH 13 2013 2013 HOH HOH A . 
C 3 HOH 14 2014 2014 HOH HOH A . 
C 3 HOH 15 2015 2015 HOH HOH A . 
C 3 HOH 16 2016 2016 HOH HOH A . 
C 3 HOH 17 2017 2017 HOH HOH A . 
C 3 HOH 18 2018 2018 HOH HOH A . 
C 3 HOH 19 2019 2019 HOH HOH A . 
C 3 HOH 20 2020 2020 HOH HOH A . 
C 3 HOH 21 2021 2021 HOH HOH A . 
C 3 HOH 22 2022 2022 HOH HOH A . 
C 3 HOH 23 2023 2023 HOH HOH A . 
C 3 HOH 24 2024 2024 HOH HOH A . 
C 3 HOH 25 2025 2025 HOH HOH A . 
C 3 HOH 26 2026 2026 HOH HOH A . 
C 3 HOH 27 2027 2027 HOH HOH A . 
C 3 HOH 28 2028 2028 HOH HOH A . 
C 3 HOH 29 2029 2029 HOH HOH A . 
C 3 HOH 30 2030 2030 HOH HOH A . 
C 3 HOH 31 2031 2031 HOH HOH A . 
C 3 HOH 32 2032 2032 HOH HOH A . 
C 3 HOH 33 2033 2033 HOH HOH A . 
C 3 HOH 34 2034 2034 HOH HOH A . 
C 3 HOH 35 2035 2035 HOH HOH A . 
C 3 HOH 36 2036 2036 HOH HOH A . 
C 3 HOH 37 2037 2037 HOH HOH A . 
C 3 HOH 38 2038 2038 HOH HOH A . 
C 3 HOH 39 2039 2039 HOH HOH A . 
C 3 HOH 40 2040 2040 HOH HOH A . 
C 3 HOH 41 2041 2041 HOH HOH A . 
C 3 HOH 42 2042 2042 HOH HOH A . 
C 3 HOH 43 2043 2043 HOH HOH A . 
C 3 HOH 44 2044 2044 HOH HOH A . 
C 3 HOH 45 2045 2045 HOH HOH A . 
C 3 HOH 46 2046 2046 HOH HOH A . 
C 3 HOH 47 2047 2047 HOH HOH A . 
C 3 HOH 48 2048 2048 HOH HOH A . 
C 3 HOH 49 2049 2049 HOH HOH A . 
C 3 HOH 50 2050 2050 HOH HOH A . 
C 3 HOH 51 2051 2051 HOH HOH A . 
C 3 HOH 52 2052 2052 HOH HOH A . 
C 3 HOH 53 2053 2053 HOH HOH A . 
C 3 HOH 54 2054 2054 HOH HOH A . 
C 3 HOH 55 2055 2055 HOH HOH A . 
C 3 HOH 56 2056 2056 HOH HOH A . 
C 3 HOH 57 2057 2057 HOH HOH A . 
C 3 HOH 58 2058 2058 HOH HOH A . 
C 3 HOH 59 2059 2059 HOH HOH A . 
C 3 HOH 60 2060 2060 HOH HOH A . 
C 3 HOH 61 2061 2061 HOH HOH A . 
C 3 HOH 62 2062 2062 HOH HOH A . 
C 3 HOH 63 2063 2063 HOH HOH A . 
C 3 HOH 64 2064 2064 HOH HOH A . 
C 3 HOH 65 2065 2065 HOH HOH A . 
C 3 HOH 66 2066 2066 HOH HOH A . 
C 3 HOH 67 2067 2067 HOH HOH A . 
C 3 HOH 68 2068 2068 HOH HOH A . 
C 3 HOH 69 2069 2069 HOH HOH A . 
C 3 HOH 70 2070 2070 HOH HOH A . 
C 3 HOH 71 2071 2071 HOH HOH A . 
C 3 HOH 72 2072 2072 HOH HOH A . 
C 3 HOH 73 2073 2073 HOH HOH A . 
C 3 HOH 74 2074 2074 HOH HOH A . 
C 3 HOH 75 2075 2075 HOH HOH A . 
C 3 HOH 76 2076 2076 HOH HOH A . 
# 
_pdbx_struct_assembly.id                   1 
_pdbx_struct_assembly.details              author_and_software_defined_assembly 
_pdbx_struct_assembly.method_details       PISA 
_pdbx_struct_assembly.oligomeric_details   dimeric 
_pdbx_struct_assembly.oligomeric_count     2 
# 
_pdbx_struct_assembly_gen.assembly_id       1 
_pdbx_struct_assembly_gen.oper_expression   1,2 
_pdbx_struct_assembly_gen.asym_id_list      A,B,C 
# 
loop_
_pdbx_struct_assembly_prop.biol_id 
_pdbx_struct_assembly_prop.type 
_pdbx_struct_assembly_prop.value 
_pdbx_struct_assembly_prop.details 
1 'ABSA (A^2)' 2230  ? 
1 MORE         -17.2 ? 
1 'SSA (A^2)'  15540 ? 
# 
loop_
_pdbx_struct_oper_list.id 
_pdbx_struct_oper_list.type 
_pdbx_struct_oper_list.name 
_pdbx_struct_oper_list.symmetry_operation 
_pdbx_struct_oper_list.matrix[1][1] 
_pdbx_struct_oper_list.matrix[1][2] 
_pdbx_struct_oper_list.matrix[1][3] 
_pdbx_struct_oper_list.vector[1] 
_pdbx_struct_oper_list.matrix[2][1] 
_pdbx_struct_oper_list.matrix[2][2] 
_pdbx_struct_oper_list.matrix[2][3] 
_pdbx_struct_oper_list.vector[2] 
_pdbx_struct_oper_list.matrix[3][1] 
_pdbx_struct_oper_list.matrix[3][2] 
_pdbx_struct_oper_list.matrix[3][3] 
_pdbx_struct_oper_list.vector[3] 
1 'identity operation'         1_555 x,y,z   1.0000000000  0.0000000000 0.0000000000  0.0000000000   0.0000000000 1.0000000000  0.0000000000  0.0000000000  0.0000000000  0.0000000000  1.0000000000  0.0000000000  
2 'crystal symmetry operation' 2_555 -x,y,-z -0.4519294449 0.6743641168 -0.5839459007 -27.0187580419 0.6743641168 -0.1702401129 -0.7185063270 14.4559258835 -0.5839459007 -0.7185063270 -0.3778304423 -8.6645492727 
# 
loop_
_pdbx_audit_revision_history.ordinal 
_pdbx_audit_revision_history.data_content_type 
_pdbx_audit_revision_history.major_revision 
_pdbx_audit_revision_history.minor_revision 
_pdbx_audit_revision_history.revision_date 
1 'Structure model' 1 0 2012-08-29 
2 'Structure model' 1 1 2019-05-08 
3 'Structure model' 1 2 2023-12-20 
# 
_pdbx_audit_revision_details.ordinal             1 
_pdbx_audit_revision_details.revision_ordinal    1 
_pdbx_audit_revision_details.data_content_type   'Structure model' 
_pdbx_audit_revision_details.provider            repository 
_pdbx_audit_revision_details.type                'Initial release' 
_pdbx_audit_revision_details.description         ? 
_pdbx_audit_revision_details.details             ? 
# 
loop_
_pdbx_audit_revision_group.ordinal 
_pdbx_audit_revision_group.revision_ordinal 
_pdbx_audit_revision_group.data_content_type 
_pdbx_audit_revision_group.group 
1 2 'Structure model' 'Data collection'          
2 2 'Structure model' 'Experimental preparation' 
3 2 'Structure model' Other                      
4 3 'Structure model' 'Data collection'          
5 3 'Structure model' 'Database references'      
6 3 'Structure model' 'Derived calculations'     
7 3 'Structure model' Other                      
8 3 'Structure model' 'Refinement description'   
# 
loop_
_pdbx_audit_revision_category.ordinal 
_pdbx_audit_revision_category.revision_ordinal 
_pdbx_audit_revision_category.data_content_type 
_pdbx_audit_revision_category.category 
1 2 'Structure model' exptl_crystal_grow            
2 2 'Structure model' pdbx_database_proc            
3 2 'Structure model' pdbx_database_status          
4 3 'Structure model' chem_comp_atom                
5 3 'Structure model' chem_comp_bond                
6 3 'Structure model' database_2                    
7 3 'Structure model' pdbx_database_status          
8 3 'Structure model' pdbx_initial_refinement_model 
9 3 'Structure model' struct_site                   
# 
loop_
_pdbx_audit_revision_item.ordinal 
_pdbx_audit_revision_item.revision_ordinal 
_pdbx_audit_revision_item.data_content_type 
_pdbx_audit_revision_item.item 
1 2 'Structure model' '_exptl_crystal_grow.method'                  
2 2 'Structure model' '_pdbx_database_status.recvd_author_approval' 
3 3 'Structure model' '_database_2.pdbx_DOI'                        
4 3 'Structure model' '_database_2.pdbx_database_accession'         
5 3 'Structure model' '_pdbx_database_status.status_code_sf'        
6 3 'Structure model' '_struct_site.pdbx_auth_asym_id'              
7 3 'Structure model' '_struct_site.pdbx_auth_comp_id'              
8 3 'Structure model' '_struct_site.pdbx_auth_seq_id'               
# 
loop_
_software.name 
_software.classification 
_software.version 
_software.citation_id 
_software.pdbx_ordinal 
REFMAC  refinement       5.5.0110 ? 1 
iMOSFLM 'data reduction' .        ? 2 
SCALA   'data scaling'   .        ? 3 
MOLREP  phasing          .        ? 4 
# 
_pdbx_database_remark.id     700 
_pdbx_database_remark.text   
;
SHEET
DETERMINATION METHOD: DSSP
THE SHEETS PRESENTED AS "AA" IN EACH CHAIN ON SHEET RECORDS
BELOW IS ACTUALLY AN  6-STRANDED BARREL THIS IS REPRESENTED BY
A  7-STRANDED SHEET IN WHICH THE FIRST AND LAST STRANDS
ARE IDENTICAL.
THE SHEETS PRESENTED AS "AB" IN EACH CHAIN ON SHEET RECORDS
BELOW IS ACTUALLY AN  6-STRANDED BARREL THIS IS REPRESENTED BY
A  7-STRANDED SHEET IN WHICH THE FIRST AND LAST STRANDS
ARE IDENTICAL.
;
# 
loop_
_pdbx_validate_rmsd_angle.id 
_pdbx_validate_rmsd_angle.PDB_model_num 
_pdbx_validate_rmsd_angle.auth_atom_id_1 
_pdbx_validate_rmsd_angle.auth_asym_id_1 
_pdbx_validate_rmsd_angle.auth_comp_id_1 
_pdbx_validate_rmsd_angle.auth_seq_id_1 
_pdbx_validate_rmsd_angle.PDB_ins_code_1 
_pdbx_validate_rmsd_angle.label_alt_id_1 
_pdbx_validate_rmsd_angle.auth_atom_id_2 
_pdbx_validate_rmsd_angle.auth_asym_id_2 
_pdbx_validate_rmsd_angle.auth_comp_id_2 
_pdbx_validate_rmsd_angle.auth_seq_id_2 
_pdbx_validate_rmsd_angle.PDB_ins_code_2 
_pdbx_validate_rmsd_angle.label_alt_id_2 
_pdbx_validate_rmsd_angle.auth_atom_id_3 
_pdbx_validate_rmsd_angle.auth_asym_id_3 
_pdbx_validate_rmsd_angle.auth_comp_id_3 
_pdbx_validate_rmsd_angle.auth_seq_id_3 
_pdbx_validate_rmsd_angle.PDB_ins_code_3 
_pdbx_validate_rmsd_angle.label_alt_id_3 
_pdbx_validate_rmsd_angle.angle_value 
_pdbx_validate_rmsd_angle.angle_target_value 
_pdbx_validate_rmsd_angle.angle_deviation 
_pdbx_validate_rmsd_angle.angle_standard_deviation 
_pdbx_validate_rmsd_angle.linker_flag 
1 1 CA A LEU 75  ? ? CB A LEU 75  ? ? CG A LEU 75  ? ? 133.93 115.30 18.63 2.30 N 
2 1 CA A LEU 158 ? ? CB A LEU 158 ? ? CG A LEU 158 ? ? 133.78 115.30 18.48 2.30 N 
# 
loop_
_pdbx_validate_torsion.id 
_pdbx_validate_torsion.PDB_model_num 
_pdbx_validate_torsion.auth_comp_id 
_pdbx_validate_torsion.auth_asym_id 
_pdbx_validate_torsion.auth_seq_id 
_pdbx_validate_torsion.PDB_ins_code 
_pdbx_validate_torsion.label_alt_id 
_pdbx_validate_torsion.phi 
_pdbx_validate_torsion.psi 
1 1 ASP A 32  ? ? 53.30 -127.49 
2 1 ASN A 111 ? ? 38.53 59.84   
# 
loop_
_pdbx_unobs_or_zero_occ_residues.id 
_pdbx_unobs_or_zero_occ_residues.PDB_model_num 
_pdbx_unobs_or_zero_occ_residues.polymer_flag 
_pdbx_unobs_or_zero_occ_residues.occupancy_flag 
_pdbx_unobs_or_zero_occ_residues.auth_asym_id 
_pdbx_unobs_or_zero_occ_residues.auth_comp_id 
_pdbx_unobs_or_zero_occ_residues.auth_seq_id 
_pdbx_unobs_or_zero_occ_residues.PDB_ins_code 
_pdbx_unobs_or_zero_occ_residues.label_asym_id 
_pdbx_unobs_or_zero_occ_residues.label_comp_id 
_pdbx_unobs_or_zero_occ_residues.label_seq_id 
1 1 Y 1 A ASP 181 ? A ASP 182 
2 1 Y 1 A GLU 182 ? A GLU 183 
3 1 Y 1 A GLN 183 ? A GLN 184 
# 
loop_
_chem_comp_atom.comp_id 
_chem_comp_atom.atom_id 
_chem_comp_atom.type_symbol 
_chem_comp_atom.pdbx_aromatic_flag 
_chem_comp_atom.pdbx_stereo_config 
_chem_comp_atom.pdbx_ordinal 
ALA N    N N N 1   
ALA CA   C N S 2   
ALA C    C N N 3   
ALA O    O N N 4   
ALA CB   C N N 5   
ALA OXT  O N N 6   
ALA H    H N N 7   
ALA H2   H N N 8   
ALA HA   H N N 9   
ALA HB1  H N N 10  
ALA HB2  H N N 11  
ALA HB3  H N N 12  
ALA HXT  H N N 13  
ARG N    N N N 14  
ARG CA   C N S 15  
ARG C    C N N 16  
ARG O    O N N 17  
ARG CB   C N N 18  
ARG CG   C N N 19  
ARG CD   C N N 20  
ARG NE   N N N 21  
ARG CZ   C N N 22  
ARG NH1  N N N 23  
ARG NH2  N N N 24  
ARG OXT  O N N 25  
ARG H    H N N 26  
ARG H2   H N N 27  
ARG HA   H N N 28  
ARG HB2  H N N 29  
ARG HB3  H N N 30  
ARG HG2  H N N 31  
ARG HG3  H N N 32  
ARG HD2  H N N 33  
ARG HD3  H N N 34  
ARG HE   H N N 35  
ARG HH11 H N N 36  
ARG HH12 H N N 37  
ARG HH21 H N N 38  
ARG HH22 H N N 39  
ARG HXT  H N N 40  
ASN N    N N N 41  
ASN CA   C N S 42  
ASN C    C N N 43  
ASN O    O N N 44  
ASN CB   C N N 45  
ASN CG   C N N 46  
ASN OD1  O N N 47  
ASN ND2  N N N 48  
ASN OXT  O N N 49  
ASN H    H N N 50  
ASN H2   H N N 51  
ASN HA   H N N 52  
ASN HB2  H N N 53  
ASN HB3  H N N 54  
ASN HD21 H N N 55  
ASN HD22 H N N 56  
ASN HXT  H N N 57  
ASP N    N N N 58  
ASP CA   C N S 59  
ASP C    C N N 60  
ASP O    O N N 61  
ASP CB   C N N 62  
ASP CG   C N N 63  
ASP OD1  O N N 64  
ASP OD2  O N N 65  
ASP OXT  O N N 66  
ASP H    H N N 67  
ASP H2   H N N 68  
ASP HA   H N N 69  
ASP HB2  H N N 70  
ASP HB3  H N N 71  
ASP HD2  H N N 72  
ASP HXT  H N N 73  
CYS N    N N N 74  
CYS CA   C N R 75  
CYS C    C N N 76  
CYS O    O N N 77  
CYS CB   C N N 78  
CYS SG   S N N 79  
CYS OXT  O N N 80  
CYS H    H N N 81  
CYS H2   H N N 82  
CYS HA   H N N 83  
CYS HB2  H N N 84  
CYS HB3  H N N 85  
CYS HG   H N N 86  
CYS HXT  H N N 87  
GLN N    N N N 88  
GLN CA   C N S 89  
GLN C    C N N 90  
GLN O    O N N 91  
GLN CB   C N N 92  
GLN CG   C N N 93  
GLN CD   C N N 94  
GLN OE1  O N N 95  
GLN NE2  N N N 96  
GLN OXT  O N N 97  
GLN H    H N N 98  
GLN H2   H N N 99  
GLN HA   H N N 100 
GLN HB2  H N N 101 
GLN HB3  H N N 102 
GLN HG2  H N N 103 
GLN HG3  H N N 104 
GLN HE21 H N N 105 
GLN HE22 H N N 106 
GLN HXT  H N N 107 
GLU N    N N N 108 
GLU CA   C N S 109 
GLU C    C N N 110 
GLU O    O N N 111 
GLU CB   C N N 112 
GLU CG   C N N 113 
GLU CD   C N N 114 
GLU OE1  O N N 115 
GLU OE2  O N N 116 
GLU OXT  O N N 117 
GLU H    H N N 118 
GLU H2   H N N 119 
GLU HA   H N N 120 
GLU HB2  H N N 121 
GLU HB3  H N N 122 
GLU HG2  H N N 123 
GLU HG3  H N N 124 
GLU HE2  H N N 125 
GLU HXT  H N N 126 
GLY N    N N N 127 
GLY CA   C N N 128 
GLY C    C N N 129 
GLY O    O N N 130 
GLY OXT  O N N 131 
GLY H    H N N 132 
GLY H2   H N N 133 
GLY HA2  H N N 134 
GLY HA3  H N N 135 
GLY HXT  H N N 136 
GOL C1   C N N 137 
GOL O1   O N N 138 
GOL C2   C N N 139 
GOL O2   O N N 140 
GOL C3   C N N 141 
GOL O3   O N N 142 
GOL H11  H N N 143 
GOL H12  H N N 144 
GOL HO1  H N N 145 
GOL H2   H N N 146 
GOL HO2  H N N 147 
GOL H31  H N N 148 
GOL H32  H N N 149 
GOL HO3  H N N 150 
HIS N    N N N 151 
HIS CA   C N S 152 
HIS C    C N N 153 
HIS O    O N N 154 
HIS CB   C N N 155 
HIS CG   C Y N 156 
HIS ND1  N Y N 157 
HIS CD2  C Y N 158 
HIS CE1  C Y N 159 
HIS NE2  N Y N 160 
HIS OXT  O N N 161 
HIS H    H N N 162 
HIS H2   H N N 163 
HIS HA   H N N 164 
HIS HB2  H N N 165 
HIS HB3  H N N 166 
HIS HD1  H N N 167 
HIS HD2  H N N 168 
HIS HE1  H N N 169 
HIS HE2  H N N 170 
HIS HXT  H N N 171 
HOH O    O N N 172 
HOH H1   H N N 173 
HOH H2   H N N 174 
ILE N    N N N 175 
ILE CA   C N S 176 
ILE C    C N N 177 
ILE O    O N N 178 
ILE CB   C N S 179 
ILE CG1  C N N 180 
ILE CG2  C N N 181 
ILE CD1  C N N 182 
ILE OXT  O N N 183 
ILE H    H N N 184 
ILE H2   H N N 185 
ILE HA   H N N 186 
ILE HB   H N N 187 
ILE HG12 H N N 188 
ILE HG13 H N N 189 
ILE HG21 H N N 190 
ILE HG22 H N N 191 
ILE HG23 H N N 192 
ILE HD11 H N N 193 
ILE HD12 H N N 194 
ILE HD13 H N N 195 
ILE HXT  H N N 196 
LEU N    N N N 197 
LEU CA   C N S 198 
LEU C    C N N 199 
LEU O    O N N 200 
LEU CB   C N N 201 
LEU CG   C N N 202 
LEU CD1  C N N 203 
LEU CD2  C N N 204 
LEU OXT  O N N 205 
LEU H    H N N 206 
LEU H2   H N N 207 
LEU HA   H N N 208 
LEU HB2  H N N 209 
LEU HB3  H N N 210 
LEU HG   H N N 211 
LEU HD11 H N N 212 
LEU HD12 H N N 213 
LEU HD13 H N N 214 
LEU HD21 H N N 215 
LEU HD22 H N N 216 
LEU HD23 H N N 217 
LEU HXT  H N N 218 
LYS N    N N N 219 
LYS CA   C N S 220 
LYS C    C N N 221 
LYS O    O N N 222 
LYS CB   C N N 223 
LYS CG   C N N 224 
LYS CD   C N N 225 
LYS CE   C N N 226 
LYS NZ   N N N 227 
LYS OXT  O N N 228 
LYS H    H N N 229 
LYS H2   H N N 230 
LYS HA   H N N 231 
LYS HB2  H N N 232 
LYS HB3  H N N 233 
LYS HG2  H N N 234 
LYS HG3  H N N 235 
LYS HD2  H N N 236 
LYS HD3  H N N 237 
LYS HE2  H N N 238 
LYS HE3  H N N 239 
LYS HZ1  H N N 240 
LYS HZ2  H N N 241 
LYS HZ3  H N N 242 
LYS HXT  H N N 243 
MET N    N N N 244 
MET CA   C N S 245 
MET C    C N N 246 
MET O    O N N 247 
MET CB   C N N 248 
MET CG   C N N 249 
MET SD   S N N 250 
MET CE   C N N 251 
MET OXT  O N N 252 
MET H    H N N 253 
MET H2   H N N 254 
MET HA   H N N 255 
MET HB2  H N N 256 
MET HB3  H N N 257 
MET HG2  H N N 258 
MET HG3  H N N 259 
MET HE1  H N N 260 
MET HE2  H N N 261 
MET HE3  H N N 262 
MET HXT  H N N 263 
PHE N    N N N 264 
PHE CA   C N S 265 
PHE C    C N N 266 
PHE O    O N N 267 
PHE CB   C N N 268 
PHE CG   C Y N 269 
PHE CD1  C Y N 270 
PHE CD2  C Y N 271 
PHE CE1  C Y N 272 
PHE CE2  C Y N 273 
PHE CZ   C Y N 274 
PHE OXT  O N N 275 
PHE H    H N N 276 
PHE H2   H N N 277 
PHE HA   H N N 278 
PHE HB2  H N N 279 
PHE HB3  H N N 280 
PHE HD1  H N N 281 
PHE HD2  H N N 282 
PHE HE1  H N N 283 
PHE HE2  H N N 284 
PHE HZ   H N N 285 
PHE HXT  H N N 286 
PRO N    N N N 287 
PRO CA   C N S 288 
PRO C    C N N 289 
PRO O    O N N 290 
PRO CB   C N N 291 
PRO CG   C N N 292 
PRO CD   C N N 293 
PRO OXT  O N N 294 
PRO H    H N N 295 
PRO HA   H N N 296 
PRO HB2  H N N 297 
PRO HB3  H N N 298 
PRO HG2  H N N 299 
PRO HG3  H N N 300 
PRO HD2  H N N 301 
PRO HD3  H N N 302 
PRO HXT  H N N 303 
SER N    N N N 304 
SER CA   C N S 305 
SER C    C N N 306 
SER O    O N N 307 
SER CB   C N N 308 
SER OG   O N N 309 
SER OXT  O N N 310 
SER H    H N N 311 
SER H2   H N N 312 
SER HA   H N N 313 
SER HB2  H N N 314 
SER HB3  H N N 315 
SER HG   H N N 316 
SER HXT  H N N 317 
THR N    N N N 318 
THR CA   C N S 319 
THR C    C N N 320 
THR O    O N N 321 
THR CB   C N R 322 
THR OG1  O N N 323 
THR CG2  C N N 324 
THR OXT  O N N 325 
THR H    H N N 326 
THR H2   H N N 327 
THR HA   H N N 328 
THR HB   H N N 329 
THR HG1  H N N 330 
THR HG21 H N N 331 
THR HG22 H N N 332 
THR HG23 H N N 333 
THR HXT  H N N 334 
TRP N    N N N 335 
TRP CA   C N S 336 
TRP C    C N N 337 
TRP O    O N N 338 
TRP CB   C N N 339 
TRP CG   C Y N 340 
TRP CD1  C Y N 341 
TRP CD2  C Y N 342 
TRP NE1  N Y N 343 
TRP CE2  C Y N 344 
TRP CE3  C Y N 345 
TRP CZ2  C Y N 346 
TRP CZ3  C Y N 347 
TRP CH2  C Y N 348 
TRP OXT  O N N 349 
TRP H    H N N 350 
TRP H2   H N N 351 
TRP HA   H N N 352 
TRP HB2  H N N 353 
TRP HB3  H N N 354 
TRP HD1  H N N 355 
TRP HE1  H N N 356 
TRP HE3  H N N 357 
TRP HZ2  H N N 358 
TRP HZ3  H N N 359 
TRP HH2  H N N 360 
TRP HXT  H N N 361 
TYR N    N N N 362 
TYR CA   C N S 363 
TYR C    C N N 364 
TYR O    O N N 365 
TYR CB   C N N 366 
TYR CG   C Y N 367 
TYR CD1  C Y N 368 
TYR CD2  C Y N 369 
TYR CE1  C Y N 370 
TYR CE2  C Y N 371 
TYR CZ   C Y N 372 
TYR OH   O N N 373 
TYR OXT  O N N 374 
TYR H    H N N 375 
TYR H2   H N N 376 
TYR HA   H N N 377 
TYR HB2  H N N 378 
TYR HB3  H N N 379 
TYR HD1  H N N 380 
TYR HD2  H N N 381 
TYR HE1  H N N 382 
TYR HE2  H N N 383 
TYR HH   H N N 384 
TYR HXT  H N N 385 
VAL N    N N N 386 
VAL CA   C N S 387 
VAL C    C N N 388 
VAL O    O N N 389 
VAL CB   C N N 390 
VAL CG1  C N N 391 
VAL CG2  C N N 392 
VAL OXT  O N N 393 
VAL H    H N N 394 
VAL H2   H N N 395 
VAL HA   H N N 396 
VAL HB   H N N 397 
VAL HG11 H N N 398 
VAL HG12 H N N 399 
VAL HG13 H N N 400 
VAL HG21 H N N 401 
VAL HG22 H N N 402 
VAL HG23 H N N 403 
VAL HXT  H N N 404 
# 
loop_
_chem_comp_bond.comp_id 
_chem_comp_bond.atom_id_1 
_chem_comp_bond.atom_id_2 
_chem_comp_bond.value_order 
_chem_comp_bond.pdbx_aromatic_flag 
_chem_comp_bond.pdbx_stereo_config 
_chem_comp_bond.pdbx_ordinal 
ALA N   CA   sing N N 1   
ALA N   H    sing N N 2   
ALA N   H2   sing N N 3   
ALA CA  C    sing N N 4   
ALA CA  CB   sing N N 5   
ALA CA  HA   sing N N 6   
ALA C   O    doub N N 7   
ALA C   OXT  sing N N 8   
ALA CB  HB1  sing N N 9   
ALA CB  HB2  sing N N 10  
ALA CB  HB3  sing N N 11  
ALA OXT HXT  sing N N 12  
ARG N   CA   sing N N 13  
ARG N   H    sing N N 14  
ARG N   H2   sing N N 15  
ARG CA  C    sing N N 16  
ARG CA  CB   sing N N 17  
ARG CA  HA   sing N N 18  
ARG C   O    doub N N 19  
ARG C   OXT  sing N N 20  
ARG CB  CG   sing N N 21  
ARG CB  HB2  sing N N 22  
ARG CB  HB3  sing N N 23  
ARG CG  CD   sing N N 24  
ARG CG  HG2  sing N N 25  
ARG CG  HG3  sing N N 26  
ARG CD  NE   sing N N 27  
ARG CD  HD2  sing N N 28  
ARG CD  HD3  sing N N 29  
ARG NE  CZ   sing N N 30  
ARG NE  HE   sing N N 31  
ARG CZ  NH1  sing N N 32  
ARG CZ  NH2  doub N N 33  
ARG NH1 HH11 sing N N 34  
ARG NH1 HH12 sing N N 35  
ARG NH2 HH21 sing N N 36  
ARG NH2 HH22 sing N N 37  
ARG OXT HXT  sing N N 38  
ASN N   CA   sing N N 39  
ASN N   H    sing N N 40  
ASN N   H2   sing N N 41  
ASN CA  C    sing N N 42  
ASN CA  CB   sing N N 43  
ASN CA  HA   sing N N 44  
ASN C   O    doub N N 45  
ASN C   OXT  sing N N 46  
ASN CB  CG   sing N N 47  
ASN CB  HB2  sing N N 48  
ASN CB  HB3  sing N N 49  
ASN CG  OD1  doub N N 50  
ASN CG  ND2  sing N N 51  
ASN ND2 HD21 sing N N 52  
ASN ND2 HD22 sing N N 53  
ASN OXT HXT  sing N N 54  
ASP N   CA   sing N N 55  
ASP N   H    sing N N 56  
ASP N   H2   sing N N 57  
ASP CA  C    sing N N 58  
ASP CA  CB   sing N N 59  
ASP CA  HA   sing N N 60  
ASP C   O    doub N N 61  
ASP C   OXT  sing N N 62  
ASP CB  CG   sing N N 63  
ASP CB  HB2  sing N N 64  
ASP CB  HB3  sing N N 65  
ASP CG  OD1  doub N N 66  
ASP CG  OD2  sing N N 67  
ASP OD2 HD2  sing N N 68  
ASP OXT HXT  sing N N 69  
CYS N   CA   sing N N 70  
CYS N   H    sing N N 71  
CYS N   H2   sing N N 72  
CYS CA  C    sing N N 73  
CYS CA  CB   sing N N 74  
CYS CA  HA   sing N N 75  
CYS C   O    doub N N 76  
CYS C   OXT  sing N N 77  
CYS CB  SG   sing N N 78  
CYS CB  HB2  sing N N 79  
CYS CB  HB3  sing N N 80  
CYS SG  HG   sing N N 81  
CYS OXT HXT  sing N N 82  
GLN N   CA   sing N N 83  
GLN N   H    sing N N 84  
GLN N   H2   sing N N 85  
GLN CA  C    sing N N 86  
GLN CA  CB   sing N N 87  
GLN CA  HA   sing N N 88  
GLN C   O    doub N N 89  
GLN C   OXT  sing N N 90  
GLN CB  CG   sing N N 91  
GLN CB  HB2  sing N N 92  
GLN CB  HB3  sing N N 93  
GLN CG  CD   sing N N 94  
GLN CG  HG2  sing N N 95  
GLN CG  HG3  sing N N 96  
GLN CD  OE1  doub N N 97  
GLN CD  NE2  sing N N 98  
GLN NE2 HE21 sing N N 99  
GLN NE2 HE22 sing N N 100 
GLN OXT HXT  sing N N 101 
GLU N   CA   sing N N 102 
GLU N   H    sing N N 103 
GLU N   H2   sing N N 104 
GLU CA  C    sing N N 105 
GLU CA  CB   sing N N 106 
GLU CA  HA   sing N N 107 
GLU C   O    doub N N 108 
GLU C   OXT  sing N N 109 
GLU CB  CG   sing N N 110 
GLU CB  HB2  sing N N 111 
GLU CB  HB3  sing N N 112 
GLU CG  CD   sing N N 113 
GLU CG  HG2  sing N N 114 
GLU CG  HG3  sing N N 115 
GLU CD  OE1  doub N N 116 
GLU CD  OE2  sing N N 117 
GLU OE2 HE2  sing N N 118 
GLU OXT HXT  sing N N 119 
GLY N   CA   sing N N 120 
GLY N   H    sing N N 121 
GLY N   H2   sing N N 122 
GLY CA  C    sing N N 123 
GLY CA  HA2  sing N N 124 
GLY CA  HA3  sing N N 125 
GLY C   O    doub N N 126 
GLY C   OXT  sing N N 127 
GLY OXT HXT  sing N N 128 
GOL C1  O1   sing N N 129 
GOL C1  C2   sing N N 130 
GOL C1  H11  sing N N 131 
GOL C1  H12  sing N N 132 
GOL O1  HO1  sing N N 133 
GOL C2  O2   sing N N 134 
GOL C2  C3   sing N N 135 
GOL C2  H2   sing N N 136 
GOL O2  HO2  sing N N 137 
GOL C3  O3   sing N N 138 
GOL C3  H31  sing N N 139 
GOL C3  H32  sing N N 140 
GOL O3  HO3  sing N N 141 
HIS N   CA   sing N N 142 
HIS N   H    sing N N 143 
HIS N   H2   sing N N 144 
HIS CA  C    sing N N 145 
HIS CA  CB   sing N N 146 
HIS CA  HA   sing N N 147 
HIS C   O    doub N N 148 
HIS C   OXT  sing N N 149 
HIS CB  CG   sing N N 150 
HIS CB  HB2  sing N N 151 
HIS CB  HB3  sing N N 152 
HIS CG  ND1  sing Y N 153 
HIS CG  CD2  doub Y N 154 
HIS ND1 CE1  doub Y N 155 
HIS ND1 HD1  sing N N 156 
HIS CD2 NE2  sing Y N 157 
HIS CD2 HD2  sing N N 158 
HIS CE1 NE2  sing Y N 159 
HIS CE1 HE1  sing N N 160 
HIS NE2 HE2  sing N N 161 
HIS OXT HXT  sing N N 162 
HOH O   H1   sing N N 163 
HOH O   H2   sing N N 164 
ILE N   CA   sing N N 165 
ILE N   H    sing N N 166 
ILE N   H2   sing N N 167 
ILE CA  C    sing N N 168 
ILE CA  CB   sing N N 169 
ILE CA  HA   sing N N 170 
ILE C   O    doub N N 171 
ILE C   OXT  sing N N 172 
ILE CB  CG1  sing N N 173 
ILE CB  CG2  sing N N 174 
ILE CB  HB   sing N N 175 
ILE CG1 CD1  sing N N 176 
ILE CG1 HG12 sing N N 177 
ILE CG1 HG13 sing N N 178 
ILE CG2 HG21 sing N N 179 
ILE CG2 HG22 sing N N 180 
ILE CG2 HG23 sing N N 181 
ILE CD1 HD11 sing N N 182 
ILE CD1 HD12 sing N N 183 
ILE CD1 HD13 sing N N 184 
ILE OXT HXT  sing N N 185 
LEU N   CA   sing N N 186 
LEU N   H    sing N N 187 
LEU N   H2   sing N N 188 
LEU CA  C    sing N N 189 
LEU CA  CB   sing N N 190 
LEU CA  HA   sing N N 191 
LEU C   O    doub N N 192 
LEU C   OXT  sing N N 193 
LEU CB  CG   sing N N 194 
LEU CB  HB2  sing N N 195 
LEU CB  HB3  sing N N 196 
LEU CG  CD1  sing N N 197 
LEU CG  CD2  sing N N 198 
LEU CG  HG   sing N N 199 
LEU CD1 HD11 sing N N 200 
LEU CD1 HD12 sing N N 201 
LEU CD1 HD13 sing N N 202 
LEU CD2 HD21 sing N N 203 
LEU CD2 HD22 sing N N 204 
LEU CD2 HD23 sing N N 205 
LEU OXT HXT  sing N N 206 
LYS N   CA   sing N N 207 
LYS N   H    sing N N 208 
LYS N   H2   sing N N 209 
LYS CA  C    sing N N 210 
LYS CA  CB   sing N N 211 
LYS CA  HA   sing N N 212 
LYS C   O    doub N N 213 
LYS C   OXT  sing N N 214 
LYS CB  CG   sing N N 215 
LYS CB  HB2  sing N N 216 
LYS CB  HB3  sing N N 217 
LYS CG  CD   sing N N 218 
LYS CG  HG2  sing N N 219 
LYS CG  HG3  sing N N 220 
LYS CD  CE   sing N N 221 
LYS CD  HD2  sing N N 222 
LYS CD  HD3  sing N N 223 
LYS CE  NZ   sing N N 224 
LYS CE  HE2  sing N N 225 
LYS CE  HE3  sing N N 226 
LYS NZ  HZ1  sing N N 227 
LYS NZ  HZ2  sing N N 228 
LYS NZ  HZ3  sing N N 229 
LYS OXT HXT  sing N N 230 
MET N   CA   sing N N 231 
MET N   H    sing N N 232 
MET N   H2   sing N N 233 
MET CA  C    sing N N 234 
MET CA  CB   sing N N 235 
MET CA  HA   sing N N 236 
MET C   O    doub N N 237 
MET C   OXT  sing N N 238 
MET CB  CG   sing N N 239 
MET CB  HB2  sing N N 240 
MET CB  HB3  sing N N 241 
MET CG  SD   sing N N 242 
MET CG  HG2  sing N N 243 
MET CG  HG3  sing N N 244 
MET SD  CE   sing N N 245 
MET CE  HE1  sing N N 246 
MET CE  HE2  sing N N 247 
MET CE  HE3  sing N N 248 
MET OXT HXT  sing N N 249 
PHE N   CA   sing N N 250 
PHE N   H    sing N N 251 
PHE N   H2   sing N N 252 
PHE CA  C    sing N N 253 
PHE CA  CB   sing N N 254 
PHE CA  HA   sing N N 255 
PHE C   O    doub N N 256 
PHE C   OXT  sing N N 257 
PHE CB  CG   sing N N 258 
PHE CB  HB2  sing N N 259 
PHE CB  HB3  sing N N 260 
PHE CG  CD1  doub Y N 261 
PHE CG  CD2  sing Y N 262 
PHE CD1 CE1  sing Y N 263 
PHE CD1 HD1  sing N N 264 
PHE CD2 CE2  doub Y N 265 
PHE CD2 HD2  sing N N 266 
PHE CE1 CZ   doub Y N 267 
PHE CE1 HE1  sing N N 268 
PHE CE2 CZ   sing Y N 269 
PHE CE2 HE2  sing N N 270 
PHE CZ  HZ   sing N N 271 
PHE OXT HXT  sing N N 272 
PRO N   CA   sing N N 273 
PRO N   CD   sing N N 274 
PRO N   H    sing N N 275 
PRO CA  C    sing N N 276 
PRO CA  CB   sing N N 277 
PRO CA  HA   sing N N 278 
PRO C   O    doub N N 279 
PRO C   OXT  sing N N 280 
PRO CB  CG   sing N N 281 
PRO CB  HB2  sing N N 282 
PRO CB  HB3  sing N N 283 
PRO CG  CD   sing N N 284 
PRO CG  HG2  sing N N 285 
PRO CG  HG3  sing N N 286 
PRO CD  HD2  sing N N 287 
PRO CD  HD3  sing N N 288 
PRO OXT HXT  sing N N 289 
SER N   CA   sing N N 290 
SER N   H    sing N N 291 
SER N   H2   sing N N 292 
SER CA  C    sing N N 293 
SER CA  CB   sing N N 294 
SER CA  HA   sing N N 295 
SER C   O    doub N N 296 
SER C   OXT  sing N N 297 
SER CB  OG   sing N N 298 
SER CB  HB2  sing N N 299 
SER CB  HB3  sing N N 300 
SER OG  HG   sing N N 301 
SER OXT HXT  sing N N 302 
THR N   CA   sing N N 303 
THR N   H    sing N N 304 
THR N   H2   sing N N 305 
THR CA  C    sing N N 306 
THR CA  CB   sing N N 307 
THR CA  HA   sing N N 308 
THR C   O    doub N N 309 
THR C   OXT  sing N N 310 
THR CB  OG1  sing N N 311 
THR CB  CG2  sing N N 312 
THR CB  HB   sing N N 313 
THR OG1 HG1  sing N N 314 
THR CG2 HG21 sing N N 315 
THR CG2 HG22 sing N N 316 
THR CG2 HG23 sing N N 317 
THR OXT HXT  sing N N 318 
TRP N   CA   sing N N 319 
TRP N   H    sing N N 320 
TRP N   H2   sing N N 321 
TRP CA  C    sing N N 322 
TRP CA  CB   sing N N 323 
TRP CA  HA   sing N N 324 
TRP C   O    doub N N 325 
TRP C   OXT  sing N N 326 
TRP CB  CG   sing N N 327 
TRP CB  HB2  sing N N 328 
TRP CB  HB3  sing N N 329 
TRP CG  CD1  doub Y N 330 
TRP CG  CD2  sing Y N 331 
TRP CD1 NE1  sing Y N 332 
TRP CD1 HD1  sing N N 333 
TRP CD2 CE2  doub Y N 334 
TRP CD2 CE3  sing Y N 335 
TRP NE1 CE2  sing Y N 336 
TRP NE1 HE1  sing N N 337 
TRP CE2 CZ2  sing Y N 338 
TRP CE3 CZ3  doub Y N 339 
TRP CE3 HE3  sing N N 340 
TRP CZ2 CH2  doub Y N 341 
TRP CZ2 HZ2  sing N N 342 
TRP CZ3 CH2  sing Y N 343 
TRP CZ3 HZ3  sing N N 344 
TRP CH2 HH2  sing N N 345 
TRP OXT HXT  sing N N 346 
TYR N   CA   sing N N 347 
TYR N   H    sing N N 348 
TYR N   H2   sing N N 349 
TYR CA  C    sing N N 350 
TYR CA  CB   sing N N 351 
TYR CA  HA   sing N N 352 
TYR C   O    doub N N 353 
TYR C   OXT  sing N N 354 
TYR CB  CG   sing N N 355 
TYR CB  HB2  sing N N 356 
TYR CB  HB3  sing N N 357 
TYR CG  CD1  doub Y N 358 
TYR CG  CD2  sing Y N 359 
TYR CD1 CE1  sing Y N 360 
TYR CD1 HD1  sing N N 361 
TYR CD2 CE2  doub Y N 362 
TYR CD2 HD2  sing N N 363 
TYR CE1 CZ   doub Y N 364 
TYR CE1 HE1  sing N N 365 
TYR CE2 CZ   sing Y N 366 
TYR CE2 HE2  sing N N 367 
TYR CZ  OH   sing N N 368 
TYR OH  HH   sing N N 369 
TYR OXT HXT  sing N N 370 
VAL N   CA   sing N N 371 
VAL N   H    sing N N 372 
VAL N   H2   sing N N 373 
VAL CA  C    sing N N 374 
VAL CA  CB   sing N N 375 
VAL CA  HA   sing N N 376 
VAL C   O    doub N N 377 
VAL C   OXT  sing N N 378 
VAL CB  CG1  sing N N 379 
VAL CB  CG2  sing N N 380 
VAL CB  HB   sing N N 381 
VAL CG1 HG11 sing N N 382 
VAL CG1 HG12 sing N N 383 
VAL CG1 HG13 sing N N 384 
VAL CG2 HG21 sing N N 385 
VAL CG2 HG22 sing N N 386 
VAL CG2 HG23 sing N N 387 
VAL OXT HXT  sing N N 388 
# 
loop_
_pdbx_entity_nonpoly.entity_id 
_pdbx_entity_nonpoly.name 
_pdbx_entity_nonpoly.comp_id 
2 GLYCEROL GOL 
3 water    HOH 
# 
_pdbx_initial_refinement_model.id               1 
_pdbx_initial_refinement_model.entity_id_list   ? 
_pdbx_initial_refinement_model.type             'experimental model' 
_pdbx_initial_refinement_model.source_name      PDB 
_pdbx_initial_refinement_model.accession_code   2VB0 
_pdbx_initial_refinement_model.details          'PDB ENTRY 2VB0' 
# 
